data_1KP6
# 
_entry.id   1KP6 
# 
_audit_conform.dict_name       mmcif_pdbx.dic 
_audit_conform.dict_version    5.397 
_audit_conform.dict_location   http://mmcif.pdb.org/dictionaries/ascii/mmcif_pdbx.dic 
# 
loop_
_database_2.database_id 
_database_2.database_code 
_database_2.pdbx_database_accession 
_database_2.pdbx_DOI 
PDB   1KP6         pdb_00001kp6 10.2210/pdb1kp6/pdb 
RCSB  RCSB001129   ?            ?                   
WWPDB D_1000001129 ?            ?                   
# 
loop_
_pdbx_audit_revision_history.ordinal 
_pdbx_audit_revision_history.data_content_type 
_pdbx_audit_revision_history.major_revision 
_pdbx_audit_revision_history.minor_revision 
_pdbx_audit_revision_history.revision_date 
1 'Structure model' 1 0 1999-07-21 
2 'Structure model' 1 1 2008-04-26 
3 'Structure model' 1 2 2011-07-13 
4 'Structure model' 1 3 2023-12-27 
5 'Structure model' 1 4 2024-10-30 
# 
_pdbx_audit_revision_details.ordinal             1 
_pdbx_audit_revision_details.revision_ordinal    1 
_pdbx_audit_revision_details.data_content_type   'Structure model' 
_pdbx_audit_revision_details.provider            repository 
_pdbx_audit_revision_details.type                'Initial release' 
_pdbx_audit_revision_details.description         ? 
_pdbx_audit_revision_details.details             ? 
# 
loop_
_pdbx_audit_revision_group.ordinal 
_pdbx_audit_revision_group.revision_ordinal 
_pdbx_audit_revision_group.data_content_type 
_pdbx_audit_revision_group.group 
1 2 'Structure model' 'Version format compliance' 
2 3 'Structure model' 'Version format compliance' 
3 4 'Structure model' 'Data collection'           
4 4 'Structure model' 'Database references'       
5 4 'Structure model' 'Derived calculations'      
6 5 'Structure model' 'Structure summary'         
# 
loop_
_pdbx_audit_revision_category.ordinal 
_pdbx_audit_revision_category.revision_ordinal 
_pdbx_audit_revision_category.data_content_type 
_pdbx_audit_revision_category.category 
1 4 'Structure model' chem_comp_atom            
2 4 'Structure model' chem_comp_bond            
3 4 'Structure model' database_2                
4 4 'Structure model' struct_site               
5 5 'Structure model' pdbx_entry_details        
6 5 'Structure model' pdbx_modification_feature 
# 
loop_
_pdbx_audit_revision_item.ordinal 
_pdbx_audit_revision_item.revision_ordinal 
_pdbx_audit_revision_item.data_content_type 
_pdbx_audit_revision_item.item 
1 4 'Structure model' '_database_2.pdbx_DOI'                
2 4 'Structure model' '_database_2.pdbx_database_accession' 
3 4 'Structure model' '_struct_site.pdbx_auth_asym_id'      
4 4 'Structure model' '_struct_site.pdbx_auth_comp_id'      
5 4 'Structure model' '_struct_site.pdbx_auth_seq_id'       
# 
_pdbx_database_status.status_code                     REL 
_pdbx_database_status.entry_id                        1KP6 
_pdbx_database_status.recvd_initial_deposition_date   1999-05-28 
_pdbx_database_status.deposit_site                    BNL 
_pdbx_database_status.process_site                    RCSB 
_pdbx_database_status.SG_entry                        . 
_pdbx_database_status.pdb_format_compatible           Y 
_pdbx_database_status.status_code_mr                  ? 
_pdbx_database_status.status_code_sf                  ? 
_pdbx_database_status.status_code_cs                  ? 
_pdbx_database_status.status_code_nmr_data            ? 
_pdbx_database_status.methods_development_category    ? 
# 
loop_
_audit_author.name 
_audit_author.pdbx_ordinal 
'Li, N.'       1 
'Erman, M.'    2 
'Pangborn, W.' 3 
'Duax, W.L.'   4 
'Park, C.-M.'  5 
'Bruenn, J.'   6 
'Ghosh, D.'    7 
# 
_citation.id                        primary 
_citation.title                     
'Structure of Ustilago maydis killer toxin KP6 alpha-subunit. A multimeric assembly with a central pore.' 
_citation.journal_abbrev            J.Biol.Chem. 
_citation.journal_volume            274 
_citation.page_first                20425 
_citation.page_last                 20431 
_citation.year                      1999 
_citation.journal_id_ASTM           JBCHA3 
_citation.country                   US 
_citation.journal_id_ISSN           0021-9258 
_citation.journal_id_CSD            0071 
_citation.book_publisher            ? 
_citation.pdbx_database_id_PubMed   10400668 
_citation.pdbx_database_id_DOI      10.1074/jbc.274.29.20425 
# 
loop_
_citation_author.citation_id 
_citation_author.name 
_citation_author.ordinal 
_citation_author.identifier_ORCID 
primary 'Li, N.'       1 ? 
primary 'Erman, M.'    2 ? 
primary 'Pangborn, W.' 3 ? 
primary 'Duax, W.L.'   4 ? 
primary 'Park, C.M.'   5 ? 
primary 'Bruenn, J.'   6 ? 
primary 'Ghosh, D.'    7 ? 
# 
loop_
_entity.id 
_entity.type 
_entity.src_method 
_entity.pdbx_description 
_entity.formula_weight 
_entity.pdbx_number_of_molecules 
_entity.pdbx_ec 
_entity.pdbx_mutation 
_entity.pdbx_fragment 
_entity.details 
1 polymer     nat 'PROTEIN (TOXIN)' 8736.669 1  ? ? ? ? 
2 non-polymer syn 'SULFATE ION'     96.063   1  ? ? ? ? 
3 water       nat water             18.015   77 ? ? ? ? 
# 
_entity_poly.entity_id                      1 
_entity_poly.type                           'polypeptide(L)' 
_entity_poly.nstd_linkage                   no 
_entity_poly.nstd_monomer                   no 
_entity_poly.pdbx_seq_one_letter_code       NNAFCAGFGLSCKWECWCTAHGTGNELRYATAAGCGDHLSKSYYDARAGHCLFSDDLRNQFYSHCSSLNNNMSCRSLSK 
_entity_poly.pdbx_seq_one_letter_code_can   NNAFCAGFGLSCKWECWCTAHGTGNELRYATAAGCGDHLSKSYYDARAGHCLFSDDLRNQFYSHCSSLNNNMSCRSLSK 
_entity_poly.pdbx_strand_id                 A 
_entity_poly.pdbx_target_identifier         ? 
# 
loop_
_pdbx_entity_nonpoly.entity_id 
_pdbx_entity_nonpoly.name 
_pdbx_entity_nonpoly.comp_id 
2 'SULFATE ION' SO4 
3 water         HOH 
# 
loop_
_entity_poly_seq.entity_id 
_entity_poly_seq.num 
_entity_poly_seq.mon_id 
_entity_poly_seq.hetero 
1 1  ASN n 
1 2  ASN n 
1 3  ALA n 
1 4  PHE n 
1 5  CYS n 
1 6  ALA n 
1 7  GLY n 
1 8  PHE n 
1 9  GLY n 
1 10 LEU n 
1 11 SER n 
1 12 CYS n 
1 13 LYS n 
1 14 TRP n 
1 15 GLU n 
1 16 CYS n 
1 17 TRP n 
1 18 CYS n 
1 19 THR n 
1 20 ALA n 
1 21 HIS n 
1 22 GLY n 
1 23 THR n 
1 24 GLY n 
1 25 ASN n 
1 26 GLU n 
1 27 LEU n 
1 28 ARG n 
1 29 TYR n 
1 30 ALA n 
1 31 THR n 
1 32 ALA n 
1 33 ALA n 
1 34 GLY n 
1 35 CYS n 
1 36 GLY n 
1 37 ASP n 
1 38 HIS n 
1 39 LEU n 
1 40 SER n 
1 41 LYS n 
1 42 SER n 
1 43 TYR n 
1 44 TYR n 
1 45 ASP n 
1 46 ALA n 
1 47 ARG n 
1 48 ALA n 
1 49 GLY n 
1 50 HIS n 
1 51 CYS n 
1 52 LEU n 
1 53 PHE n 
1 54 SER n 
1 55 ASP n 
1 56 ASP n 
1 57 LEU n 
1 58 ARG n 
1 59 ASN n 
1 60 GLN n 
1 61 PHE n 
1 62 TYR n 
1 63 SER n 
1 64 HIS n 
1 65 CYS n 
1 66 SER n 
1 67 SER n 
1 68 LEU n 
1 69 ASN n 
1 70 ASN n 
1 71 ASN n 
1 72 MET n 
1 73 SER n 
1 74 CYS n 
1 75 ARG n 
1 76 SER n 
1 77 LEU n 
1 78 SER n 
1 79 LYS n 
# 
_entity_src_nat.entity_id                  1 
_entity_src_nat.pdbx_src_id                1 
_entity_src_nat.pdbx_alt_source_flag       sample 
_entity_src_nat.pdbx_beg_seq_num           ? 
_entity_src_nat.pdbx_end_seq_num           ? 
_entity_src_nat.common_name                ? 
_entity_src_nat.pdbx_organism_scientific   'Ustilago maydis' 
_entity_src_nat.pdbx_ncbi_taxonomy_id      5270 
_entity_src_nat.genus                      Ustilago 
_entity_src_nat.species                    ? 
_entity_src_nat.strain                     ? 
_entity_src_nat.tissue                     ? 
_entity_src_nat.tissue_fraction            ? 
_entity_src_nat.pdbx_secretion             ? 
_entity_src_nat.pdbx_fragment              ? 
_entity_src_nat.pdbx_variant               ? 
_entity_src_nat.pdbx_cell_line             ? 
_entity_src_nat.pdbx_atcc                  ? 
_entity_src_nat.pdbx_cellular_location     ? 
_entity_src_nat.pdbx_organ                 ? 
_entity_src_nat.pdbx_organelle             ? 
_entity_src_nat.pdbx_cell                  ? 
_entity_src_nat.pdbx_plasmid_name          ? 
_entity_src_nat.pdbx_plasmid_details       ? 
_entity_src_nat.details                    ? 
# 
loop_
_chem_comp.id 
_chem_comp.type 
_chem_comp.mon_nstd_flag 
_chem_comp.name 
_chem_comp.pdbx_synonyms 
_chem_comp.formula 
_chem_comp.formula_weight 
ALA 'L-peptide linking' y ALANINE         ? 'C3 H7 N O2'     89.093  
ARG 'L-peptide linking' y ARGININE        ? 'C6 H15 N4 O2 1' 175.209 
ASN 'L-peptide linking' y ASPARAGINE      ? 'C4 H8 N2 O3'    132.118 
ASP 'L-peptide linking' y 'ASPARTIC ACID' ? 'C4 H7 N O4'     133.103 
CYS 'L-peptide linking' y CYSTEINE        ? 'C3 H7 N O2 S'   121.158 
GLN 'L-peptide linking' y GLUTAMINE       ? 'C5 H10 N2 O3'   146.144 
GLU 'L-peptide linking' y 'GLUTAMIC ACID' ? 'C5 H9 N O4'     147.129 
GLY 'peptide linking'   y GLYCINE         ? 'C2 H5 N O2'     75.067  
HIS 'L-peptide linking' y HISTIDINE       ? 'C6 H10 N3 O2 1' 156.162 
HOH non-polymer         . WATER           ? 'H2 O'           18.015  
LEU 'L-peptide linking' y LEUCINE         ? 'C6 H13 N O2'    131.173 
LYS 'L-peptide linking' y LYSINE          ? 'C6 H15 N2 O2 1' 147.195 
MET 'L-peptide linking' y METHIONINE      ? 'C5 H11 N O2 S'  149.211 
PHE 'L-peptide linking' y PHENYLALANINE   ? 'C9 H11 N O2'    165.189 
SER 'L-peptide linking' y SERINE          ? 'C3 H7 N O3'     105.093 
SO4 non-polymer         . 'SULFATE ION'   ? 'O4 S -2'        96.063  
THR 'L-peptide linking' y THREONINE       ? 'C4 H9 N O3'     119.119 
TRP 'L-peptide linking' y TRYPTOPHAN      ? 'C11 H12 N2 O2'  204.225 
TYR 'L-peptide linking' y TYROSINE        ? 'C9 H11 N O3'    181.189 
# 
loop_
_pdbx_poly_seq_scheme.asym_id 
_pdbx_poly_seq_scheme.entity_id 
_pdbx_poly_seq_scheme.seq_id 
_pdbx_poly_seq_scheme.mon_id 
_pdbx_poly_seq_scheme.ndb_seq_num 
_pdbx_poly_seq_scheme.pdb_seq_num 
_pdbx_poly_seq_scheme.auth_seq_num 
_pdbx_poly_seq_scheme.pdb_mon_id 
_pdbx_poly_seq_scheme.auth_mon_id 
_pdbx_poly_seq_scheme.pdb_strand_id 
_pdbx_poly_seq_scheme.pdb_ins_code 
_pdbx_poly_seq_scheme.hetero 
A 1 1  ASN 1  1  1  ASN ASN A . n 
A 1 2  ASN 2  2  2  ASN ASN A . n 
A 1 3  ALA 3  3  3  ALA ALA A . n 
A 1 4  PHE 4  4  4  PHE PHE A . n 
A 1 5  CYS 5  5  5  CYS CYS A . n 
A 1 6  ALA 6  6  6  ALA ALA A . n 
A 1 7  GLY 7  7  7  GLY GLY A . n 
A 1 8  PHE 8  8  8  PHE PHE A . n 
A 1 9  GLY 9  9  9  GLY GLY A . n 
A 1 10 LEU 10 10 10 LEU LEU A . n 
A 1 11 SER 11 11 11 SER SER A . n 
A 1 12 CYS 12 12 12 CYS CYS A . n 
A 1 13 LYS 13 13 13 LYS LYS A . n 
A 1 14 TRP 14 14 14 TRP TRP A . n 
A 1 15 GLU 15 15 15 GLU GLU A . n 
A 1 16 CYS 16 16 16 CYS CYS A . n 
A 1 17 TRP 17 17 17 TRP TRP A . n 
A 1 18 CYS 18 18 18 CYS CYS A . n 
A 1 19 THR 19 19 19 THR THR A . n 
A 1 20 ALA 20 20 20 ALA ALA A . n 
A 1 21 HIS 21 21 21 HIS HIS A . n 
A 1 22 GLY 22 22 22 GLY GLY A . n 
A 1 23 THR 23 23 23 THR THR A . n 
A 1 24 GLY 24 24 24 GLY GLY A . n 
A 1 25 ASN 25 25 25 ASN ASN A . n 
A 1 26 GLU 26 26 26 GLU GLU A . n 
A 1 27 LEU 27 27 27 LEU LEU A . n 
A 1 28 ARG 28 28 28 ARG ARG A . n 
A 1 29 TYR 29 29 29 TYR TYR A . n 
A 1 30 ALA 30 30 30 ALA ALA A . n 
A 1 31 THR 31 31 31 THR THR A . n 
A 1 32 ALA 32 32 32 ALA ALA A . n 
A 1 33 ALA 33 33 33 ALA ALA A . n 
A 1 34 GLY 34 34 34 GLY GLY A . n 
A 1 35 CYS 35 35 35 CYS CYS A . n 
A 1 36 GLY 36 36 36 GLY GLY A . n 
A 1 37 ASP 37 37 37 ASP ASP A . n 
A 1 38 HIS 38 38 38 HIS HIS A . n 
A 1 39 LEU 39 39 39 LEU LEU A . n 
A 1 40 SER 40 40 40 SER SER A . n 
A 1 41 LYS 41 41 41 LYS LYS A . n 
A 1 42 SER 42 42 42 SER SER A . n 
A 1 43 TYR 43 43 43 TYR TYR A . n 
A 1 44 TYR 44 44 44 TYR TYR A . n 
A 1 45 ASP 45 45 45 ASP ASP A . n 
A 1 46 ALA 46 46 46 ALA ALA A . n 
A 1 47 ARG 47 47 47 ARG ARG A . n 
A 1 48 ALA 48 48 48 ALA ALA A . n 
A 1 49 GLY 49 49 49 GLY GLY A . n 
A 1 50 HIS 50 50 50 HIS HIS A . n 
A 1 51 CYS 51 51 51 CYS CYS A . n 
A 1 52 LEU 52 52 52 LEU LEU A . n 
A 1 53 PHE 53 53 53 PHE PHE A . n 
A 1 54 SER 54 54 54 SER SER A . n 
A 1 55 ASP 55 55 55 ASP ASP A . n 
A 1 56 ASP 56 56 56 ASP ASP A . n 
A 1 57 LEU 57 57 57 LEU LEU A . n 
A 1 58 ARG 58 58 58 ARG ARG A . n 
A 1 59 ASN 59 59 59 ASN ASN A . n 
A 1 60 GLN 60 60 60 GLN GLN A . n 
A 1 61 PHE 61 61 61 PHE PHE A . n 
A 1 62 TYR 62 62 62 TYR TYR A . n 
A 1 63 SER 63 63 63 SER SER A . n 
A 1 64 HIS 64 64 64 HIS HIS A . n 
A 1 65 CYS 65 65 65 CYS CYS A . n 
A 1 66 SER 66 66 66 SER SER A . n 
A 1 67 SER 67 67 67 SER SER A . n 
A 1 68 LEU 68 68 68 LEU LEU A . n 
A 1 69 ASN 69 69 69 ASN ASN A . n 
A 1 70 ASN 70 70 70 ASN ASN A . n 
A 1 71 ASN 71 71 71 ASN ASN A . n 
A 1 72 MET 72 72 72 MET MET A . n 
A 1 73 SER 73 73 73 SER SER A . n 
A 1 74 CYS 74 74 74 CYS CYS A . n 
A 1 75 ARG 75 75 75 ARG ARG A . n 
A 1 76 SER 76 76 76 SER SER A . n 
A 1 77 LEU 77 77 77 LEU LEU A . n 
A 1 78 SER 78 78 78 SER SER A . n 
A 1 79 LYS 79 79 79 LYS LYS A . n 
# 
loop_
_pdbx_nonpoly_scheme.asym_id 
_pdbx_nonpoly_scheme.entity_id 
_pdbx_nonpoly_scheme.mon_id 
_pdbx_nonpoly_scheme.ndb_seq_num 
_pdbx_nonpoly_scheme.pdb_seq_num 
_pdbx_nonpoly_scheme.auth_seq_num 
_pdbx_nonpoly_scheme.pdb_mon_id 
_pdbx_nonpoly_scheme.auth_mon_id 
_pdbx_nonpoly_scheme.pdb_strand_id 
_pdbx_nonpoly_scheme.pdb_ins_code 
B 2 SO4 1  1234 1234 SO4 SO4 A . 
C 3 HOH 1  101  101  HOH HOH A . 
C 3 HOH 2  102  102  HOH HOH A . 
C 3 HOH 3  103  103  HOH HOH A . 
C 3 HOH 4  104  104  HOH HOH A . 
C 3 HOH 5  105  105  HOH HOH A . 
C 3 HOH 6  106  106  HOH HOH A . 
C 3 HOH 7  107  107  HOH HOH A . 
C 3 HOH 8  108  108  HOH HOH A . 
C 3 HOH 9  109  109  HOH HOH A . 
C 3 HOH 10 110  110  HOH HOH A . 
C 3 HOH 11 111  111  HOH HOH A . 
C 3 HOH 12 112  112  HOH HOH A . 
C 3 HOH 13 113  113  HOH HOH A . 
C 3 HOH 14 114  114  HOH HOH A . 
C 3 HOH 15 115  115  HOH HOH A . 
C 3 HOH 16 116  116  HOH HOH A . 
C 3 HOH 17 117  117  HOH HOH A . 
C 3 HOH 18 118  118  HOH HOH A . 
C 3 HOH 19 119  119  HOH HOH A . 
C 3 HOH 20 120  120  HOH HOH A . 
C 3 HOH 21 121  121  HOH HOH A . 
C 3 HOH 22 122  122  HOH HOH A . 
C 3 HOH 23 123  123  HOH HOH A . 
C 3 HOH 24 124  124  HOH HOH A . 
C 3 HOH 25 125  125  HOH HOH A . 
C 3 HOH 26 126  126  HOH HOH A . 
C 3 HOH 27 127  127  HOH HOH A . 
C 3 HOH 28 128  128  HOH HOH A . 
C 3 HOH 29 129  129  HOH HOH A . 
C 3 HOH 30 130  130  HOH HOH A . 
C 3 HOH 31 131  131  HOH HOH A . 
C 3 HOH 32 132  132  HOH HOH A . 
C 3 HOH 33 133  133  HOH HOH A . 
C 3 HOH 34 134  134  HOH HOH A . 
C 3 HOH 35 135  135  HOH HOH A . 
C 3 HOH 36 136  136  HOH HOH A . 
C 3 HOH 37 137  137  HOH HOH A . 
C 3 HOH 38 138  138  HOH HOH A . 
C 3 HOH 39 139  139  HOH HOH A . 
C 3 HOH 40 140  140  HOH HOH A . 
C 3 HOH 41 142  142  HOH HOH A . 
C 3 HOH 42 143  143  HOH HOH A . 
C 3 HOH 43 144  144  HOH HOH A . 
C 3 HOH 44 145  145  HOH HOH A . 
C 3 HOH 45 146  146  HOH HOH A . 
C 3 HOH 46 147  147  HOH HOH A . 
C 3 HOH 47 148  148  HOH HOH A . 
C 3 HOH 48 149  149  HOH HOH A . 
C 3 HOH 49 150  150  HOH HOH A . 
C 3 HOH 50 154  154  HOH HOH A . 
C 3 HOH 51 155  155  HOH HOH A . 
C 3 HOH 52 156  156  HOH HOH A . 
C 3 HOH 53 157  157  HOH HOH A . 
C 3 HOH 54 159  159  HOH HOH A . 
C 3 HOH 55 160  160  HOH HOH A . 
C 3 HOH 56 161  161  HOH HOH A . 
C 3 HOH 57 162  162  HOH HOH A . 
C 3 HOH 58 163  163  HOH HOH A . 
C 3 HOH 59 164  164  HOH HOH A . 
C 3 HOH 60 168  168  HOH HOH A . 
C 3 HOH 61 169  169  HOH HOH A . 
C 3 HOH 62 170  170  HOH HOH A . 
C 3 HOH 63 171  171  HOH HOH A . 
C 3 HOH 64 177  177  HOH HOH A . 
C 3 HOH 65 178  178  HOH HOH A . 
C 3 HOH 66 179  179  HOH HOH A . 
C 3 HOH 67 180  180  HOH HOH A . 
C 3 HOH 68 181  181  HOH HOH A . 
C 3 HOH 69 182  182  HOH HOH A . 
C 3 HOH 70 183  183  HOH HOH A . 
C 3 HOH 71 184  184  HOH HOH A . 
C 3 HOH 72 190  190  HOH HOH A . 
C 3 HOH 73 191  191  HOH HOH A . 
C 3 HOH 74 193  193  HOH HOH A . 
C 3 HOH 75 195  195  HOH HOH A . 
C 3 HOH 76 196  196  HOH HOH A . 
C 3 HOH 77 197  197  HOH HOH A . 
# 
loop_
_software.name 
_software.classification 
_software.version 
_software.citation_id 
_software.pdbx_ordinal 
DENZO     'data reduction' .   ? 1 
SCALEPACK 'data scaling'   .   ? 2 
PHASES    phasing          .   ? 3 
X-PLOR    refinement       3.8 ? 4 
# 
_cell.entry_id           1KP6 
_cell.length_a           48.300 
_cell.length_b           48.300 
_cell.length_c           124.220 
_cell.angle_alpha        90.00 
_cell.angle_beta         90.00 
_cell.angle_gamma        120.00 
_cell.Z_PDB              12 
_cell.pdbx_unique_axis   ? 
# 
_symmetry.entry_id                         1KP6 
_symmetry.space_group_name_H-M             'P 63 2 2' 
_symmetry.pdbx_full_space_group_name_H-M   ? 
_symmetry.cell_setting                     ? 
_symmetry.Int_Tables_number                182 
# 
_exptl.entry_id          1KP6 
_exptl.method            'X-RAY DIFFRACTION' 
_exptl.crystals_number   1 
# 
_exptl_crystal.id                    1 
_exptl_crystal.density_meas          ? 
_exptl_crystal.density_Matthews      2.41 
_exptl_crystal.density_percent_sol   42 
_exptl_crystal.description           ? 
# 
_exptl_crystal_grow.crystal_id      1 
_exptl_crystal_grow.method          ? 
_exptl_crystal_grow.temp            ? 
_exptl_crystal_grow.temp_details    ? 
_exptl_crystal_grow.pH              6.0 
_exptl_crystal_grow.pdbx_details    '18-21% AM. SULFATE 10MM MES PH 6.0' 
_exptl_crystal_grow.pdbx_pH_range   ? 
# 
_diffrn.id                     1 
_diffrn.ambient_temp           287 
_diffrn.ambient_temp_details   ? 
_diffrn.crystal_id             1 
# 
_diffrn_detector.diffrn_id              1 
_diffrn_detector.detector               'IMAGE PLATE' 
_diffrn_detector.type                   'RIGAKU RAXIS IIC' 
_diffrn_detector.pdbx_collection_date   1996-09 
_diffrn_detector.details                ? 
# 
_diffrn_radiation.diffrn_id                        1 
_diffrn_radiation.wavelength_id                    1 
_diffrn_radiation.pdbx_monochromatic_or_laue_m_l   M 
_diffrn_radiation.monochromator                    GRAPHITE 
_diffrn_radiation.pdbx_diffrn_protocol             'SINGLE WAVELENGTH' 
_diffrn_radiation.pdbx_scattering_type             x-ray 
# 
_diffrn_radiation_wavelength.id           1 
_diffrn_radiation_wavelength.wavelength   1.5418 
_diffrn_radiation_wavelength.wt           1.0 
# 
_diffrn_source.diffrn_id                   1 
_diffrn_source.source                      'ROTATING ANODE' 
_diffrn_source.type                        'RIGAKU RU200' 
_diffrn_source.pdbx_synchrotron_site       ? 
_diffrn_source.pdbx_synchrotron_beamline   ? 
_diffrn_source.pdbx_wavelength             1.5418 
_diffrn_source.pdbx_wavelength_list        ? 
# 
_reflns.entry_id                     1KP6 
_reflns.observed_criterion_sigma_I   ? 
_reflns.observed_criterion_sigma_F   ? 
_reflns.d_resolution_low             99.0 
_reflns.d_resolution_high            1.80 
_reflns.number_obs                   8260 
_reflns.number_all                   ? 
_reflns.percent_possible_obs         93.9 
_reflns.pdbx_Rmerge_I_obs            0.077 
_reflns.pdbx_Rsym_value              ? 
_reflns.pdbx_netI_over_sigmaI        ? 
_reflns.B_iso_Wilson_estimate        ? 
_reflns.pdbx_redundancy              13.5 
_reflns.R_free_details               ? 
_reflns.limit_h_max                  ? 
_reflns.limit_h_min                  ? 
_reflns.limit_k_max                  ? 
_reflns.limit_k_min                  ? 
_reflns.limit_l_max                  ? 
_reflns.limit_l_min                  ? 
_reflns.observed_criterion_F_max     ? 
_reflns.observed_criterion_F_min     ? 
_reflns.pdbx_diffrn_id               1 
_reflns.pdbx_ordinal                 1 
# 
_reflns_shell.d_res_high             1.80 
_reflns_shell.d_res_low              1.85 
_reflns_shell.percent_possible_all   90.0 
_reflns_shell.Rmerge_I_obs           ? 
_reflns_shell.pdbx_Rsym_value        ? 
_reflns_shell.meanI_over_sigI_obs    2.15 
_reflns_shell.pdbx_redundancy        ? 
_reflns_shell.percent_possible_obs   ? 
_reflns_shell.number_unique_all      ? 
_reflns_shell.pdbx_diffrn_id         ? 
_reflns_shell.pdbx_ordinal           1 
# 
_refine.entry_id                                 1KP6 
_refine.ls_number_reflns_obs                     6838 
_refine.ls_number_reflns_all                     ? 
_refine.pdbx_ls_sigma_I                          ? 
_refine.pdbx_ls_sigma_F                          2.0 
_refine.pdbx_data_cutoff_high_absF               ? 
_refine.pdbx_data_cutoff_low_absF                ? 
_refine.pdbx_data_cutoff_high_rms_absF           ? 
_refine.ls_d_res_low                             8.00 
_refine.ls_d_res_high                            1.80 
_refine.ls_percent_reflns_obs                    96 
_refine.ls_R_factor_obs                          0.164 
_refine.ls_R_factor_all                          ? 
_refine.ls_R_factor_R_work                       0.164 
_refine.ls_R_factor_R_free                       0.211 
_refine.ls_R_factor_R_free_error                 ? 
_refine.ls_R_factor_R_free_error_details         ? 
_refine.ls_percent_reflns_R_free                 10.0 
_refine.ls_number_reflns_R_free                  ? 
_refine.ls_number_parameters                     ? 
_refine.ls_number_restraints                     ? 
_refine.occupancy_min                            ? 
_refine.occupancy_max                            ? 
_refine.B_iso_mean                               17.6 
_refine.aniso_B[1][1]                            ? 
_refine.aniso_B[2][2]                            ? 
_refine.aniso_B[3][3]                            ? 
_refine.aniso_B[1][2]                            ? 
_refine.aniso_B[1][3]                            ? 
_refine.aniso_B[2][3]                            ? 
_refine.solvent_model_details                    ? 
_refine.solvent_model_param_ksol                 ? 
_refine.solvent_model_param_bsol                 ? 
_refine.pdbx_ls_cross_valid_method               THROUGHOUT 
_refine.details                                  ? 
_refine.pdbx_starting_model                      ? 
_refine.pdbx_method_to_determine_struct          MIR 
_refine.pdbx_isotropic_thermal_model             ? 
_refine.pdbx_stereochemistry_target_values       ? 
_refine.pdbx_stereochem_target_val_spec_case     ? 
_refine.pdbx_R_Free_selection_details            RANDOM 
_refine.pdbx_overall_ESU_R                       ? 
_refine.pdbx_overall_ESU_R_Free                  ? 
_refine.overall_SU_ML                            ? 
_refine.overall_SU_B                             ? 
_refine.ls_redundancy_reflns_obs                 ? 
_refine.B_iso_min                                ? 
_refine.B_iso_max                                ? 
_refine.pdbx_refine_id                           'X-RAY DIFFRACTION' 
_refine.pdbx_diffrn_id                           1 
_refine.pdbx_TLS_residual_ADP_flag               ? 
_refine.correlation_coeff_Fo_to_Fc               ? 
_refine.correlation_coeff_Fo_to_Fc_free          ? 
_refine.pdbx_solvent_vdw_probe_radii             ? 
_refine.pdbx_solvent_ion_probe_radii             ? 
_refine.pdbx_solvent_shrinkage_radii             ? 
_refine.pdbx_overall_phase_error                 ? 
_refine.overall_SU_R_Cruickshank_DPI             ? 
_refine.pdbx_overall_SU_R_free_Cruickshank_DPI   ? 
_refine.pdbx_overall_SU_R_Blow_DPI               ? 
_refine.pdbx_overall_SU_R_free_Blow_DPI          ? 
# 
_refine_analyze.entry_id                        1KP6 
_refine_analyze.Luzzati_coordinate_error_obs    0.20 
_refine_analyze.Luzzati_sigma_a_obs             ? 
_refine_analyze.Luzzati_d_res_low_obs           ? 
_refine_analyze.Luzzati_coordinate_error_free   ? 
_refine_analyze.Luzzati_sigma_a_free            ? 
_refine_analyze.Luzzati_d_res_low_free          ? 
_refine_analyze.number_disordered_residues      ? 
_refine_analyze.occupancy_sum_hydrogen          ? 
_refine_analyze.occupancy_sum_non_hydrogen      ? 
_refine_analyze.pdbx_Luzzati_d_res_high_obs     ? 
_refine_analyze.pdbx_refine_id                  'X-RAY DIFFRACTION' 
# 
_refine_hist.pdbx_refine_id                   'X-RAY DIFFRACTION' 
_refine_hist.cycle_id                         LAST 
_refine_hist.pdbx_number_atoms_protein        761 
_refine_hist.pdbx_number_atoms_nucleic_acid   0 
_refine_hist.pdbx_number_atoms_ligand         5 
_refine_hist.number_atoms_solvent             231 
_refine_hist.number_atoms_total               997 
_refine_hist.d_res_high                       1.80 
_refine_hist.d_res_low                        8.00 
# 
loop_
_refine_ls_restr.type 
_refine_ls_restr.dev_ideal 
_refine_ls_restr.dev_ideal_target 
_refine_ls_restr.weight 
_refine_ls_restr.number 
_refine_ls_restr.pdbx_refine_id 
_refine_ls_restr.pdbx_restraint_function 
x_bond_d                0.008 ? ? ? 'X-RAY DIFFRACTION' ? 
x_bond_d_na             ?     ? ? ? 'X-RAY DIFFRACTION' ? 
x_bond_d_prot           ?     ? ? ? 'X-RAY DIFFRACTION' ? 
x_angle_d               ?     ? ? ? 'X-RAY DIFFRACTION' ? 
x_angle_d_na            ?     ? ? ? 'X-RAY DIFFRACTION' ? 
x_angle_d_prot          ?     ? ? ? 'X-RAY DIFFRACTION' ? 
x_angle_deg             1.309 ? ? ? 'X-RAY DIFFRACTION' ? 
x_angle_deg_na          ?     ? ? ? 'X-RAY DIFFRACTION' ? 
x_angle_deg_prot        ?     ? ? ? 'X-RAY DIFFRACTION' ? 
x_dihedral_angle_d      ?     ? ? ? 'X-RAY DIFFRACTION' ? 
x_dihedral_angle_d_na   ?     ? ? ? 'X-RAY DIFFRACTION' ? 
x_dihedral_angle_d_prot ?     ? ? ? 'X-RAY DIFFRACTION' ? 
x_improper_angle_d      ?     ? ? ? 'X-RAY DIFFRACTION' ? 
x_improper_angle_d_na   ?     ? ? ? 'X-RAY DIFFRACTION' ? 
x_improper_angle_d_prot ?     ? ? ? 'X-RAY DIFFRACTION' ? 
x_mcbond_it             ?     ? ? ? 'X-RAY DIFFRACTION' ? 
x_mcangle_it            ?     ? ? ? 'X-RAY DIFFRACTION' ? 
x_scbond_it             ?     ? ? ? 'X-RAY DIFFRACTION' ? 
x_scangle_it            ?     ? ? ? 'X-RAY DIFFRACTION' ? 
# 
_pdbx_xplor_file.serial_no        1 
_pdbx_xplor_file.param_file       PARCSDX.PRO 
_pdbx_xplor_file.topol_file       TOPHCSDX.PRO 
_pdbx_xplor_file.pdbx_refine_id   'X-RAY DIFFRACTION' 
# 
_struct.entry_id                  1KP6 
_struct.title                     'USTILAGO MAYDIS KILLER TOXIN KP6 ALPHA-SUBUNIT' 
_struct.pdbx_model_details        ? 
_struct.pdbx_CASP_flag            ? 
_struct.pdbx_model_type_details   ? 
# 
_struct_keywords.entry_id        1KP6 
_struct_keywords.pdbx_keywords   TOXIN 
_struct_keywords.text            'KILLER TOXIN, ION CHANNEL MODULATOR, TOXIN' 
# 
loop_
_struct_asym.id 
_struct_asym.pdbx_blank_PDB_chainid_flag 
_struct_asym.pdbx_modified 
_struct_asym.entity_id 
_struct_asym.details 
A N N 1 ? 
B N N 2 ? 
C N N 3 ? 
# 
_struct_ref.id                         1 
_struct_ref.db_name                    UNP 
_struct_ref.db_code                    KP6T_UMV6 
_struct_ref.entity_id                  1 
_struct_ref.pdbx_db_accession          P16948 
_struct_ref.pdbx_db_isoform            ? 
_struct_ref.pdbx_seq_one_letter_code   ? 
_struct_ref.pdbx_align_begin           ? 
# 
_struct_ref_seq.align_id                      1 
_struct_ref_seq.ref_id                        1 
_struct_ref_seq.pdbx_PDB_id_code              1KP6 
_struct_ref_seq.pdbx_strand_id                A 
_struct_ref_seq.seq_align_beg                 1 
_struct_ref_seq.pdbx_seq_align_beg_ins_code   ? 
_struct_ref_seq.seq_align_end                 79 
_struct_ref_seq.pdbx_seq_align_end_ins_code   ? 
_struct_ref_seq.pdbx_db_accession             P16948 
_struct_ref_seq.db_align_beg                  28 
_struct_ref_seq.pdbx_db_align_beg_ins_code    ? 
_struct_ref_seq.db_align_end                  106 
_struct_ref_seq.pdbx_db_align_end_ins_code    ? 
_struct_ref_seq.pdbx_auth_seq_align_beg       1 
_struct_ref_seq.pdbx_auth_seq_align_end       79 
# 
_pdbx_struct_assembly.id                   1 
_pdbx_struct_assembly.details              author_defined_assembly 
_pdbx_struct_assembly.method_details       ? 
_pdbx_struct_assembly.oligomeric_details   monomeric 
_pdbx_struct_assembly.oligomeric_count     1 
# 
_pdbx_struct_assembly_gen.assembly_id       1 
_pdbx_struct_assembly_gen.oper_expression   1 
_pdbx_struct_assembly_gen.asym_id_list      A,B,C 
# 
_pdbx_struct_oper_list.id                   1 
_pdbx_struct_oper_list.type                 'identity operation' 
_pdbx_struct_oper_list.name                 1_555 
_pdbx_struct_oper_list.symmetry_operation   x,y,z 
_pdbx_struct_oper_list.matrix[1][1]         1.0000000000 
_pdbx_struct_oper_list.matrix[1][2]         0.0000000000 
_pdbx_struct_oper_list.matrix[1][3]         0.0000000000 
_pdbx_struct_oper_list.vector[1]            0.0000000000 
_pdbx_struct_oper_list.matrix[2][1]         0.0000000000 
_pdbx_struct_oper_list.matrix[2][2]         1.0000000000 
_pdbx_struct_oper_list.matrix[2][3]         0.0000000000 
_pdbx_struct_oper_list.vector[2]            0.0000000000 
_pdbx_struct_oper_list.matrix[3][1]         0.0000000000 
_pdbx_struct_oper_list.matrix[3][2]         0.0000000000 
_pdbx_struct_oper_list.matrix[3][3]         1.0000000000 
_pdbx_struct_oper_list.vector[3]            0.0000000000 
# 
_struct_biol.id   1 
# 
loop_
_struct_conf.conf_type_id 
_struct_conf.id 
_struct_conf.pdbx_PDB_helix_id 
_struct_conf.beg_label_comp_id 
_struct_conf.beg_label_asym_id 
_struct_conf.beg_label_seq_id 
_struct_conf.pdbx_beg_PDB_ins_code 
_struct_conf.end_label_comp_id 
_struct_conf.end_label_asym_id 
_struct_conf.end_label_seq_id 
_struct_conf.pdbx_end_PDB_ins_code 
_struct_conf.beg_auth_comp_id 
_struct_conf.beg_auth_asym_id 
_struct_conf.beg_auth_seq_id 
_struct_conf.end_auth_comp_id 
_struct_conf.end_auth_asym_id 
_struct_conf.end_auth_seq_id 
_struct_conf.pdbx_PDB_helix_class 
_struct_conf.details 
_struct_conf.pdbx_PDB_helix_length 
HELX_P HELX_P1 1 ASN A 2  ? PHE A 8  ? ASN A 2  PHE A 8  1 ? 7  
HELX_P HELX_P2 2 ARG A 28 ? GLY A 34 ? ARG A 28 GLY A 34 1 ? 7  
HELX_P HELX_P3 3 GLY A 36 ? HIS A 38 ? GLY A 36 HIS A 38 5 ? 3  
HELX_P HELX_P4 4 ARG A 58 ? LEU A 68 ? ARG A 58 LEU A 68 1 ? 11 
# 
_struct_conf_type.id          HELX_P 
_struct_conf_type.criteria    ? 
_struct_conf_type.reference   ? 
# 
loop_
_struct_conn.id 
_struct_conn.conn_type_id 
_struct_conn.pdbx_leaving_atom_flag 
_struct_conn.pdbx_PDB_id 
_struct_conn.ptnr1_label_asym_id 
_struct_conn.ptnr1_label_comp_id 
_struct_conn.ptnr1_label_seq_id 
_struct_conn.ptnr1_label_atom_id 
_struct_conn.pdbx_ptnr1_label_alt_id 
_struct_conn.pdbx_ptnr1_PDB_ins_code 
_struct_conn.pdbx_ptnr1_standard_comp_id 
_struct_conn.ptnr1_symmetry 
_struct_conn.ptnr2_label_asym_id 
_struct_conn.ptnr2_label_comp_id 
_struct_conn.ptnr2_label_seq_id 
_struct_conn.ptnr2_label_atom_id 
_struct_conn.pdbx_ptnr2_label_alt_id 
_struct_conn.pdbx_ptnr2_PDB_ins_code 
_struct_conn.ptnr1_auth_asym_id 
_struct_conn.ptnr1_auth_comp_id 
_struct_conn.ptnr1_auth_seq_id 
_struct_conn.ptnr2_auth_asym_id 
_struct_conn.ptnr2_auth_comp_id 
_struct_conn.ptnr2_auth_seq_id 
_struct_conn.ptnr2_symmetry 
_struct_conn.pdbx_ptnr3_label_atom_id 
_struct_conn.pdbx_ptnr3_label_seq_id 
_struct_conn.pdbx_ptnr3_label_comp_id 
_struct_conn.pdbx_ptnr3_label_asym_id 
_struct_conn.pdbx_ptnr3_label_alt_id 
_struct_conn.pdbx_ptnr3_PDB_ins_code 
_struct_conn.details 
_struct_conn.pdbx_dist_value 
_struct_conn.pdbx_value_order 
_struct_conn.pdbx_role 
disulf1 disulf ? ? A CYS 5  SG ? ? ? 1_555 A CYS 12 SG ? ? A CYS 5  A CYS 12 1_555 ? ? ? ? ? ? ? 2.026 ? ? 
disulf2 disulf ? ? A CYS 16 SG ? ? ? 1_555 A CYS 74 SG ? ? A CYS 16 A CYS 74 1_555 ? ? ? ? ? ? ? 2.026 ? ? 
disulf3 disulf ? ? A CYS 18 SG ? ? ? 1_555 A CYS 65 SG ? ? A CYS 18 A CYS 65 1_555 ? ? ? ? ? ? ? 2.026 ? ? 
disulf4 disulf ? ? A CYS 35 SG ? ? ? 1_555 A CYS 51 SG ? ? A CYS 35 A CYS 51 1_555 ? ? ? ? ? ? ? 2.024 ? ? 
# 
_struct_conn_type.id          disulf 
_struct_conn_type.criteria    ? 
_struct_conn_type.reference   ? 
# 
loop_
_pdbx_modification_feature.ordinal 
_pdbx_modification_feature.label_comp_id 
_pdbx_modification_feature.label_asym_id 
_pdbx_modification_feature.label_seq_id 
_pdbx_modification_feature.label_alt_id 
_pdbx_modification_feature.modified_residue_label_comp_id 
_pdbx_modification_feature.modified_residue_label_asym_id 
_pdbx_modification_feature.modified_residue_label_seq_id 
_pdbx_modification_feature.modified_residue_label_alt_id 
_pdbx_modification_feature.auth_comp_id 
_pdbx_modification_feature.auth_asym_id 
_pdbx_modification_feature.auth_seq_id 
_pdbx_modification_feature.PDB_ins_code 
_pdbx_modification_feature.symmetry 
_pdbx_modification_feature.modified_residue_auth_comp_id 
_pdbx_modification_feature.modified_residue_auth_asym_id 
_pdbx_modification_feature.modified_residue_auth_seq_id 
_pdbx_modification_feature.modified_residue_PDB_ins_code 
_pdbx_modification_feature.modified_residue_symmetry 
_pdbx_modification_feature.comp_id_linking_atom 
_pdbx_modification_feature.modified_residue_id_linking_atom 
_pdbx_modification_feature.modified_residue_id 
_pdbx_modification_feature.ref_pcm_id 
_pdbx_modification_feature.ref_comp_id 
_pdbx_modification_feature.type 
_pdbx_modification_feature.category 
1 CYS A 5  ? CYS A 12 ? CYS A 5  ? 1_555 CYS A 12 ? 1_555 SG SG . . . None 'Disulfide bridge' 
2 CYS A 16 ? CYS A 74 ? CYS A 16 ? 1_555 CYS A 74 ? 1_555 SG SG . . . None 'Disulfide bridge' 
3 CYS A 18 ? CYS A 65 ? CYS A 18 ? 1_555 CYS A 65 ? 1_555 SG SG . . . None 'Disulfide bridge' 
4 CYS A 35 ? CYS A 51 ? CYS A 35 ? 1_555 CYS A 51 ? 1_555 SG SG . . . None 'Disulfide bridge' 
# 
_struct_sheet.id               A 
_struct_sheet.type             ? 
_struct_sheet.number_strands   4 
_struct_sheet.details          ? 
# 
loop_
_struct_sheet_order.sheet_id 
_struct_sheet_order.range_id_1 
_struct_sheet_order.range_id_2 
_struct_sheet_order.offset 
_struct_sheet_order.sense 
A 1 2 ? anti-parallel 
A 2 3 ? anti-parallel 
A 3 4 ? anti-parallel 
# 
loop_
_struct_sheet_range.sheet_id 
_struct_sheet_range.id 
_struct_sheet_range.beg_label_comp_id 
_struct_sheet_range.beg_label_asym_id 
_struct_sheet_range.beg_label_seq_id 
_struct_sheet_range.pdbx_beg_PDB_ins_code 
_struct_sheet_range.end_label_comp_id 
_struct_sheet_range.end_label_asym_id 
_struct_sheet_range.end_label_seq_id 
_struct_sheet_range.pdbx_end_PDB_ins_code 
_struct_sheet_range.beg_auth_comp_id 
_struct_sheet_range.beg_auth_asym_id 
_struct_sheet_range.beg_auth_seq_id 
_struct_sheet_range.end_auth_comp_id 
_struct_sheet_range.end_auth_asym_id 
_struct_sheet_range.end_auth_seq_id 
A 1 ASN A 71 ? SER A 76 ? ASN A 71 SER A 76 
A 2 TRP A 14 ? THR A 19 ? TRP A 14 THR A 19 
A 3 HIS A 50 ? PHE A 53 ? HIS A 50 PHE A 53 
A 4 SER A 42 ? ASP A 45 ? SER A 42 ASP A 45 
# 
loop_
_pdbx_struct_sheet_hbond.sheet_id 
_pdbx_struct_sheet_hbond.range_id_1 
_pdbx_struct_sheet_hbond.range_id_2 
_pdbx_struct_sheet_hbond.range_1_label_atom_id 
_pdbx_struct_sheet_hbond.range_1_label_comp_id 
_pdbx_struct_sheet_hbond.range_1_label_asym_id 
_pdbx_struct_sheet_hbond.range_1_label_seq_id 
_pdbx_struct_sheet_hbond.range_1_PDB_ins_code 
_pdbx_struct_sheet_hbond.range_1_auth_atom_id 
_pdbx_struct_sheet_hbond.range_1_auth_comp_id 
_pdbx_struct_sheet_hbond.range_1_auth_asym_id 
_pdbx_struct_sheet_hbond.range_1_auth_seq_id 
_pdbx_struct_sheet_hbond.range_2_label_atom_id 
_pdbx_struct_sheet_hbond.range_2_label_comp_id 
_pdbx_struct_sheet_hbond.range_2_label_asym_id 
_pdbx_struct_sheet_hbond.range_2_label_seq_id 
_pdbx_struct_sheet_hbond.range_2_PDB_ins_code 
_pdbx_struct_sheet_hbond.range_2_auth_atom_id 
_pdbx_struct_sheet_hbond.range_2_auth_comp_id 
_pdbx_struct_sheet_hbond.range_2_auth_asym_id 
_pdbx_struct_sheet_hbond.range_2_auth_seq_id 
A 1 2 O ASN A 71 ? O ASN A 71 N THR A 19 ? N THR A 19 
A 2 3 O TRP A 14 ? O TRP A 14 N PHE A 53 ? N PHE A 53 
A 3 4 O HIS A 50 ? O HIS A 50 N ASP A 45 ? N ASP A 45 
# 
_struct_site.id                   AC1 
_struct_site.pdbx_evidence_code   Software 
_struct_site.pdbx_auth_asym_id    A 
_struct_site.pdbx_auth_comp_id    SO4 
_struct_site.pdbx_auth_seq_id     1234 
_struct_site.pdbx_auth_ins_code   ? 
_struct_site.pdbx_num_residues    4 
_struct_site.details              'BINDING SITE FOR RESIDUE SO4 A 1234' 
# 
loop_
_struct_site_gen.id 
_struct_site_gen.site_id 
_struct_site_gen.pdbx_num_res 
_struct_site_gen.label_comp_id 
_struct_site_gen.label_asym_id 
_struct_site_gen.label_seq_id 
_struct_site_gen.pdbx_auth_ins_code 
_struct_site_gen.auth_comp_id 
_struct_site_gen.auth_asym_id 
_struct_site_gen.auth_seq_id 
_struct_site_gen.label_atom_id 
_struct_site_gen.label_alt_id 
_struct_site_gen.symmetry 
_struct_site_gen.details 
1 AC1 4 ASN A 1  ? ASN A 1   . ? 1_555 ? 
2 AC1 4 SER A 11 ? SER A 11  . ? 1_555 ? 
3 AC1 4 LYS A 13 ? LYS A 13  . ? 1_555 ? 
4 AC1 4 HOH C .  ? HOH A 183 . ? 1_555 ? 
# 
_pdbx_entry_details.entry_id                   1KP6 
_pdbx_entry_details.compound_details           ? 
_pdbx_entry_details.source_details             ? 
_pdbx_entry_details.nonpolymer_details         ? 
_pdbx_entry_details.sequence_details           ? 
_pdbx_entry_details.has_ligand_of_interest     ? 
_pdbx_entry_details.has_protein_modification   Y 
# 
loop_
_chem_comp_atom.comp_id 
_chem_comp_atom.atom_id 
_chem_comp_atom.type_symbol 
_chem_comp_atom.pdbx_aromatic_flag 
_chem_comp_atom.pdbx_stereo_config 
_chem_comp_atom.pdbx_ordinal 
ALA N    N N N 1   
ALA CA   C N S 2   
ALA C    C N N 3   
ALA O    O N N 4   
ALA CB   C N N 5   
ALA OXT  O N N 6   
ALA H    H N N 7   
ALA H2   H N N 8   
ALA HA   H N N 9   
ALA HB1  H N N 10  
ALA HB2  H N N 11  
ALA HB3  H N N 12  
ALA HXT  H N N 13  
ARG N    N N N 14  
ARG CA   C N S 15  
ARG C    C N N 16  
ARG O    O N N 17  
ARG CB   C N N 18  
ARG CG   C N N 19  
ARG CD   C N N 20  
ARG NE   N N N 21  
ARG CZ   C N N 22  
ARG NH1  N N N 23  
ARG NH2  N N N 24  
ARG OXT  O N N 25  
ARG H    H N N 26  
ARG H2   H N N 27  
ARG HA   H N N 28  
ARG HB2  H N N 29  
ARG HB3  H N N 30  
ARG HG2  H N N 31  
ARG HG3  H N N 32  
ARG HD2  H N N 33  
ARG HD3  H N N 34  
ARG HE   H N N 35  
ARG HH11 H N N 36  
ARG HH12 H N N 37  
ARG HH21 H N N 38  
ARG HH22 H N N 39  
ARG HXT  H N N 40  
ASN N    N N N 41  
ASN CA   C N S 42  
ASN C    C N N 43  
ASN O    O N N 44  
ASN CB   C N N 45  
ASN CG   C N N 46  
ASN OD1  O N N 47  
ASN ND2  N N N 48  
ASN OXT  O N N 49  
ASN H    H N N 50  
ASN H2   H N N 51  
ASN HA   H N N 52  
ASN HB2  H N N 53  
ASN HB3  H N N 54  
ASN HD21 H N N 55  
ASN HD22 H N N 56  
ASN HXT  H N N 57  
ASP N    N N N 58  
ASP CA   C N S 59  
ASP C    C N N 60  
ASP O    O N N 61  
ASP CB   C N N 62  
ASP CG   C N N 63  
ASP OD1  O N N 64  
ASP OD2  O N N 65  
ASP OXT  O N N 66  
ASP H    H N N 67  
ASP H2   H N N 68  
ASP HA   H N N 69  
ASP HB2  H N N 70  
ASP HB3  H N N 71  
ASP HD2  H N N 72  
ASP HXT  H N N 73  
CYS N    N N N 74  
CYS CA   C N R 75  
CYS C    C N N 76  
CYS O    O N N 77  
CYS CB   C N N 78  
CYS SG   S N N 79  
CYS OXT  O N N 80  
CYS H    H N N 81  
CYS H2   H N N 82  
CYS HA   H N N 83  
CYS HB2  H N N 84  
CYS HB3  H N N 85  
CYS HG   H N N 86  
CYS HXT  H N N 87  
GLN N    N N N 88  
GLN CA   C N S 89  
GLN C    C N N 90  
GLN O    O N N 91  
GLN CB   C N N 92  
GLN CG   C N N 93  
GLN CD   C N N 94  
GLN OE1  O N N 95  
GLN NE2  N N N 96  
GLN OXT  O N N 97  
GLN H    H N N 98  
GLN H2   H N N 99  
GLN HA   H N N 100 
GLN HB2  H N N 101 
GLN HB3  H N N 102 
GLN HG2  H N N 103 
GLN HG3  H N N 104 
GLN HE21 H N N 105 
GLN HE22 H N N 106 
GLN HXT  H N N 107 
GLU N    N N N 108 
GLU CA   C N S 109 
GLU C    C N N 110 
GLU O    O N N 111 
GLU CB   C N N 112 
GLU CG   C N N 113 
GLU CD   C N N 114 
GLU OE1  O N N 115 
GLU OE2  O N N 116 
GLU OXT  O N N 117 
GLU H    H N N 118 
GLU H2   H N N 119 
GLU HA   H N N 120 
GLU HB2  H N N 121 
GLU HB3  H N N 122 
GLU HG2  H N N 123 
GLU HG3  H N N 124 
GLU HE2  H N N 125 
GLU HXT  H N N 126 
GLY N    N N N 127 
GLY CA   C N N 128 
GLY C    C N N 129 
GLY O    O N N 130 
GLY OXT  O N N 131 
GLY H    H N N 132 
GLY H2   H N N 133 
GLY HA2  H N N 134 
GLY HA3  H N N 135 
GLY HXT  H N N 136 
HIS N    N N N 137 
HIS CA   C N S 138 
HIS C    C N N 139 
HIS O    O N N 140 
HIS CB   C N N 141 
HIS CG   C Y N 142 
HIS ND1  N Y N 143 
HIS CD2  C Y N 144 
HIS CE1  C Y N 145 
HIS NE2  N Y N 146 
HIS OXT  O N N 147 
HIS H    H N N 148 
HIS H2   H N N 149 
HIS HA   H N N 150 
HIS HB2  H N N 151 
HIS HB3  H N N 152 
HIS HD1  H N N 153 
HIS HD2  H N N 154 
HIS HE1  H N N 155 
HIS HE2  H N N 156 
HIS HXT  H N N 157 
HOH O    O N N 158 
HOH H1   H N N 159 
HOH H2   H N N 160 
LEU N    N N N 161 
LEU CA   C N S 162 
LEU C    C N N 163 
LEU O    O N N 164 
LEU CB   C N N 165 
LEU CG   C N N 166 
LEU CD1  C N N 167 
LEU CD2  C N N 168 
LEU OXT  O N N 169 
LEU H    H N N 170 
LEU H2   H N N 171 
LEU HA   H N N 172 
LEU HB2  H N N 173 
LEU HB3  H N N 174 
LEU HG   H N N 175 
LEU HD11 H N N 176 
LEU HD12 H N N 177 
LEU HD13 H N N 178 
LEU HD21 H N N 179 
LEU HD22 H N N 180 
LEU HD23 H N N 181 
LEU HXT  H N N 182 
LYS N    N N N 183 
LYS CA   C N S 184 
LYS C    C N N 185 
LYS O    O N N 186 
LYS CB   C N N 187 
LYS CG   C N N 188 
LYS CD   C N N 189 
LYS CE   C N N 190 
LYS NZ   N N N 191 
LYS OXT  O N N 192 
LYS H    H N N 193 
LYS H2   H N N 194 
LYS HA   H N N 195 
LYS HB2  H N N 196 
LYS HB3  H N N 197 
LYS HG2  H N N 198 
LYS HG3  H N N 199 
LYS HD2  H N N 200 
LYS HD3  H N N 201 
LYS HE2  H N N 202 
LYS HE3  H N N 203 
LYS HZ1  H N N 204 
LYS HZ2  H N N 205 
LYS HZ3  H N N 206 
LYS HXT  H N N 207 
MET N    N N N 208 
MET CA   C N S 209 
MET C    C N N 210 
MET O    O N N 211 
MET CB   C N N 212 
MET CG   C N N 213 
MET SD   S N N 214 
MET CE   C N N 215 
MET OXT  O N N 216 
MET H    H N N 217 
MET H2   H N N 218 
MET HA   H N N 219 
MET HB2  H N N 220 
MET HB3  H N N 221 
MET HG2  H N N 222 
MET HG3  H N N 223 
MET HE1  H N N 224 
MET HE2  H N N 225 
MET HE3  H N N 226 
MET HXT  H N N 227 
PHE N    N N N 228 
PHE CA   C N S 229 
PHE C    C N N 230 
PHE O    O N N 231 
PHE CB   C N N 232 
PHE CG   C Y N 233 
PHE CD1  C Y N 234 
PHE CD2  C Y N 235 
PHE CE1  C Y N 236 
PHE CE2  C Y N 237 
PHE CZ   C Y N 238 
PHE OXT  O N N 239 
PHE H    H N N 240 
PHE H2   H N N 241 
PHE HA   H N N 242 
PHE HB2  H N N 243 
PHE HB3  H N N 244 
PHE HD1  H N N 245 
PHE HD2  H N N 246 
PHE HE1  H N N 247 
PHE HE2  H N N 248 
PHE HZ   H N N 249 
PHE HXT  H N N 250 
SER N    N N N 251 
SER CA   C N S 252 
SER C    C N N 253 
SER O    O N N 254 
SER CB   C N N 255 
SER OG   O N N 256 
SER OXT  O N N 257 
SER H    H N N 258 
SER H2   H N N 259 
SER HA   H N N 260 
SER HB2  H N N 261 
SER HB3  H N N 262 
SER HG   H N N 263 
SER HXT  H N N 264 
SO4 S    S N N 265 
SO4 O1   O N N 266 
SO4 O2   O N N 267 
SO4 O3   O N N 268 
SO4 O4   O N N 269 
THR N    N N N 270 
THR CA   C N S 271 
THR C    C N N 272 
THR O    O N N 273 
THR CB   C N R 274 
THR OG1  O N N 275 
THR CG2  C N N 276 
THR OXT  O N N 277 
THR H    H N N 278 
THR H2   H N N 279 
THR HA   H N N 280 
THR HB   H N N 281 
THR HG1  H N N 282 
THR HG21 H N N 283 
THR HG22 H N N 284 
THR HG23 H N N 285 
THR HXT  H N N 286 
TRP N    N N N 287 
TRP CA   C N S 288 
TRP C    C N N 289 
TRP O    O N N 290 
TRP CB   C N N 291 
TRP CG   C Y N 292 
TRP CD1  C Y N 293 
TRP CD2  C Y N 294 
TRP NE1  N Y N 295 
TRP CE2  C Y N 296 
TRP CE3  C Y N 297 
TRP CZ2  C Y N 298 
TRP CZ3  C Y N 299 
TRP CH2  C Y N 300 
TRP OXT  O N N 301 
TRP H    H N N 302 
TRP H2   H N N 303 
TRP HA   H N N 304 
TRP HB2  H N N 305 
TRP HB3  H N N 306 
TRP HD1  H N N 307 
TRP HE1  H N N 308 
TRP HE3  H N N 309 
TRP HZ2  H N N 310 
TRP HZ3  H N N 311 
TRP HH2  H N N 312 
TRP HXT  H N N 313 
TYR N    N N N 314 
TYR CA   C N S 315 
TYR C    C N N 316 
TYR O    O N N 317 
TYR CB   C N N 318 
TYR CG   C Y N 319 
TYR CD1  C Y N 320 
TYR CD2  C Y N 321 
TYR CE1  C Y N 322 
TYR CE2  C Y N 323 
TYR CZ   C Y N 324 
TYR OH   O N N 325 
TYR OXT  O N N 326 
TYR H    H N N 327 
TYR H2   H N N 328 
TYR HA   H N N 329 
TYR HB2  H N N 330 
TYR HB3  H N N 331 
TYR HD1  H N N 332 
TYR HD2  H N N 333 
TYR HE1  H N N 334 
TYR HE2  H N N 335 
TYR HH   H N N 336 
TYR HXT  H N N 337 
# 
loop_
_chem_comp_bond.comp_id 
_chem_comp_bond.atom_id_1 
_chem_comp_bond.atom_id_2 
_chem_comp_bond.value_order 
_chem_comp_bond.pdbx_aromatic_flag 
_chem_comp_bond.pdbx_stereo_config 
_chem_comp_bond.pdbx_ordinal 
ALA N   CA   sing N N 1   
ALA N   H    sing N N 2   
ALA N   H2   sing N N 3   
ALA CA  C    sing N N 4   
ALA CA  CB   sing N N 5   
ALA CA  HA   sing N N 6   
ALA C   O    doub N N 7   
ALA C   OXT  sing N N 8   
ALA CB  HB1  sing N N 9   
ALA CB  HB2  sing N N 10  
ALA CB  HB3  sing N N 11  
ALA OXT HXT  sing N N 12  
ARG N   CA   sing N N 13  
ARG N   H    sing N N 14  
ARG N   H2   sing N N 15  
ARG CA  C    sing N N 16  
ARG CA  CB   sing N N 17  
ARG CA  HA   sing N N 18  
ARG C   O    doub N N 19  
ARG C   OXT  sing N N 20  
ARG CB  CG   sing N N 21  
ARG CB  HB2  sing N N 22  
ARG CB  HB3  sing N N 23  
ARG CG  CD   sing N N 24  
ARG CG  HG2  sing N N 25  
ARG CG  HG3  sing N N 26  
ARG CD  NE   sing N N 27  
ARG CD  HD2  sing N N 28  
ARG CD  HD3  sing N N 29  
ARG NE  CZ   sing N N 30  
ARG NE  HE   sing N N 31  
ARG CZ  NH1  sing N N 32  
ARG CZ  NH2  doub N N 33  
ARG NH1 HH11 sing N N 34  
ARG NH1 HH12 sing N N 35  
ARG NH2 HH21 sing N N 36  
ARG NH2 HH22 sing N N 37  
ARG OXT HXT  sing N N 38  
ASN N   CA   sing N N 39  
ASN N   H    sing N N 40  
ASN N   H2   sing N N 41  
ASN CA  C    sing N N 42  
ASN CA  CB   sing N N 43  
ASN CA  HA   sing N N 44  
ASN C   O    doub N N 45  
ASN C   OXT  sing N N 46  
ASN CB  CG   sing N N 47  
ASN CB  HB2  sing N N 48  
ASN CB  HB3  sing N N 49  
ASN CG  OD1  doub N N 50  
ASN CG  ND2  sing N N 51  
ASN ND2 HD21 sing N N 52  
ASN ND2 HD22 sing N N 53  
ASN OXT HXT  sing N N 54  
ASP N   CA   sing N N 55  
ASP N   H    sing N N 56  
ASP N   H2   sing N N 57  
ASP CA  C    sing N N 58  
ASP CA  CB   sing N N 59  
ASP CA  HA   sing N N 60  
ASP C   O    doub N N 61  
ASP C   OXT  sing N N 62  
ASP CB  CG   sing N N 63  
ASP CB  HB2  sing N N 64  
ASP CB  HB3  sing N N 65  
ASP CG  OD1  doub N N 66  
ASP CG  OD2  sing N N 67  
ASP OD2 HD2  sing N N 68  
ASP OXT HXT  sing N N 69  
CYS N   CA   sing N N 70  
CYS N   H    sing N N 71  
CYS N   H2   sing N N 72  
CYS CA  C    sing N N 73  
CYS CA  CB   sing N N 74  
CYS CA  HA   sing N N 75  
CYS C   O    doub N N 76  
CYS C   OXT  sing N N 77  
CYS CB  SG   sing N N 78  
CYS CB  HB2  sing N N 79  
CYS CB  HB3  sing N N 80  
CYS SG  HG   sing N N 81  
CYS OXT HXT  sing N N 82  
GLN N   CA   sing N N 83  
GLN N   H    sing N N 84  
GLN N   H2   sing N N 85  
GLN CA  C    sing N N 86  
GLN CA  CB   sing N N 87  
GLN CA  HA   sing N N 88  
GLN C   O    doub N N 89  
GLN C   OXT  sing N N 90  
GLN CB  CG   sing N N 91  
GLN CB  HB2  sing N N 92  
GLN CB  HB3  sing N N 93  
GLN CG  CD   sing N N 94  
GLN CG  HG2  sing N N 95  
GLN CG  HG3  sing N N 96  
GLN CD  OE1  doub N N 97  
GLN CD  NE2  sing N N 98  
GLN NE2 HE21 sing N N 99  
GLN NE2 HE22 sing N N 100 
GLN OXT HXT  sing N N 101 
GLU N   CA   sing N N 102 
GLU N   H    sing N N 103 
GLU N   H2   sing N N 104 
GLU CA  C    sing N N 105 
GLU CA  CB   sing N N 106 
GLU CA  HA   sing N N 107 
GLU C   O    doub N N 108 
GLU C   OXT  sing N N 109 
GLU CB  CG   sing N N 110 
GLU CB  HB2  sing N N 111 
GLU CB  HB3  sing N N 112 
GLU CG  CD   sing N N 113 
GLU CG  HG2  sing N N 114 
GLU CG  HG3  sing N N 115 
GLU CD  OE1  doub N N 116 
GLU CD  OE2  sing N N 117 
GLU OE2 HE2  sing N N 118 
GLU OXT HXT  sing N N 119 
GLY N   CA   sing N N 120 
GLY N   H    sing N N 121 
GLY N   H2   sing N N 122 
GLY CA  C    sing N N 123 
GLY CA  HA2  sing N N 124 
GLY CA  HA3  sing N N 125 
GLY C   O    doub N N 126 
GLY C   OXT  sing N N 127 
GLY OXT HXT  sing N N 128 
HIS N   CA   sing N N 129 
HIS N   H    sing N N 130 
HIS N   H2   sing N N 131 
HIS CA  C    sing N N 132 
HIS CA  CB   sing N N 133 
HIS CA  HA   sing N N 134 
HIS C   O    doub N N 135 
HIS C   OXT  sing N N 136 
HIS CB  CG   sing N N 137 
HIS CB  HB2  sing N N 138 
HIS CB  HB3  sing N N 139 
HIS CG  ND1  sing Y N 140 
HIS CG  CD2  doub Y N 141 
HIS ND1 CE1  doub Y N 142 
HIS ND1 HD1  sing N N 143 
HIS CD2 NE2  sing Y N 144 
HIS CD2 HD2  sing N N 145 
HIS CE1 NE2  sing Y N 146 
HIS CE1 HE1  sing N N 147 
HIS NE2 HE2  sing N N 148 
HIS OXT HXT  sing N N 149 
HOH O   H1   sing N N 150 
HOH O   H2   sing N N 151 
LEU N   CA   sing N N 152 
LEU N   H    sing N N 153 
LEU N   H2   sing N N 154 
LEU CA  C    sing N N 155 
LEU CA  CB   sing N N 156 
LEU CA  HA   sing N N 157 
LEU C   O    doub N N 158 
LEU C   OXT  sing N N 159 
LEU CB  CG   sing N N 160 
LEU CB  HB2  sing N N 161 
LEU CB  HB3  sing N N 162 
LEU CG  CD1  sing N N 163 
LEU CG  CD2  sing N N 164 
LEU CG  HG   sing N N 165 
LEU CD1 HD11 sing N N 166 
LEU CD1 HD12 sing N N 167 
LEU CD1 HD13 sing N N 168 
LEU CD2 HD21 sing N N 169 
LEU CD2 HD22 sing N N 170 
LEU CD2 HD23 sing N N 171 
LEU OXT HXT  sing N N 172 
LYS N   CA   sing N N 173 
LYS N   H    sing N N 174 
LYS N   H2   sing N N 175 
LYS CA  C    sing N N 176 
LYS CA  CB   sing N N 177 
LYS CA  HA   sing N N 178 
LYS C   O    doub N N 179 
LYS C   OXT  sing N N 180 
LYS CB  CG   sing N N 181 
LYS CB  HB2  sing N N 182 
LYS CB  HB3  sing N N 183 
LYS CG  CD   sing N N 184 
LYS CG  HG2  sing N N 185 
LYS CG  HG3  sing N N 186 
LYS CD  CE   sing N N 187 
LYS CD  HD2  sing N N 188 
LYS CD  HD3  sing N N 189 
LYS CE  NZ   sing N N 190 
LYS CE  HE2  sing N N 191 
LYS CE  HE3  sing N N 192 
LYS NZ  HZ1  sing N N 193 
LYS NZ  HZ2  sing N N 194 
LYS NZ  HZ3  sing N N 195 
LYS OXT HXT  sing N N 196 
MET N   CA   sing N N 197 
MET N   H    sing N N 198 
MET N   H2   sing N N 199 
MET CA  C    sing N N 200 
MET CA  CB   sing N N 201 
MET CA  HA   sing N N 202 
MET C   O    doub N N 203 
MET C   OXT  sing N N 204 
MET CB  CG   sing N N 205 
MET CB  HB2  sing N N 206 
MET CB  HB3  sing N N 207 
MET CG  SD   sing N N 208 
MET CG  HG2  sing N N 209 
MET CG  HG3  sing N N 210 
MET SD  CE   sing N N 211 
MET CE  HE1  sing N N 212 
MET CE  HE2  sing N N 213 
MET CE  HE3  sing N N 214 
MET OXT HXT  sing N N 215 
PHE N   CA   sing N N 216 
PHE N   H    sing N N 217 
PHE N   H2   sing N N 218 
PHE CA  C    sing N N 219 
PHE CA  CB   sing N N 220 
PHE CA  HA   sing N N 221 
PHE C   O    doub N N 222 
PHE C   OXT  sing N N 223 
PHE CB  CG   sing N N 224 
PHE CB  HB2  sing N N 225 
PHE CB  HB3  sing N N 226 
PHE CG  CD1  doub Y N 227 
PHE CG  CD2  sing Y N 228 
PHE CD1 CE1  sing Y N 229 
PHE CD1 HD1  sing N N 230 
PHE CD2 CE2  doub Y N 231 
PHE CD2 HD2  sing N N 232 
PHE CE1 CZ   doub Y N 233 
PHE CE1 HE1  sing N N 234 
PHE CE2 CZ   sing Y N 235 
PHE CE2 HE2  sing N N 236 
PHE CZ  HZ   sing N N 237 
PHE OXT HXT  sing N N 238 
SER N   CA   sing N N 239 
SER N   H    sing N N 240 
SER N   H2   sing N N 241 
SER CA  C    sing N N 242 
SER CA  CB   sing N N 243 
SER CA  HA   sing N N 244 
SER C   O    doub N N 245 
SER C   OXT  sing N N 246 
SER CB  OG   sing N N 247 
SER CB  HB2  sing N N 248 
SER CB  HB3  sing N N 249 
SER OG  HG   sing N N 250 
SER OXT HXT  sing N N 251 
SO4 S   O1   doub N N 252 
SO4 S   O2   doub N N 253 
SO4 S   O3   sing N N 254 
SO4 S   O4   sing N N 255 
THR N   CA   sing N N 256 
THR N   H    sing N N 257 
THR N   H2   sing N N 258 
THR CA  C    sing N N 259 
THR CA  CB   sing N N 260 
THR CA  HA   sing N N 261 
THR C   O    doub N N 262 
THR C   OXT  sing N N 263 
THR CB  OG1  sing N N 264 
THR CB  CG2  sing N N 265 
THR CB  HB   sing N N 266 
THR OG1 HG1  sing N N 267 
THR CG2 HG21 sing N N 268 
THR CG2 HG22 sing N N 269 
THR CG2 HG23 sing N N 270 
THR OXT HXT  sing N N 271 
TRP N   CA   sing N N 272 
TRP N   H    sing N N 273 
TRP N   H2   sing N N 274 
TRP CA  C    sing N N 275 
TRP CA  CB   sing N N 276 
TRP CA  HA   sing N N 277 
TRP C   O    doub N N 278 
TRP C   OXT  sing N N 279 
TRP CB  CG   sing N N 280 
TRP CB  HB2  sing N N 281 
TRP CB  HB3  sing N N 282 
TRP CG  CD1  doub Y N 283 
TRP CG  CD2  sing Y N 284 
TRP CD1 NE1  sing Y N 285 
TRP CD1 HD1  sing N N 286 
TRP CD2 CE2  doub Y N 287 
TRP CD2 CE3  sing Y N 288 
TRP NE1 CE2  sing Y N 289 
TRP NE1 HE1  sing N N 290 
TRP CE2 CZ2  sing Y N 291 
TRP CE3 CZ3  doub Y N 292 
TRP CE3 HE3  sing N N 293 
TRP CZ2 CH2  doub Y N 294 
TRP CZ2 HZ2  sing N N 295 
TRP CZ3 CH2  sing Y N 296 
TRP CZ3 HZ3  sing N N 297 
TRP CH2 HH2  sing N N 298 
TRP OXT HXT  sing N N 299 
TYR N   CA   sing N N 300 
TYR N   H    sing N N 301 
TYR N   H2   sing N N 302 
TYR CA  C    sing N N 303 
TYR CA  CB   sing N N 304 
TYR CA  HA   sing N N 305 
TYR C   O    doub N N 306 
TYR C   OXT  sing N N 307 
TYR CB  CG   sing N N 308 
TYR CB  HB2  sing N N 309 
TYR CB  HB3  sing N N 310 
TYR CG  CD1  doub Y N 311 
TYR CG  CD2  sing Y N 312 
TYR CD1 CE1  sing Y N 313 
TYR CD1 HD1  sing N N 314 
TYR CD2 CE2  doub Y N 315 
TYR CD2 HD2  sing N N 316 
TYR CE1 CZ   doub Y N 317 
TYR CE1 HE1  sing N N 318 
TYR CE2 CZ   sing Y N 319 
TYR CE2 HE2  sing N N 320 
TYR CZ  OH   sing N N 321 
TYR OH  HH   sing N N 322 
TYR OXT HXT  sing N N 323 
# 
_atom_sites.entry_id                    1KP6 
_atom_sites.fract_transf_matrix[1][1]   0.01674748 
_atom_sites.fract_transf_matrix[1][2]   0.01672824 
_atom_sites.fract_transf_matrix[1][3]   0.00334930 
_atom_sites.fract_transf_matrix[2][1]   0.00465753 
_atom_sites.fract_transf_matrix[2][2]   0.00800691 
_atom_sites.fract_transf_matrix[2][3]   0.02203954 
_atom_sites.fract_transf_matrix[3][1]   0.00555996 
_atom_sites.fract_transf_matrix[3][2]   -0.00574930 
_atom_sites.fract_transf_matrix[3][3]   0.00091374 
_atom_sites.fract_transf_vector[1]      0.288080 
_atom_sites.fract_transf_vector[2]      -0.040762 
_atom_sites.fract_transf_vector[3]      0.114001 
# 
loop_
_atom_type.symbol 
C 
H 
N 
O 
S 
# 
loop_
_atom_site.group_PDB 
_atom_site.id 
_atom_site.type_symbol 
_atom_site.label_atom_id 
_atom_site.label_alt_id 
_atom_site.label_comp_id 
_atom_site.label_asym_id 
_atom_site.label_entity_id 
_atom_site.label_seq_id 
_atom_site.pdbx_PDB_ins_code 
_atom_site.Cartn_x 
_atom_site.Cartn_y 
_atom_site.Cartn_z 
_atom_site.occupancy 
_atom_site.B_iso_or_equiv 
_atom_site.pdbx_formal_charge 
_atom_site.auth_seq_id 
_atom_site.auth_comp_id 
_atom_site.auth_asym_id 
_atom_site.auth_atom_id 
_atom_site.pdbx_PDB_model_num 
ATOM   1   N N    . ASN A 1 1  ? 6.334   -7.098  11.726  1.00 20.61 ? 1    ASN A N    1 
ATOM   2   C CA   . ASN A 1 1  ? 7.691   -7.482  11.232  1.00 21.39 ? 1    ASN A CA   1 
ATOM   3   C C    . ASN A 1 1  ? 7.572   -7.795  9.758   1.00 21.07 ? 1    ASN A C    1 
ATOM   4   O O    . ASN A 1 1  ? 6.466   -8.052  9.274   1.00 18.73 ? 1    ASN A O    1 
ATOM   5   C CB   . ASN A 1 1  ? 8.309   -8.676  12.018  1.00 23.49 ? 1    ASN A CB   1 
ATOM   6   C CG   . ASN A 1 1  ? 7.608   -10.026 11.758  1.00 21.32 ? 1    ASN A CG   1 
ATOM   7   O OD1  . ASN A 1 1  ? 7.836   -10.684 10.747  1.00 20.16 ? 1    ASN A OD1  1 
ATOM   8   N ND2  . ASN A 1 1  ? 6.811   -10.462 12.715  1.00 26.85 ? 1    ASN A ND2  1 
ATOM   9   H H1   . ASN A 1 1  ? 5.627   -7.811  11.425  1.00 0.00  ? 1    ASN A H1   1 
ATOM   10  H H2   . ASN A 1 1  ? 6.263   -6.943  12.732  1.00 0.00  ? 1    ASN A H2   1 
ATOM   11  H H3   . ASN A 1 1  ? 6.059   -6.232  11.203  1.00 0.00  ? 1    ASN A H3   1 
ATOM   12  H HD21 . ASN A 1 1  ? 6.354   -11.319 12.567  1.00 0.00  ? 1    ASN A HD21 1 
ATOM   13  H HD22 . ASN A 1 1  ? 6.684   -9.952  13.542  1.00 0.00  ? 1    ASN A HD22 1 
ATOM   14  N N    . ASN A 1 2  ? 8.705   -7.792  9.055   1.00 20.59 ? 2    ASN A N    1 
ATOM   15  C CA   . ASN A 1 2  ? 8.707   -8.049  7.619   1.00 21.22 ? 2    ASN A CA   1 
ATOM   16  C C    . ASN A 1 2  ? 8.323   -9.456  7.197   1.00 20.61 ? 2    ASN A C    1 
ATOM   17  O O    . ASN A 1 2  ? 7.591   -9.619  6.224   1.00 18.81 ? 2    ASN A O    1 
ATOM   18  C CB   . ASN A 1 2  ? 10.050  -7.678  6.985   1.00 22.78 ? 2    ASN A CB   1 
ATOM   19  C CG   . ASN A 1 2  ? 10.235  -6.171  6.819   1.00 26.06 ? 2    ASN A CG   1 
ATOM   20  O OD1  . ASN A 1 2  ? 9.268   -5.401  6.723   1.00 25.67 ? 2    ASN A OD1  1 
ATOM   21  N ND2  . ASN A 1 2  ? 11.491  -5.745  6.774   1.00 27.48 ? 2    ASN A ND2  1 
ATOM   22  H H    . ASN A 1 2  ? 9.553   -7.594  9.511   1.00 0.00  ? 2    ASN A H    1 
ATOM   23  H HD21 . ASN A 1 2  ? 11.644  -4.791  6.663   1.00 0.00  ? 2    ASN A HD21 1 
ATOM   24  H HD22 . ASN A 1 2  ? 12.215  -6.395  6.846   1.00 0.00  ? 2    ASN A HD22 1 
ATOM   25  N N    . ALA A 1 3  ? 8.778   -10.462 7.945   1.00 18.10 ? 3    ALA A N    1 
ATOM   26  C CA   . ALA A 1 3  ? 8.497   -11.861 7.625   1.00 16.12 ? 3    ALA A CA   1 
ATOM   27  C C    . ALA A 1 3  ? 7.004   -12.174 7.606   1.00 13.22 ? 3    ALA A C    1 
ATOM   28  O O    . ALA A 1 3  ? 6.481   -12.704 6.640   1.00 15.56 ? 3    ALA A O    1 
ATOM   29  C CB   . ALA A 1 3  ? 9.224   -12.774 8.622   1.00 15.22 ? 3    ALA A CB   1 
ATOM   30  H H    . ALA A 1 3  ? 9.303   -10.258 8.742   1.00 0.00  ? 3    ALA A H    1 
ATOM   31  N N    . PHE A 1 4  ? 6.312   -11.843 8.678   1.00 13.81 ? 4    PHE A N    1 
ATOM   32  C CA   . PHE A 1 4  ? 4.888   -12.103 8.750   1.00 16.15 ? 4    PHE A CA   1 
ATOM   33  C C    . PHE A 1 4  ? 4.023   -11.142 7.924   1.00 14.71 ? 4    PHE A C    1 
ATOM   34  O O    . PHE A 1 4  ? 2.944   -11.511 7.443   1.00 12.98 ? 4    PHE A O    1 
ATOM   35  C CB   . PHE A 1 4  ? 4.438   -12.104 10.208  1.00 21.05 ? 4    PHE A CB   1 
ATOM   36  C CG   . PHE A 1 4  ? 4.697   -13.396 10.903  1.00 26.03 ? 4    PHE A CG   1 
ATOM   37  C CD1  . PHE A 1 4  ? 5.988   -13.912 10.977  1.00 30.72 ? 4    PHE A CD1  1 
ATOM   38  C CD2  . PHE A 1 4  ? 3.652   -14.128 11.432  1.00 29.28 ? 4    PHE A CD2  1 
ATOM   39  C CE1  . PHE A 1 4  ? 6.235   -15.146 11.569  1.00 30.43 ? 4    PHE A CE1  1 
ATOM   40  C CE2  . PHE A 1 4  ? 3.888   -15.369 12.030  1.00 32.70 ? 4    PHE A CE2  1 
ATOM   41  C CZ   . PHE A 1 4  ? 5.186   -15.875 12.094  1.00 32.30 ? 4    PHE A CZ   1 
ATOM   42  H H    . PHE A 1 4  ? 6.772   -11.434 9.430   1.00 0.00  ? 4    PHE A H    1 
ATOM   43  N N    . CYS A 1 5  ? 4.489   -9.913  7.763   1.00 14.15 ? 5    CYS A N    1 
ATOM   44  C CA   . CYS A 1 5  ? 3.730   -8.938  6.996   1.00 15.30 ? 5    CYS A CA   1 
ATOM   45  C C    . CYS A 1 5  ? 3.761   -9.258  5.506   1.00 14.74 ? 5    CYS A C    1 
ATOM   46  O O    . CYS A 1 5  ? 2.720   -9.457  4.889   1.00 14.66 ? 5    CYS A O    1 
ATOM   47  C CB   . CYS A 1 5  ? 4.234   -7.519  7.262   1.00 15.10 ? 5    CYS A CB   1 
ATOM   48  S SG   . CYS A 1 5  ? 3.292   -6.300  6.310   1.00 13.20 ? 5    CYS A SG   1 
ATOM   49  H H    . CYS A 1 5  ? 5.334   -9.636  8.173   1.00 0.00  ? 5    CYS A H    1 
ATOM   50  N N    . ALA A 1 6  ? 4.955   -9.359  4.938   1.00 16.68 ? 6    ALA A N    1 
ATOM   51  C CA   . ALA A 1 6  ? 5.084   -9.663  3.518   1.00 18.05 ? 6    ALA A CA   1 
ATOM   52  C C    . ALA A 1 6  ? 4.593   -11.076 3.233   1.00 18.79 ? 6    ALA A C    1 
ATOM   53  O O    . ALA A 1 6  ? 4.121   -11.362 2.133   1.00 19.08 ? 6    ALA A O    1 
ATOM   54  C CB   . ALA A 1 6  ? 6.529   -9.496  3.065   1.00 19.53 ? 6    ALA A CB   1 
ATOM   55  H H    . ALA A 1 6  ? 5.765   -9.226  5.475   1.00 0.00  ? 6    ALA A H    1 
ATOM   56  N N    . GLY A 1 7  ? 4.688   -11.953 4.234   1.00 18.11 ? 7    GLY A N    1 
ATOM   57  C CA   . GLY A 1 7  ? 4.241   -13.320 4.053   1.00 17.44 ? 7    GLY A CA   1 
ATOM   58  C C    . GLY A 1 7  ? 2.743   -13.556 4.222   1.00 19.60 ? 7    GLY A C    1 
ATOM   59  O O    . GLY A 1 7  ? 2.105   -14.161 3.363   1.00 22.91 ? 7    GLY A O    1 
ATOM   60  H H    . GLY A 1 7  ? 5.084   -11.684 5.087   1.00 0.00  ? 7    GLY A H    1 
ATOM   61  N N    . PHE A 1 8  ? 2.155   -13.034 5.292   1.00 18.57 ? 8    PHE A N    1 
ATOM   62  C CA   . PHE A 1 8  ? 0.743   -13.276 5.563   1.00 17.27 ? 8    PHE A CA   1 
ATOM   63  C C    . PHE A 1 8  ? -0.137  -12.040 5.708   1.00 15.65 ? 8    PHE A C    1 
ATOM   64  O O    . PHE A 1 8  ? -1.347  -12.178 5.889   1.00 15.56 ? 8    PHE A O    1 
ATOM   65  C CB   . PHE A 1 8  ? 0.600   -14.064 6.867   1.00 20.47 ? 8    PHE A CB   1 
ATOM   66  C CG   . PHE A 1 8  ? 1.496   -15.261 6.972   1.00 26.66 ? 8    PHE A CG   1 
ATOM   67  C CD1  . PHE A 1 8  ? 1.401   -16.307 6.062   1.00 29.53 ? 8    PHE A CD1  1 
ATOM   68  C CD2  . PHE A 1 8  ? 2.380   -15.381 8.041   1.00 30.39 ? 8    PHE A CD2  1 
ATOM   69  C CE1  . PHE A 1 8  ? 2.171   -17.471 6.221   1.00 32.83 ? 8    PHE A CE1  1 
ATOM   70  C CE2  . PHE A 1 8  ? 3.155   -16.535 8.214   1.00 31.80 ? 8    PHE A CE2  1 
ATOM   71  C CZ   . PHE A 1 8  ? 3.045   -17.583 7.301   1.00 32.52 ? 8    PHE A CZ   1 
ATOM   72  H H    . PHE A 1 8  ? 2.681   -12.488 5.898   1.00 0.00  ? 8    PHE A H    1 
ATOM   73  N N    . GLY A 1 9  ? 0.461   -10.854 5.678   1.00 14.14 ? 9    GLY A N    1 
ATOM   74  C CA   . GLY A 1 9  ? -0.310  -9.637  5.881   1.00 15.37 ? 9    GLY A CA   1 
ATOM   75  C C    . GLY A 1 9  ? -0.571  -9.441  7.375   1.00 14.72 ? 9    GLY A C    1 
ATOM   76  O O    . GLY A 1 9  ? -1.499  -8.726  7.780   1.00 13.08 ? 9    GLY A O    1 
ATOM   77  H H    . GLY A 1 9  ? 1.422   -10.792 5.507   1.00 0.00  ? 9    GLY A H    1 
ATOM   78  N N    . LEU A 1 10 ? 0.277   -10.059 8.194   1.00 13.80 ? 10   LEU A N    1 
ATOM   79  C CA   . LEU A 1 10 ? 0.166   -9.989  9.647   1.00 14.58 ? 10   LEU A CA   1 
ATOM   80  C C    . LEU A 1 10 ? 1.334   -9.228  10.248  1.00 12.49 ? 10   LEU A C    1 
ATOM   81  O O    . LEU A 1 10 ? 2.450   -9.336  9.769   1.00 13.46 ? 10   LEU A O    1 
ATOM   82  C CB   . LEU A 1 10 ? 0.136   -11.400 10.232  1.00 16.97 ? 10   LEU A CB   1 
ATOM   83  C CG   . LEU A 1 10 ? -1.057  -12.276 9.833   1.00 18.40 ? 10   LEU A CG   1 
ATOM   84  C CD1  . LEU A 1 10 ? -0.878  -13.666 10.443  1.00 21.19 ? 10   LEU A CD1  1 
ATOM   85  C CD2  . LEU A 1 10 ? -2.373  -11.630 10.298  1.00 18.81 ? 10   LEU A CD2  1 
ATOM   86  H H    . LEU A 1 10 ? 1.033   -10.560 7.819   1.00 0.00  ? 10   LEU A H    1 
ATOM   87  N N    . SER A 1 11 ? 1.063   -8.483  11.316  1.00 14.05 ? 11   SER A N    1 
ATOM   88  C CA   . SER A 1 11 ? 2.059   -7.671  12.023  1.00 15.12 ? 11   SER A CA   1 
ATOM   89  C C    . SER A 1 11 ? 2.595   -6.496  11.171  1.00 14.30 ? 11   SER A C    1 
ATOM   90  O O    . SER A 1 11 ? 3.738   -6.058  11.329  1.00 14.93 ? 11   SER A O    1 
ATOM   91  C CB   . SER A 1 11 ? 3.202   -8.550  12.586  1.00 16.75 ? 11   SER A CB   1 
ATOM   92  O OG   . SER A 1 11 ? 4.134   -8.984  11.596  1.00 19.44 ? 11   SER A OG   1 
ATOM   93  H H    . SER A 1 11 ? 0.140   -8.450  11.649  1.00 0.00  ? 11   SER A H    1 
ATOM   94  H HG   . SER A 1 11 ? 3.683   -9.606  11.017  1.00 0.00  ? 11   SER A HG   1 
ATOM   95  N N    . CYS A 1 12 ? 1.770   -6.031  10.235  1.00 14.65 ? 12   CYS A N    1 
ATOM   96  C CA   . CYS A 1 12 ? 2.130   -4.909  9.376   1.00 12.63 ? 12   CYS A CA   1 
ATOM   97  C C    . CYS A 1 12 ? 1.893   -3.630  10.171  1.00 13.97 ? 12   CYS A C    1 
ATOM   98  O O    . CYS A 1 12 ? 1.086   -3.612  11.098  1.00 14.65 ? 12   CYS A O    1 
ATOM   99  C CB   . CYS A 1 12 ? 1.260   -4.903  8.129   1.00 12.99 ? 12   CYS A CB   1 
ATOM   100 S SG   . CYS A 1 12 ? 1.419   -6.387  7.078   1.00 13.67 ? 12   CYS A SG   1 
ATOM   101 H H    . CYS A 1 12 ? 0.879   -6.423  10.136  1.00 0.00  ? 12   CYS A H    1 
ATOM   102 N N    . LYS A 1 13 ? 2.583   -2.556  9.803   1.00 14.22 ? 13   LYS A N    1 
ATOM   103 C CA   . LYS A 1 13 ? 2.453   -1.283  10.504  1.00 14.39 ? 13   LYS A CA   1 
ATOM   104 C C    . LYS A 1 13 ? 1.775   -0.187  9.683   1.00 13.94 ? 13   LYS A C    1 
ATOM   105 O O    . LYS A 1 13 ? 1.367   0.831   10.227  1.00 14.90 ? 13   LYS A O    1 
ATOM   106 C CB   . LYS A 1 13 ? 3.834   -0.814  10.968  1.00 17.08 ? 13   LYS A CB   1 
ATOM   107 C CG   . LYS A 1 13 ? 4.449   -1.744  12.001  1.00 21.98 ? 13   LYS A CG   1 
ATOM   108 C CD   . LYS A 1 13 ? 5.901   -1.424  12.266  1.00 27.72 ? 13   LYS A CD   1 
ATOM   109 C CE   . LYS A 1 13 ? 6.522   -2.489  13.159  1.00 29.89 ? 13   LYS A CE   1 
ATOM   110 N NZ   . LYS A 1 13 ? 8.003   -2.371  13.200  1.00 34.06 ? 13   LYS A NZ   1 
ATOM   111 H H    . LYS A 1 13 ? 3.197   -2.603  9.039   1.00 0.00  ? 13   LYS A H    1 
ATOM   112 H HZ1  . LYS A 1 13 ? 8.268   -1.435  13.569  1.00 0.00  ? 13   LYS A HZ1  1 
ATOM   113 H HZ2  . LYS A 1 13 ? 8.395   -3.111  13.818  1.00 0.00  ? 13   LYS A HZ2  1 
ATOM   114 H HZ3  . LYS A 1 13 ? 8.384   -2.485  12.239  1.00 0.00  ? 13   LYS A HZ3  1 
ATOM   115 N N    . TRP A 1 14 ? 1.652   -0.400  8.377   1.00 13.07 ? 14   TRP A N    1 
ATOM   116 C CA   . TRP A 1 14 ? 1.034   0.576   7.490   1.00 13.10 ? 14   TRP A CA   1 
ATOM   117 C C    . TRP A 1 14 ? 0.134   -0.104  6.476   1.00 12.34 ? 14   TRP A C    1 
ATOM   118 O O    . TRP A 1 14 ? 0.446   -1.193  6.009   1.00 12.17 ? 14   TRP A O    1 
ATOM   119 C CB   . TRP A 1 14 ? 2.115   1.323   6.718   1.00 13.66 ? 14   TRP A CB   1 
ATOM   120 C CG   . TRP A 1 14 ? 3.051   2.072   7.584   1.00 16.52 ? 14   TRP A CG   1 
ATOM   121 C CD1  . TRP A 1 14 ? 4.323   1.708   7.940   1.00 16.96 ? 14   TRP A CD1  1 
ATOM   122 C CD2  . TRP A 1 14 ? 2.790   3.309   8.229   1.00 15.80 ? 14   TRP A CD2  1 
ATOM   123 N NE1  . TRP A 1 14 ? 4.863   2.651   8.780   1.00 17.31 ? 14   TRP A NE1  1 
ATOM   124 C CE2  . TRP A 1 14 ? 3.943   3.647   8.970   1.00 17.07 ? 14   TRP A CE2  1 
ATOM   125 C CE3  . TRP A 1 14 ? 1.692   4.173   8.254   1.00 16.89 ? 14   TRP A CE3  1 
ATOM   126 C CZ2  . TRP A 1 14 ? 4.026   4.807   9.726   1.00 18.45 ? 14   TRP A CZ2  1 
ATOM   127 C CZ3  . TRP A 1 14 ? 1.775   5.326   9.006   1.00 18.79 ? 14   TRP A CZ3  1 
ATOM   128 C CH2  . TRP A 1 14 ? 2.933   5.633   9.733   1.00 19.71 ? 14   TRP A CH2  1 
ATOM   129 H H    . TRP A 1 14 ? 1.993   -1.223  7.970   1.00 0.00  ? 14   TRP A H    1 
ATOM   130 H HE1  . TRP A 1 14 ? 5.746   2.570   9.218   1.00 0.00  ? 14   TRP A HE1  1 
ATOM   131 N N    . GLU A 1 15 ? -0.984  0.535   6.158   1.00 10.60 ? 15   GLU A N    1 
ATOM   132 C CA   . GLU A 1 15 ? -1.912  0.037   5.152   1.00 11.45 ? 15   GLU A CA   1 
ATOM   133 C C    . GLU A 1 15 ? -2.159  1.246   4.258   1.00 11.25 ? 15   GLU A C    1 
ATOM   134 O O    . GLU A 1 15 ? -2.718  2.250   4.714   1.00 11.63 ? 15   GLU A O    1 
ATOM   135 C CB   . GLU A 1 15 ? -3.222  -0.432  5.791   1.00 11.81 ? 15   GLU A CB   1 
ATOM   136 C CG   . GLU A 1 15 ? -4.307  -0.835  4.794   1.00 12.64 ? 15   GLU A CG   1 
ATOM   137 C CD   . GLU A 1 15 ? -5.387  -1.701  5.414   1.00 14.26 ? 15   GLU A CD   1 
ATOM   138 O OE1  . GLU A 1 15 ? -5.261  -2.083  6.596   1.00 14.51 ? 15   GLU A OE1  1 
ATOM   139 O OE2  . GLU A 1 15 ? -6.359  -2.038  4.717   1.00 12.84 ? 15   GLU A OE2  1 
ATOM   140 H H    . GLU A 1 15 ? -1.206  1.374   6.617   1.00 0.00  ? 15   GLU A H    1 
ATOM   141 N N    . CYS A 1 16 ? -1.719  1.167   3.007   1.00 10.59 ? 16   CYS A N    1 
ATOM   142 C CA   . CYS A 1 16 ? -1.865  2.282   2.074   1.00 10.65 ? 16   CYS A CA   1 
ATOM   143 C C    . CYS A 1 16 ? -2.534  1.920   0.748   1.00 11.22 ? 16   CYS A C    1 
ATOM   144 O O    . CYS A 1 16 ? -2.571  0.746   0.362   1.00 11.33 ? 16   CYS A O    1 
ATOM   145 C CB   . CYS A 1 16 ? -0.484  2.875   1.772   1.00 10.89 ? 16   CYS A CB   1 
ATOM   146 S SG   . CYS A 1 16 ? 0.519   3.388   3.204   1.00 11.50 ? 16   CYS A SG   1 
ATOM   147 H H    . CYS A 1 16 ? -1.283  0.370   2.691   1.00 0.00  ? 16   CYS A H    1 
ATOM   148 N N    . TRP A 1 17 ? -3.003  2.940   0.022   1.00 8.71  ? 17   TRP A N    1 
ATOM   149 C CA   . TRP A 1 17 ? -3.634  2.741   -1.279  1.00 8.96  ? 17   TRP A CA   1 
ATOM   150 C C    . TRP A 1 17 ? -3.655  4.044   -2.059  1.00 9.83  ? 17   TRP A C    1 
ATOM   151 O O    . TRP A 1 17 ? -3.593  5.135   -1.468  1.00 8.75  ? 17   TRP A O    1 
ATOM   152 C CB   . TRP A 1 17 ? -5.064  2.190   -1.136  1.00 8.98  ? 17   TRP A CB   1 
ATOM   153 C CG   . TRP A 1 17 ? -6.015  3.067   -0.359  1.00 12.32 ? 17   TRP A CG   1 
ATOM   154 C CD1  . TRP A 1 17 ? -6.891  3.988   -0.872  1.00 11.35 ? 17   TRP A CD1  1 
ATOM   155 C CD2  . TRP A 1 17 ? -6.180  3.104   1.067   1.00 13.26 ? 17   TRP A CD2  1 
ATOM   156 N NE1  . TRP A 1 17 ? -7.583  4.598   0.146   1.00 14.82 ? 17   TRP A NE1  1 
ATOM   157 C CE2  . TRP A 1 17 ? -7.172  4.075   1.345   1.00 14.91 ? 17   TRP A CE2  1 
ATOM   158 C CE3  . TRP A 1 17 ? -5.590  2.411   2.136   1.00 11.72 ? 17   TRP A CE3  1 
ATOM   159 C CZ2  . TRP A 1 17 ? -7.587  4.371   2.651   1.00 14.30 ? 17   TRP A CZ2  1 
ATOM   160 C CZ3  . TRP A 1 17 ? -6.003  2.707   3.436   1.00 13.02 ? 17   TRP A CZ3  1 
ATOM   161 C CH2  . TRP A 1 17 ? -6.991  3.678   3.678   1.00 13.88 ? 17   TRP A CH2  1 
ATOM   162 H H    . TRP A 1 17 ? -2.945  3.860   0.363   1.00 0.00  ? 17   TRP A H    1 
ATOM   163 H HE1  . TRP A 1 17 ? -8.229  5.334   0.036   1.00 0.00  ? 17   TRP A HE1  1 
ATOM   164 N N    . CYS A 1 18 ? -3.672  3.930   -3.383  1.00 9.80  ? 18   CYS A N    1 
ATOM   165 C CA   . CYS A 1 18 ? -3.738  5.110   -4.247  1.00 8.99  ? 18   CYS A CA   1 
ATOM   166 C C    . CYS A 1 18 ? -5.198  5.526   -4.342  1.00 10.52 ? 18   CYS A C    1 
ATOM   167 O O    . CYS A 1 18 ? -6.090  4.668   -4.339  1.00 9.30  ? 18   CYS A O    1 
ATOM   168 C CB   . CYS A 1 18 ? -3.235  4.809   -5.657  1.00 9.34  ? 18   CYS A CB   1 
ATOM   169 S SG   . CYS A 1 18 ? -1.533  4.176   -5.798  1.00 10.88 ? 18   CYS A SG   1 
ATOM   170 H H    . CYS A 1 18 ? -3.669  3.042   -3.795  1.00 0.00  ? 18   CYS A H    1 
ATOM   171 N N    . THR A 1 19 ? -5.431  6.835   -4.448  1.00 10.63 ? 19   THR A N    1 
ATOM   172 C CA   . THR A 1 19 ? -6.779  7.397   -4.554  1.00 11.01 ? 19   THR A CA   1 
ATOM   173 C C    . THR A 1 19 ? -6.848  8.345   -5.738  1.00 10.59 ? 19   THR A C    1 
ATOM   174 O O    . THR A 1 19 ? -5.850  8.963   -6.121  1.00 9.89  ? 19   THR A O    1 
ATOM   175 C CB   . THR A 1 19 ? -7.164  8.194   -3.290  1.00 11.98 ? 19   THR A CB   1 
ATOM   176 O OG1  . THR A 1 19 ? -6.165  9.185   -3.043  1.00 15.70 ? 19   THR A OG1  1 
ATOM   177 C CG2  . THR A 1 19 ? -7.282  7.277   -2.074  1.00 11.71 ? 19   THR A CG2  1 
ATOM   178 H H    . THR A 1 19 ? -4.696  7.480   -4.450  1.00 0.00  ? 19   THR A H    1 
ATOM   179 H HG1  . THR A 1 19 ? -6.436  10.002  -3.502  1.00 0.00  ? 19   THR A HG1  1 
ATOM   180 N N    . ALA A 1 20 ? -8.030  8.441   -6.321  1.00 11.14 ? 20   ALA A N    1 
ATOM   181 C CA   . ALA A 1 20 ? -8.264  9.311   -7.463  1.00 12.53 ? 20   ALA A CA   1 
ATOM   182 C C    . ALA A 1 20 ? -8.339  10.783  -7.068  1.00 14.64 ? 20   ALA A C    1 
ATOM   183 O O    . ALA A 1 20 ? -8.893  11.130  -6.018  1.00 15.10 ? 20   ALA A O    1 
ATOM   184 C CB   . ALA A 1 20 ? -9.545  8.912   -8.131  1.00 11.78 ? 20   ALA A CB   1 
ATOM   185 H H    . ALA A 1 20 ? -8.769  7.911   -5.973  1.00 0.00  ? 20   ALA A H    1 
ATOM   186 N N    . HIS A 1 21 ? -7.751  11.652  -7.882  1.00 15.03 ? 21   HIS A N    1 
ATOM   187 C CA   . HIS A 1 21 ? -7.829  13.088  -7.620  1.00 18.02 ? 21   HIS A CA   1 
ATOM   188 C C    . HIS A 1 21 ? -9.295  13.471  -7.787  1.00 16.34 ? 21   HIS A C    1 
ATOM   189 O O    . HIS A 1 21 ? -10.013 12.841  -8.559  1.00 16.67 ? 21   HIS A O    1 
ATOM   190 C CB   . HIS A 1 21 ? -7.050  13.885  -8.675  1.00 23.24 ? 21   HIS A CB   1 
ATOM   191 C CG   . HIS A 1 21 ? -5.572  13.912  -8.460  1.00 30.07 ? 21   HIS A CG   1 
ATOM   192 N ND1  . HIS A 1 21 ? -4.999  14.084  -7.217  1.00 33.61 ? 21   HIS A ND1  1 
ATOM   193 C CD2  . HIS A 1 21 ? -4.543  13.806  -9.336  1.00 31.62 ? 21   HIS A CD2  1 
ATOM   194 C CE1  . HIS A 1 21 ? -3.682  14.079  -7.338  1.00 33.05 ? 21   HIS A CE1  1 
ATOM   195 N NE2  . HIS A 1 21 ? -3.381  13.912  -8.612  1.00 31.37 ? 21   HIS A NE2  1 
ATOM   196 H H    . HIS A 1 21 ? -7.297  11.316  -8.686  1.00 0.00  ? 21   HIS A H    1 
ATOM   197 H HD1  . HIS A 1 21 ? -5.464  14.159  -6.346  1.00 0.00  ? 21   HIS A HD1  1 
ATOM   198 H HE2  . HIS A 1 21 ? -2.463  13.858  -8.971  1.00 0.00  ? 21   HIS A HE2  1 
ATOM   199 N N    . GLY A 1 22 ? -9.749  14.468  -7.045  1.00 16.91 ? 22   GLY A N    1 
ATOM   200 C CA   . GLY A 1 22 ? -11.119 14.924  -7.207  1.00 14.76 ? 22   GLY A CA   1 
ATOM   201 C C    . GLY A 1 22 ? -12.218 14.146  -6.530  1.00 14.87 ? 22   GLY A C    1 
ATOM   202 O O    . GLY A 1 22 ? -13.088 14.745  -5.903  1.00 15.47 ? 22   GLY A O    1 
ATOM   203 H H    . GLY A 1 22 ? -9.190  14.883  -6.345  1.00 0.00  ? 22   GLY A H    1 
ATOM   204 N N    . THR A 1 23 ? -12.245 12.833  -6.706  1.00 13.73 ? 23   THR A N    1 
ATOM   205 C CA   . THR A 1 23 ? -13.277 12.035  -6.065  1.00 14.09 ? 23   THR A CA   1 
ATOM   206 C C    . THR A 1 23 ? -12.800 11.388  -4.771  1.00 15.61 ? 23   THR A C    1 
ATOM   207 O O    . THR A 1 23 ? -13.608 11.077  -3.890  1.00 14.69 ? 23   THR A O    1 
ATOM   208 C CB   . THR A 1 23 ? -13.773 10.914  -6.977  1.00 15.70 ? 23   THR A CB   1 
ATOM   209 O OG1  . THR A 1 23 ? -12.663 10.092  -7.378  1.00 15.37 ? 23   THR A OG1  1 
ATOM   210 C CG2  . THR A 1 23 ? -14.491 11.483  -8.186  1.00 14.55 ? 23   THR A CG2  1 
ATOM   211 H H    . THR A 1 23 ? -11.599 12.390  -7.299  1.00 0.00  ? 23   THR A H    1 
ATOM   212 H HG1  . THR A 1 23 ? -12.951 9.543   -8.122  1.00 0.00  ? 23   THR A HG1  1 
ATOM   213 N N    . GLY A 1 24 ? -11.494 11.147  -4.682  1.00 14.91 ? 24   GLY A N    1 
ATOM   214 C CA   . GLY A 1 24 ? -10.943 10.490  -3.514  1.00 14.99 ? 24   GLY A CA   1 
ATOM   215 C C    . GLY A 1 24 ? -11.246 8.992   -3.497  1.00 15.80 ? 24   GLY A C    1 
ATOM   216 O O    . GLY A 1 24 ? -11.059 8.338   -2.481  1.00 17.15 ? 24   GLY A O    1 
ATOM   217 H H    . GLY A 1 24 ? -10.894 11.397  -5.414  1.00 0.00  ? 24   GLY A H    1 
ATOM   218 N N    . ASN A 1 25 ? -11.732 8.450   -4.611  1.00 14.35 ? 25   ASN A N    1 
ATOM   219 C CA   . ASN A 1 25 ? -12.045 7.036   -4.701  1.00 14.12 ? 25   ASN A CA   1 
ATOM   220 C C    . ASN A 1 25 ? -10.778 6.183   -4.637  1.00 14.14 ? 25   ASN A C    1 
ATOM   221 O O    . ASN A 1 25 ? -9.737  6.557   -5.178  1.00 13.05 ? 25   ASN A O    1 
ATOM   222 C CB   . ASN A 1 25 ? -12.760 6.725   -6.016  1.00 17.84 ? 25   ASN A CB   1 
ATOM   223 C CG   . ASN A 1 25 ? -14.209 7.190   -6.028  1.00 23.27 ? 25   ASN A CG   1 
ATOM   224 O OD1  . ASN A 1 25 ? -14.821 7.419   -4.981  1.00 24.91 ? 25   ASN A OD1  1 
ATOM   225 N ND2  . ASN A 1 25 ? -14.764 7.324   -7.218  1.00 27.37 ? 25   ASN A ND2  1 
ATOM   226 H H    . ASN A 1 25 ? -11.873 9.021   -5.393  1.00 0.00  ? 25   ASN A H    1 
ATOM   227 H HD21 . ASN A 1 25 ? -15.701 7.605   -7.243  1.00 0.00  ? 25   ASN A HD21 1 
ATOM   228 H HD22 . ASN A 1 25 ? -14.230 7.142   -8.023  1.00 0.00  ? 25   ASN A HD22 1 
ATOM   229 N N    . GLU A 1 26 ? -10.886 5.028   -3.992  1.00 14.58 ? 26   GLU A N    1 
ATOM   230 C CA   . GLU A 1 26 ? -9.778  4.097   -3.879  1.00 14.90 ? 26   GLU A CA   1 
ATOM   231 C C    . GLU A 1 26 ? -9.558  3.472   -5.252  1.00 14.33 ? 26   GLU A C    1 
ATOM   232 O O    . GLU A 1 26 ? -10.516 3.188   -5.976  1.00 14.68 ? 26   GLU A O    1 
ATOM   233 C CB   . GLU A 1 26 ? -10.108 3.013   -2.854  1.00 17.54 ? 26   GLU A CB   1 
ATOM   234 C CG   . GLU A 1 26 ? -10.371 3.570   -1.470  1.00 21.24 ? 26   GLU A CG   1 
ATOM   235 C CD   . GLU A 1 26 ? -10.365 2.506   -0.394  1.00 23.75 ? 26   GLU A CD   1 
ATOM   236 O OE1  . GLU A 1 26 ? -10.167 1.325   -0.730  1.00 25.33 ? 26   GLU A OE1  1 
ATOM   237 O OE2  . GLU A 1 26 ? -10.559 2.851   0.792   1.00 27.24 ? 26   GLU A OE2  1 
ATOM   238 H H    . GLU A 1 26 ? -11.751 4.781   -3.596  1.00 0.00  ? 26   GLU A H    1 
ATOM   239 N N    . LEU A 1 27 ? -8.298  3.268   -5.618  1.00 13.48 ? 27   LEU A N    1 
ATOM   240 C CA   . LEU A 1 27 ? -7.976  2.698   -6.921  1.00 12.49 ? 27   LEU A CA   1 
ATOM   241 C C    . LEU A 1 27 ? -7.199  1.404   -6.743  1.00 11.80 ? 27   LEU A C    1 
ATOM   242 O O    . LEU A 1 27 ? -5.976  1.430   -6.626  1.00 11.76 ? 27   LEU A O    1 
ATOM   243 C CB   . LEU A 1 27 ? -7.164  3.705   -7.738  1.00 12.69 ? 27   LEU A CB   1 
ATOM   244 C CG   . LEU A 1 27 ? -7.888  5.047   -7.929  1.00 12.23 ? 27   LEU A CG   1 
ATOM   245 C CD1  . LEU A 1 27 ? -6.965  6.078   -8.527  1.00 11.34 ? 27   LEU A CD1  1 
ATOM   246 C CD2  . LEU A 1 27 ? -9.115  4.857   -8.798  1.00 14.25 ? 27   LEU A CD2  1 
ATOM   247 H H    . LEU A 1 27 ? -7.559  3.471   -5.000  1.00 0.00  ? 27   LEU A H    1 
ATOM   248 N N    . ARG A 1 28 ? -7.905  0.277   -6.738  1.00 10.10 ? 28   ARG A N    1 
ATOM   249 C CA   . ARG A 1 28 ? -7.247  -1.003  -6.535  1.00 13.05 ? 28   ARG A CA   1 
ATOM   250 C C    . ARG A 1 28 ? -6.200  -1.403  -7.557  1.00 12.49 ? 28   ARG A C    1 
ATOM   251 O O    . ARG A 1 28 ? -5.154  -1.916  -7.179  1.00 10.72 ? 28   ARG A O    1 
ATOM   252 C CB   . ARG A 1 28 ? -8.254  -2.144  -6.335  1.00 16.08 ? 28   ARG A CB   1 
ATOM   253 C CG   . ARG A 1 28 ? -9.033  -2.568  -7.539  1.00 18.86 ? 28   ARG A CG   1 
ATOM   254 C CD   . ARG A 1 28 ? -10.017 -3.681  -7.162  1.00 23.78 ? 28   ARG A CD   1 
ATOM   255 N NE   . ARG A 1 28 ? -9.344  -4.930  -6.827  1.00 25.48 ? 28   ARG A NE   1 
ATOM   256 C CZ   . ARG A 1 28 ? -9.474  -5.580  -5.667  1.00 27.71 ? 28   ARG A CZ   1 
ATOM   257 N NH1  . ARG A 1 28 ? -10.255 -5.109  -4.699  1.00 26.34 ? 28   ARG A NH1  1 
ATOM   258 N NH2  . ARG A 1 28 ? -8.810  -6.712  -5.474  1.00 25.21 ? 28   ARG A NH2  1 
ATOM   259 H H    . ARG A 1 28 ? -8.877  0.322   -6.856  1.00 0.00  ? 28   ARG A H    1 
ATOM   260 H HE   . ARG A 1 28 ? -8.753  -5.325  -7.500  1.00 0.00  ? 28   ARG A HE   1 
ATOM   261 H HH11 . ARG A 1 28 ? -10.759 -4.255  -4.824  1.00 0.00  ? 28   ARG A HH11 1 
ATOM   262 H HH12 . ARG A 1 28 ? -10.334 -5.613  -3.839  1.00 0.00  ? 28   ARG A HH12 1 
ATOM   263 H HH21 . ARG A 1 28 ? -8.229  -7.074  -6.196  1.00 0.00  ? 28   ARG A HH21 1 
ATOM   264 H HH22 . ARG A 1 28 ? -8.903  -7.213  -4.629  1.00 0.00  ? 28   ARG A HH22 1 
ATOM   265 N N    . TYR A 1 29 ? -6.443  -1.138  -8.835  1.00 11.28 ? 29   TYR A N    1 
ATOM   266 C CA   . TYR A 1 29 ? -5.473  -1.528  -9.853  1.00 11.88 ? 29   TYR A CA   1 
ATOM   267 C C    . TYR A 1 29 ? -4.193  -0.716  -9.801  1.00 10.55 ? 29   TYR A C    1 
ATOM   268 O O    . TYR A 1 29 ? -3.105  -1.253  -10.016 1.00 11.23 ? 29   TYR A O    1 
ATOM   269 C CB   . TYR A 1 29 ? -6.115  -1.555  -11.237 1.00 10.31 ? 29   TYR A CB   1 
ATOM   270 C CG   . TYR A 1 29 ? -7.261  -2.545  -11.267 1.00 13.31 ? 29   TYR A CG   1 
ATOM   271 C CD1  . TYR A 1 29 ? -7.023  -3.912  -11.159 1.00 13.49 ? 29   TYR A CD1  1 
ATOM   272 C CD2  . TYR A 1 29 ? -8.584  -2.114  -11.344 1.00 16.68 ? 29   TYR A CD2  1 
ATOM   273 C CE1  . TYR A 1 29 ? -8.069  -4.830  -11.122 1.00 16.75 ? 29   TYR A CE1  1 
ATOM   274 C CE2  . TYR A 1 29 ? -9.648  -3.034  -11.308 1.00 18.01 ? 29   TYR A CE2  1 
ATOM   275 C CZ   . TYR A 1 29 ? -9.379  -4.387  -11.198 1.00 18.23 ? 29   TYR A CZ   1 
ATOM   276 O OH   . TYR A 1 29 ? -10.415 -5.296  -11.169 1.00 22.74 ? 29   TYR A OH   1 
ATOM   277 H H    . TYR A 1 29 ? -7.261  -0.657  -9.088  1.00 0.00  ? 29   TYR A H    1 
ATOM   278 H HH   . TYR A 1 29 ? -10.083 -6.177  -10.936 1.00 0.00  ? 29   TYR A HH   1 
ATOM   279 N N    . ALA A 1 30 ? -4.311  0.568   -9.483  1.00 10.22 ? 30   ALA A N    1 
ATOM   280 C CA   . ALA A 1 30 ? -3.138  1.431   -9.341  1.00 8.67  ? 30   ALA A CA   1 
ATOM   281 C C    . ALA A 1 30 ? -2.383  0.960   -8.090  1.00 9.82  ? 30   ALA A C    1 
ATOM   282 O O    . ALA A 1 30 ? -1.160  0.871   -8.092  1.00 10.83 ? 30   ALA A O    1 
ATOM   283 C CB   . ALA A 1 30 ? -3.570  2.886   -9.178  1.00 7.65  ? 30   ALA A CB   1 
ATOM   284 H H    . ALA A 1 30 ? -5.208  0.943   -9.333  1.00 0.00  ? 30   ALA A H    1 
ATOM   285 N N    . THR A 1 31 ? -3.121  0.633   -7.032  1.00 10.33 ? 31   THR A N    1 
ATOM   286 C CA   . THR A 1 31 ? -2.516  0.146   -5.798  1.00 9.49  ? 31   THR A CA   1 
ATOM   287 C C    . THR A 1 31 ? -1.766  -1.185  -6.028  1.00 10.32 ? 31   THR A C    1 
ATOM   288 O O    . THR A 1 31 ? -0.610  -1.327  -5.619  1.00 9.06  ? 31   THR A O    1 
ATOM   289 C CB   . THR A 1 31 ? -3.587  -0.011  -4.681  1.00 9.57  ? 31   THR A CB   1 
ATOM   290 O OG1  . THR A 1 31 ? -4.172  1.268   -4.403  1.00 7.08  ? 31   THR A OG1  1 
ATOM   291 C CG2  . THR A 1 31 ? -2.954  -0.593  -3.393  1.00 9.61  ? 31   THR A CG2  1 
ATOM   292 H H    . THR A 1 31 ? -4.097  0.739   -7.034  1.00 0.00  ? 31   THR A H    1 
ATOM   293 H HG1  . THR A 1 31 ? -5.090  1.141   -4.107  1.00 0.00  ? 31   THR A HG1  1 
ATOM   294 N N    . ALA A 1 32 ? -2.409  -2.144  -6.698  1.00 10.28 ? 32   ALA A N    1 
ATOM   295 C CA   . ALA A 1 32 ? -1.794  -3.451  -6.978  1.00 9.92  ? 32   ALA A CA   1 
ATOM   296 C C    . ALA A 1 32 ? -0.509  -3.311  -7.807  1.00 11.98 ? 32   ALA A C    1 
ATOM   297 O O    . ALA A 1 32 ? 0.477   -4.020  -7.559  1.00 11.99 ? 32   ALA A O    1 
ATOM   298 C CB   . ALA A 1 32 ? -2.778  -4.349  -7.706  1.00 9.91  ? 32   ALA A CB   1 
ATOM   299 H H    . ALA A 1 32 ? -3.319  -1.978  -7.005  1.00 0.00  ? 32   ALA A H    1 
ATOM   300 N N    . ALA A 1 33 ? -0.516  -2.373  -8.759  1.00 10.43 ? 33   ALA A N    1 
ATOM   301 C CA   . ALA A 1 33 ? 0.628   -2.131  -9.634  1.00 11.49 ? 33   ALA A CA   1 
ATOM   302 C C    . ALA A 1 33 ? 1.888   -1.651  -8.911  1.00 11.89 ? 33   ALA A C    1 
ATOM   303 O O    . ALA A 1 33 ? 2.976   -1.678  -9.481  1.00 14.76 ? 33   ALA A O    1 
ATOM   304 C CB   . ALA A 1 33 ? 0.248   -1.159  -10.745 1.00 10.01 ? 33   ALA A CB   1 
ATOM   305 H H    . ALA A 1 33 ? -1.337  -1.857  -8.889  1.00 0.00  ? 33   ALA A H    1 
ATOM   306 N N    . GLY A 1 34 ? 1.756   -1.206  -7.666  1.00 10.50 ? 34   GLY A N    1 
ATOM   307 C CA   . GLY A 1 34 ? 2.928   -0.758  -6.935  1.00 10.24 ? 34   GLY A CA   1 
ATOM   308 C C    . GLY A 1 34 ? 3.108   -1.518  -5.634  1.00 12.26 ? 34   GLY A C    1 
ATOM   309 O O    . GLY A 1 34 ? 3.776   -1.042  -4.712  1.00 14.15 ? 34   GLY A O    1 
ATOM   310 H H    . GLY A 1 34 ? 0.883   -1.208  -7.215  1.00 0.00  ? 34   GLY A H    1 
ATOM   311 N N    . CYS A 1 35 ? 2.547   -2.720  -5.573  1.00 12.14 ? 35   CYS A N    1 
ATOM   312 C CA   . CYS A 1 35 ? 2.598   -3.539  -4.367  1.00 13.07 ? 35   CYS A CA   1 
ATOM   313 C C    . CYS A 1 35 ? 2.964   -4.994  -4.673  1.00 14.93 ? 35   CYS A C    1 
ATOM   314 O O    . CYS A 1 35 ? 3.029   -5.398  -5.835  1.00 16.02 ? 35   CYS A O    1 
ATOM   315 C CB   . CYS A 1 35 ? 1.226   -3.492  -3.677  1.00 10.80 ? 35   CYS A CB   1 
ATOM   316 S SG   . CYS A 1 35 ? 1.222   -3.983  -1.931  1.00 10.83 ? 35   CYS A SG   1 
ATOM   317 H H    . CYS A 1 35 ? 2.073   -3.101  -6.344  1.00 0.00  ? 35   CYS A H    1 
ATOM   318 N N    . GLY A 1 36 ? 3.188   -5.774  -3.621  1.00 16.70 ? 36   GLY A N    1 
ATOM   319 C CA   . GLY A 1 36 ? 3.533   -7.174  -3.788  1.00 20.70 ? 36   GLY A CA   1 
ATOM   320 C C    . GLY A 1 36 ? 4.868   -7.307  -4.487  1.00 24.18 ? 36   GLY A C    1 
ATOM   321 O O    . GLY A 1 36 ? 5.870   -6.742  -4.038  1.00 24.31 ? 36   GLY A O    1 
ATOM   322 H H    . GLY A 1 36 ? 3.160   -5.386  -2.718  1.00 0.00  ? 36   GLY A H    1 
ATOM   323 N N    . ASP A 1 37 ? 4.868   -7.974  -5.637  1.00 27.61 ? 37   ASP A N    1 
ATOM   324 C CA   . ASP A 1 37 ? 6.093   -8.174  -6.414  1.00 30.79 ? 37   ASP A CA   1 
ATOM   325 C C    . ASP A 1 37 ? 6.742   -6.870  -6.860  1.00 30.05 ? 37   ASP A C    1 
ATOM   326 O O    . ASP A 1 37 ? 7.917   -6.839  -7.227  1.00 31.07 ? 37   ASP A O    1 
ATOM   327 C CB   . ASP A 1 37 ? 5.808   -9.036  -7.652  1.00 37.86 ? 37   ASP A CB   1 
ATOM   328 C CG   . ASP A 1 37 ? 5.446   -10.479 -7.300  1.00 45.02 ? 37   ASP A CG   1 
ATOM   329 O OD1  . ASP A 1 37 ? 5.998   -11.025 -6.310  1.00 50.89 ? 37   ASP A OD1  1 
ATOM   330 O OD2  . ASP A 1 37 ? 4.611   -11.072 -8.023  1.00 49.51 ? 37   ASP A OD2  1 
ATOM   331 H H    . ASP A 1 37 ? 4.018   -8.337  -5.958  1.00 0.00  ? 37   ASP A H    1 
ATOM   332 N N    . HIS A 1 38 ? 5.981   -5.786  -6.828  1.00 27.26 ? 38   HIS A N    1 
ATOM   333 C CA   . HIS A 1 38 ? 6.505   -4.507  -7.265  1.00 26.19 ? 38   HIS A CA   1 
ATOM   334 C C    . HIS A 1 38 ? 7.145   -3.699  -6.162  1.00 23.79 ? 38   HIS A C    1 
ATOM   335 O O    . HIS A 1 38 ? 7.743   -2.656  -6.427  1.00 23.67 ? 38   HIS A O    1 
ATOM   336 C CB   . HIS A 1 38 ? 5.399   -3.690  -7.920  1.00 27.90 ? 38   HIS A CB   1 
ATOM   337 C CG   . HIS A 1 38 ? 4.634   -4.447  -8.949  1.00 30.47 ? 38   HIS A CG   1 
ATOM   338 N ND1  . HIS A 1 38 ? 5.067   -4.575  -10.252 1.00 31.35 ? 38   HIS A ND1  1 
ATOM   339 C CD2  . HIS A 1 38 ? 3.465   -5.128  -8.870  1.00 32.22 ? 38   HIS A CD2  1 
ATOM   340 C CE1  . HIS A 1 38 ? 4.197   -5.302  -10.931 1.00 33.91 ? 38   HIS A CE1  1 
ATOM   341 N NE2  . HIS A 1 38 ? 3.214   -5.648  -10.115 1.00 34.57 ? 38   HIS A NE2  1 
ATOM   342 H H    . HIS A 1 38 ? 5.066   -5.840  -6.480  1.00 0.00  ? 38   HIS A H    1 
ATOM   343 H HD1  . HIS A 1 38 ? 5.874   -4.159  -10.630 1.00 0.00  ? 38   HIS A HD1  1 
ATOM   344 H HE2  . HIS A 1 38 ? 2.387   -6.133  -10.355 1.00 0.00  ? 38   HIS A HE2  1 
ATOM   345 N N    . LEU A 1 39 ? 7.019   -4.158  -4.928  1.00 19.88 ? 39   LEU A N    1 
ATOM   346 C CA   . LEU A 1 39 ? 7.598   -3.422  -3.816  1.00 20.85 ? 39   LEU A CA   1 
ATOM   347 C C    . LEU A 1 39 ? 8.044   -4.422  -2.761  1.00 21.39 ? 39   LEU A C    1 
ATOM   348 O O    . LEU A 1 39 ? 7.215   -4.991  -2.041  1.00 21.34 ? 39   LEU A O    1 
ATOM   349 C CB   . LEU A 1 39 ? 6.565   -2.440  -3.245  1.00 17.86 ? 39   LEU A CB   1 
ATOM   350 C CG   . LEU A 1 39 ? 6.992   -1.559  -2.071  1.00 18.26 ? 39   LEU A CG   1 
ATOM   351 C CD1  . LEU A 1 39 ? 8.230   -0.733  -2.403  1.00 19.08 ? 39   LEU A CD1  1 
ATOM   352 C CD2  . LEU A 1 39 ? 5.846   -0.660  -1.696  1.00 20.71 ? 39   LEU A CD2  1 
ATOM   353 H H    . LEU A 1 39 ? 6.576   -5.008  -4.721  1.00 0.00  ? 39   LEU A H    1 
ATOM   354 N N    . SER A 1 40 ? 9.351   -4.660  -2.702  1.00 22.23 ? 40   SER A N    1 
ATOM   355 C CA   . SER A 1 40 ? 9.912   -5.617  -1.761  1.00 23.26 ? 40   SER A CA   1 
ATOM   356 C C    . SER A 1 40 ? 9.411   -5.348  -0.353  1.00 21.90 ? 40   SER A C    1 
ATOM   357 O O    . SER A 1 40 ? 9.276   -4.190  0.055   1.00 23.44 ? 40   SER A O    1 
ATOM   358 C CB   . SER A 1 40 ? 11.439  -5.549  -1.785  1.00 27.98 ? 40   SER A CB   1 
ATOM   359 O OG   . SER A 1 40 ? 11.913  -5.509  -3.121  1.00 37.05 ? 40   SER A OG   1 
ATOM   360 H H    . SER A 1 40 ? 9.957   -4.171  -3.287  1.00 0.00  ? 40   SER A H    1 
ATOM   361 H HG   . SER A 1 40 ? 12.873  -5.555  -3.060  1.00 0.00  ? 40   SER A HG   1 
ATOM   362 N N    . LYS A 1 41 ? 9.071   -6.424  0.346   1.00 18.46 ? 41   LYS A N    1 
ATOM   363 C CA   . LYS A 1 41 ? 8.581   -6.375  1.719   1.00 20.19 ? 41   LYS A CA   1 
ATOM   364 C C    . LYS A 1 41 ? 7.141   -5.901  1.864   1.00 17.41 ? 41   LYS A C    1 
ATOM   365 O O    . LYS A 1 41 ? 6.690   -5.656  2.972   1.00 20.53 ? 41   LYS A O    1 
ATOM   366 C CB   . LYS A 1 41 ? 9.495   -5.520  2.607   1.00 24.67 ? 41   LYS A CB   1 
ATOM   367 C CG   . LYS A 1 41 ? 10.918  -6.037  2.731   1.00 32.76 ? 41   LYS A CG   1 
ATOM   368 C CD   . LYS A 1 41 ? 11.807  -4.957  3.322   1.00 39.36 ? 41   LYS A CD   1 
ATOM   369 C CE   . LYS A 1 41 ? 13.282  -5.330  3.198   1.00 44.73 ? 41   LYS A CE   1 
ATOM   370 N NZ   . LYS A 1 41 ? 14.199  -4.198  3.581   1.00 46.82 ? 41   LYS A NZ   1 
ATOM   371 H H    . LYS A 1 41 ? 9.148   -7.308  -0.083  1.00 0.00  ? 41   LYS A H    1 
ATOM   372 H HZ1  . LYS A 1 41 ? 14.016  -3.384  2.959   1.00 0.00  ? 41   LYS A HZ1  1 
ATOM   373 H HZ2  . LYS A 1 41 ? 14.016  -3.925  4.568   1.00 0.00  ? 41   LYS A HZ2  1 
ATOM   374 H HZ3  . LYS A 1 41 ? 15.188  -4.498  3.478   1.00 0.00  ? 41   LYS A HZ3  1 
ATOM   375 N N    . SER A 1 42 ? 6.408   -5.798  0.768   1.00 15.45 ? 42   SER A N    1 
ATOM   376 C CA   . SER A 1 42 ? 5.023   -5.360  0.864   1.00 14.16 ? 42   SER A CA   1 
ATOM   377 C C    . SER A 1 42 ? 4.106   -6.560  0.687   1.00 13.38 ? 42   SER A C    1 
ATOM   378 O O    . SER A 1 42 ? 4.541   -7.622  0.228   1.00 14.34 ? 42   SER A O    1 
ATOM   379 C CB   . SER A 1 42 ? 4.705   -4.283  -0.189  1.00 13.13 ? 42   SER A CB   1 
ATOM   380 O OG   . SER A 1 42 ? 4.711   -4.804  -1.507  1.00 15.38 ? 42   SER A OG   1 
ATOM   381 H H    . SER A 1 42 ? 6.784   -6.010  -0.109  1.00 0.00  ? 42   SER A H    1 
ATOM   382 H HG   . SER A 1 42 ? 5.530   -5.277  -1.637  1.00 0.00  ? 42   SER A HG   1 
ATOM   383 N N    . TYR A 1 43 ? 2.851   -6.396  1.082   1.00 10.97 ? 43   TYR A N    1 
ATOM   384 C CA   . TYR A 1 43 ? 1.857   -7.438  0.955   1.00 9.47  ? 43   TYR A CA   1 
ATOM   385 C C    . TYR A 1 43 ? 0.626   -6.790  0.344   1.00 9.27  ? 43   TYR A C    1 
ATOM   386 O O    . TYR A 1 43 ? 0.139   -5.796  0.867   1.00 9.22  ? 43   TYR A O    1 
ATOM   387 C CB   . TYR A 1 43 ? 1.501   -8.026  2.313   1.00 11.13 ? 43   TYR A CB   1 
ATOM   388 C CG   . TYR A 1 43 ? 0.393   -9.062  2.243   1.00 15.28 ? 43   TYR A CG   1 
ATOM   389 C CD1  . TYR A 1 43 ? 0.672   -10.396 1.919   1.00 15.66 ? 43   TYR A CD1  1 
ATOM   390 C CD2  . TYR A 1 43 ? -0.944  -8.703  2.478   1.00 16.08 ? 43   TYR A CD2  1 
ATOM   391 C CE1  . TYR A 1 43 ? -0.356  -11.342 1.831   1.00 16.87 ? 43   TYR A CE1  1 
ATOM   392 C CE2  . TYR A 1 43 ? -1.971  -9.636  2.394   1.00 17.96 ? 43   TYR A CE2  1 
ATOM   393 C CZ   . TYR A 1 43 ? -1.668  -10.947 2.071   1.00 19.47 ? 43   TYR A CZ   1 
ATOM   394 O OH   . TYR A 1 43 ? -2.684  -11.862 1.995   1.00 26.25 ? 43   TYR A OH   1 
ATOM   395 H H    . TYR A 1 43 ? 2.569   -5.544  1.475   1.00 0.00  ? 43   TYR A H    1 
ATOM   396 H HH   . TYR A 1 43 ? -2.295  -12.713 1.771   1.00 0.00  ? 43   TYR A HH   1 
ATOM   397 N N    . TYR A 1 44 ? 0.183   -7.299  -0.800  1.00 7.17  ? 44   TYR A N    1 
ATOM   398 C CA   . TYR A 1 44 ? -1.014  -6.774  -1.440  1.00 9.19  ? 44   TYR A CA   1 
ATOM   399 C C    . TYR A 1 44 ? -2.215  -7.570  -0.963  1.00 9.09  ? 44   TYR A C    1 
ATOM   400 O O    . TYR A 1 44 ? -2.292  -8.788  -1.162  1.00 10.34 ? 44   TYR A O    1 
ATOM   401 C CB   . TYR A 1 44 ? -0.937  -6.844  -2.970  1.00 9.70  ? 44   TYR A CB   1 
ATOM   402 C CG   . TYR A 1 44 ? -2.223  -6.366  -3.638  1.00 10.95 ? 44   TYR A CG   1 
ATOM   403 C CD1  . TYR A 1 44 ? -2.612  -5.024  -3.557  1.00 12.11 ? 44   TYR A CD1  1 
ATOM   404 C CD2  . TYR A 1 44 ? -3.065  -7.256  -4.315  1.00 10.76 ? 44   TYR A CD2  1 
ATOM   405 C CE1  . TYR A 1 44 ? -3.810  -4.578  -4.134  1.00 10.85 ? 44   TYR A CE1  1 
ATOM   406 C CE2  . TYR A 1 44 ? -4.271  -6.815  -4.898  1.00 12.13 ? 44   TYR A CE2  1 
ATOM   407 C CZ   . TYR A 1 44 ? -4.628  -5.482  -4.801  1.00 11.08 ? 44   TYR A CZ   1 
ATOM   408 O OH   . TYR A 1 44 ? -5.793  -5.029  -5.368  1.00 15.16 ? 44   TYR A OH   1 
ATOM   409 H H    . TYR A 1 44 ? 0.655   -8.061  -1.208  1.00 0.00  ? 44   TYR A H    1 
ATOM   410 H HH   . TYR A 1 44 ? -6.157  -5.712  -5.958  1.00 0.00  ? 44   TYR A HH   1 
ATOM   411 N N    . ASP A 1 45 ? -3.144  -6.888  -0.316  1.00 8.37  ? 45   ASP A N    1 
ATOM   412 C CA   . ASP A 1 45 ? -4.347  -7.542  0.161   1.00 10.35 ? 45   ASP A CA   1 
ATOM   413 C C    . ASP A 1 45 ? -5.447  -7.346  -0.881  1.00 11.30 ? 45   ASP A C    1 
ATOM   414 O O    . ASP A 1 45 ? -6.086  -6.291  -0.925  1.00 11.79 ? 45   ASP A O    1 
ATOM   415 C CB   . ASP A 1 45 ? -4.756  -6.964  1.522   1.00 11.78 ? 45   ASP A CB   1 
ATOM   416 C CG   . ASP A 1 45 ? -6.110  -7.463  1.995   1.00 13.79 ? 45   ASP A CG   1 
ATOM   417 O OD1  . ASP A 1 45 ? -6.572  -8.534  1.553   1.00 14.30 ? 45   ASP A OD1  1 
ATOM   418 O OD2  . ASP A 1 45 ? -6.721  -6.773  2.823   1.00 18.81 ? 45   ASP A OD2  1 
ATOM   419 H H    . ASP A 1 45 ? -3.011  -5.931  -0.166  1.00 0.00  ? 45   ASP A H    1 
ATOM   420 N N    . ALA A 1 46 ? -5.679  -8.375  -1.696  1.00 11.19 ? 46   ALA A N    1 
ATOM   421 C CA   . ALA A 1 46 ? -6.693  -8.321  -2.747  1.00 11.97 ? 46   ALA A CA   1 
ATOM   422 C C    . ALA A 1 46 ? -8.141  -8.166  -2.259  1.00 13.46 ? 46   ALA A C    1 
ATOM   423 O O    . ALA A 1 46 ? -9.007  -7.754  -3.027  1.00 14.42 ? 46   ALA A O    1 
ATOM   424 C CB   . ALA A 1 46 ? -6.567  -9.531  -3.656  1.00 12.99 ? 46   ALA A CB   1 
ATOM   425 H H    . ALA A 1 46 ? -5.134  -9.195  -1.600  1.00 0.00  ? 46   ALA A H    1 
ATOM   426 N N    . ARG A 1 47 ? -8.418  -8.512  -0.999  1.00 11.68 ? 47   ARG A N    1 
ATOM   427 C CA   . ARG A 1 47 ? -9.774  -8.376  -0.473  1.00 10.87 ? 47   ARG A CA   1 
ATOM   428 C C    . ARG A 1 47 ? -10.109 -6.908  -0.276  1.00 12.30 ? 47   ARG A C    1 
ATOM   429 O O    . ARG A 1 47 ? -11.168 -6.456  -0.688  1.00 14.46 ? 47   ARG A O    1 
ATOM   430 C CB   . ARG A 1 47 ? -9.945  -9.156  0.832   1.00 10.02 ? 47   ARG A CB   1 
ATOM   431 C CG   . ARG A 1 47 ? -9.731  -10.654 0.652   1.00 10.13 ? 47   ARG A CG   1 
ATOM   432 C CD   . ARG A 1 47 ? -9.970  -11.416 1.934   1.00 11.79 ? 47   ARG A CD   1 
ATOM   433 N NE   . ARG A 1 47 ? -11.383 -11.412 2.289   1.00 13.33 ? 47   ARG A NE   1 
ATOM   434 C CZ   . ARG A 1 47 ? -11.870 -11.841 3.449   1.00 17.72 ? 47   ARG A CZ   1 
ATOM   435 N NH1  . ARG A 1 47 ? -11.056 -12.310 4.397   1.00 17.00 ? 47   ARG A NH1  1 
ATOM   436 N NH2  . ARG A 1 47 ? -13.174 -11.790 3.668   1.00 14.13 ? 47   ARG A NH2  1 
ATOM   437 H H    . ARG A 1 47 ? -7.702  -8.883  -0.448  1.00 0.00  ? 47   ARG A H    1 
ATOM   438 H HE   . ARG A 1 47 ? -12.016 -11.061 1.634   1.00 0.00  ? 47   ARG A HE   1 
ATOM   439 H HH11 . ARG A 1 47 ? -10.068 -12.345 4.247   1.00 0.00  ? 47   ARG A HH11 1 
ATOM   440 H HH12 . ARG A 1 47 ? -11.439 -12.629 5.264   1.00 0.00  ? 47   ARG A HH12 1 
ATOM   441 H HH21 . ARG A 1 47 ? -13.770 -11.426 2.955   1.00 0.00  ? 47   ARG A HH21 1 
ATOM   442 H HH22 . ARG A 1 47 ? -13.567 -12.098 4.525   1.00 0.00  ? 47   ARG A HH22 1 
ATOM   443 N N    . ALA A 1 48 ? -9.181  -6.151  0.302   1.00 12.25 ? 48   ALA A N    1 
ATOM   444 C CA   . ALA A 1 48 ? -9.396  -4.722  0.533   1.00 12.73 ? 48   ALA A CA   1 
ATOM   445 C C    . ALA A 1 48 ? -8.855  -3.871  -0.601  1.00 12.96 ? 48   ALA A C    1 
ATOM   446 O O    . ALA A 1 48 ? -9.231  -2.712  -0.726  1.00 13.74 ? 48   ALA A O    1 
ATOM   447 C CB   . ALA A 1 48 ? -8.751  -4.291  1.838   1.00 14.70 ? 48   ALA A CB   1 
ATOM   448 H H    . ALA A 1 48 ? -8.335  -6.558  0.573   1.00 0.00  ? 48   ALA A H    1 
ATOM   449 N N    . GLY A 1 49 ? -7.992  -4.454  -1.433  1.00 13.02 ? 49   GLY A N    1 
ATOM   450 C CA   . GLY A 1 49 ? -7.381  -3.719  -2.527  1.00 12.17 ? 49   GLY A CA   1 
ATOM   451 C C    . GLY A 1 49 ? -6.385  -2.728  -1.951  1.00 12.35 ? 49   GLY A C    1 
ATOM   452 O O    . GLY A 1 49 ? -6.213  -1.635  -2.494  1.00 12.54 ? 49   GLY A O    1 
ATOM   453 H H    . GLY A 1 49 ? -7.763  -5.396  -1.325  1.00 0.00  ? 49   GLY A H    1 
ATOM   454 N N    . HIS A 1 50 ? -5.715  -3.114  -0.859  1.00 10.66 ? 50   HIS A N    1 
ATOM   455 C CA   . HIS A 1 50 ? -4.747  -2.241  -0.173  1.00 10.65 ? 50   HIS A CA   1 
ATOM   456 C C    . HIS A 1 50 ? -3.344  -2.844  -0.095  1.00 11.46 ? 50   HIS A C    1 
ATOM   457 O O    . HIS A 1 50 ? -3.189  -4.071  -0.174  1.00 12.12 ? 50   HIS A O    1 
ATOM   458 C CB   . HIS A 1 50 ? -5.227  -1.926  1.257   1.00 9.87  ? 50   HIS A CB   1 
ATOM   459 C CG   . HIS A 1 50 ? -6.487  -1.110  1.311   1.00 10.42 ? 50   HIS A CG   1 
ATOM   460 N ND1  . HIS A 1 50 ? -7.163  -0.853  2.485   1.00 10.48 ? 50   HIS A ND1  1 
ATOM   461 C CD2  . HIS A 1 50 ? -7.171  -0.460  0.339   1.00 9.50  ? 50   HIS A CD2  1 
ATOM   462 C CE1  . HIS A 1 50 ? -8.205  -0.082  2.237   1.00 11.48 ? 50   HIS A CE1  1 
ATOM   463 N NE2  . HIS A 1 50 ? -8.230  0.173   0.942   1.00 9.81  ? 50   HIS A NE2  1 
ATOM   464 H H    . HIS A 1 50 ? -5.823  -4.039  -0.550  1.00 0.00  ? 50   HIS A H    1 
ATOM   465 H HD1  . HIS A 1 50 ? -6.952  -1.022  3.387   1.00 0.00  ? 50   HIS A HD1  1 
ATOM   466 H HE2  . HIS A 1 50 ? -8.876  0.737   0.508   1.00 0.00  ? 50   HIS A HE2  1 
ATOM   467 N N    . CYS A 1 51 ? -2.340  -1.977  0.046   1.00 9.71  ? 51   CYS A N    1 
ATOM   468 C CA   . CYS A 1 51 ? -0.935  -2.394  0.161   1.00 10.88 ? 51   CYS A CA   1 
ATOM   469 C C    . CYS A 1 51 ? -0.491  -2.259  1.621   1.00 11.35 ? 51   CYS A C    1 
ATOM   470 O O    . CYS A 1 51 ? -0.666  -1.209  2.239   1.00 13.65 ? 51   CYS A O    1 
ATOM   471 C CB   . CYS A 1 51 ? -0.026  -1.533  -0.714  1.00 9.78  ? 51   CYS A CB   1 
ATOM   472 S SG   . CYS A 1 51 ? 1.630   -2.254  -0.962  1.00 10.71 ? 51   CYS A SG   1 
ATOM   473 H H    . CYS A 1 51 ? -2.524  -1.028  0.078   1.00 0.00  ? 51   CYS A H    1 
ATOM   474 N N    . LEU A 1 52 ? 0.085   -3.319  2.168   1.00 11.72 ? 52   LEU A N    1 
ATOM   475 C CA   . LEU A 1 52 ? 0.541   -3.309  3.552   1.00 11.85 ? 52   LEU A CA   1 
ATOM   476 C C    . LEU A 1 52 ? 2.041   -3.540  3.687   1.00 10.17 ? 52   LEU A C    1 
ATOM   477 O O    . LEU A 1 52 ? 2.648   -4.223  2.858   1.00 10.23 ? 52   LEU A O    1 
ATOM   478 C CB   . LEU A 1 52 ? -0.204  -4.387  4.347   1.00 14.28 ? 52   LEU A CB   1 
ATOM   479 C CG   . LEU A 1 52 ? -1.709  -4.179  4.514   1.00 16.27 ? 52   LEU A CG   1 
ATOM   480 C CD1  . LEU A 1 52 ? -2.462  -4.714  3.320   1.00 19.05 ? 52   LEU A CD1  1 
ATOM   481 C CD2  . LEU A 1 52 ? -2.160  -4.876  5.775   1.00 19.51 ? 52   LEU A CD2  1 
ATOM   482 H H    . LEU A 1 52 ? 0.236   -4.120  1.636   1.00 0.00  ? 52   LEU A H    1 
ATOM   483 N N    . PHE A 1 53 ? 2.647   -2.917  4.695   1.00 10.28 ? 53   PHE A N    1 
ATOM   484 C CA   . PHE A 1 53 ? 4.073   -3.110  4.978   1.00 11.92 ? 53   PHE A CA   1 
ATOM   485 C C    . PHE A 1 53 ? 4.442   -2.837  6.431   1.00 13.04 ? 53   PHE A C    1 
ATOM   486 O O    . PHE A 1 53 ? 3.699   -2.153  7.143   1.00 12.26 ? 53   PHE A O    1 
ATOM   487 C CB   . PHE A 1 53 ? 5.006   -2.359  4.006   1.00 9.89  ? 53   PHE A CB   1 
ATOM   488 C CG   . PHE A 1 53 ? 4.441   -1.078  3.453   1.00 10.69 ? 53   PHE A CG   1 
ATOM   489 C CD1  . PHE A 1 53 ? 4.481   0.096   4.200   1.00 10.35 ? 53   PHE A CD1  1 
ATOM   490 C CD2  . PHE A 1 53 ? 3.898   -1.045  2.167   1.00 9.13  ? 53   PHE A CD2  1 
ATOM   491 C CE1  . PHE A 1 53 ? 3.988   1.300   3.679   1.00 11.59 ? 53   PHE A CE1  1 
ATOM   492 C CE2  . PHE A 1 53 ? 3.402   0.149   1.633   1.00 11.93 ? 53   PHE A CE2  1 
ATOM   493 C CZ   . PHE A 1 53 ? 3.449   1.324   2.393   1.00 12.44 ? 53   PHE A CZ   1 
ATOM   494 H H    . PHE A 1 53 ? 2.132   -2.311  5.270   1.00 0.00  ? 53   PHE A H    1 
ATOM   495 N N    . SER A 1 54 ? 5.520   -3.485  6.887   1.00 15.31 ? 54   SER A N    1 
ATOM   496 C CA   . SER A 1 54 ? 6.037   -3.348  8.255   1.00 15.29 ? 54   SER A CA   1 
ATOM   497 C C    . SER A 1 54 ? 7.036   -2.193  8.262   1.00 16.44 ? 54   SER A C    1 
ATOM   498 O O    . SER A 1 54 ? 6.886   -1.250  9.036   1.00 17.26 ? 54   SER A O    1 
ATOM   499 C CB   . SER A 1 54 ? 6.683   -4.649  8.728   1.00 15.46 ? 54   SER A CB   1 
ATOM   500 O OG   . SER A 1 54 ? 6.888   -4.653  10.138  1.00 16.45 ? 54   SER A OG   1 
ATOM   501 H H    . SER A 1 54 ? 5.983   -4.059  6.270   1.00 0.00  ? 54   SER A H    1 
ATOM   502 H HG   . SER A 1 54 ? 7.550   -3.960  10.316  1.00 0.00  ? 54   SER A HG   1 
ATOM   503 N N    . ASP A 1 55 ? 8.052   -2.268  7.409   1.00 16.90 ? 55   ASP A N    1 
ATOM   504 C CA   . ASP A 1 55 ? 9.017   -1.169  7.264   1.00 18.93 ? 55   ASP A CA   1 
ATOM   505 C C    . ASP A 1 55 ? 8.205   0.001   6.677   1.00 18.03 ? 55   ASP A C    1 
ATOM   506 O O    . ASP A 1 55 ? 7.202   -0.220  5.987   1.00 17.23 ? 55   ASP A O    1 
ATOM   507 C CB   . ASP A 1 55 ? 10.128  -1.527  6.252   1.00 20.74 ? 55   ASP A CB   1 
ATOM   508 C CG   . ASP A 1 55 ? 11.213  -2.442  6.828   1.00 23.61 ? 55   ASP A CG   1 
ATOM   509 O OD1  . ASP A 1 55 ? 11.195  -2.761  8.036   1.00 25.16 ? 55   ASP A OD1  1 
ATOM   510 O OD2  . ASP A 1 55 ? 12.102  -2.836  6.051   1.00 23.55 ? 55   ASP A OD2  1 
ATOM   511 H H    . ASP A 1 55 ? 8.141   -3.074  6.855   1.00 0.00  ? 55   ASP A H    1 
ATOM   512 N N    . ASP A 1 56 ? 8.643   1.230   6.913   1.00 16.54 ? 56   ASP A N    1 
ATOM   513 C CA   . ASP A 1 56 ? 7.924   2.396   6.391   1.00 17.09 ? 56   ASP A CA   1 
ATOM   514 C C    . ASP A 1 56 ? 8.291   2.624   4.936   1.00 15.11 ? 56   ASP A C    1 
ATOM   515 O O    . ASP A 1 56 ? 9.294   3.273   4.636   1.00 16.19 ? 56   ASP A O    1 
ATOM   516 C CB   . ASP A 1 56 ? 8.263   3.651   7.203   1.00 20.10 ? 56   ASP A CB   1 
ATOM   517 C CG   . ASP A 1 56 ? 7.422   4.866   6.808   1.00 23.33 ? 56   ASP A CG   1 
ATOM   518 O OD1  . ASP A 1 56 ? 6.617   4.796   5.853   1.00 20.15 ? 56   ASP A OD1  1 
ATOM   519 O OD2  . ASP A 1 56 ? 7.566   5.901   7.486   1.00 25.36 ? 56   ASP A OD2  1 
ATOM   520 H H    . ASP A 1 56 ? 9.452   1.352   7.456   1.00 0.00  ? 56   ASP A H    1 
ATOM   521 N N    . LEU A 1 57 ? 7.466   2.107   4.036   1.00 14.30 ? 57   LEU A N    1 
ATOM   522 C CA   . LEU A 1 57 ? 7.705   2.253   2.605   1.00 13.72 ? 57   LEU A CA   1 
ATOM   523 C C    . LEU A 1 57 ? 6.786   3.313   1.993   1.00 15.38 ? 57   LEU A C    1 
ATOM   524 O O    . LEU A 1 57 ? 6.608   3.366   0.771   1.00 15.42 ? 57   LEU A O    1 
ATOM   525 C CB   . LEU A 1 57 ? 7.503   0.905   1.895   1.00 12.79 ? 57   LEU A CB   1 
ATOM   526 C CG   . LEU A 1 57 ? 8.304   -0.285  2.458   1.00 15.08 ? 57   LEU A CG   1 
ATOM   527 C CD1  . LEU A 1 57 ? 8.064   -1.544  1.619   1.00 12.98 ? 57   LEU A CD1  1 
ATOM   528 C CD2  . LEU A 1 57 ? 9.797   0.061   2.499   1.00 15.20 ? 57   LEU A CD2  1 
ATOM   529 H H    . LEU A 1 57 ? 6.701   1.581   4.356   1.00 0.00  ? 57   LEU A H    1 
ATOM   530 N N    . ARG A 1 58 ? 6.244   4.186   2.834   1.00 15.04 ? 58   ARG A N    1 
ATOM   531 C CA   . ARG A 1 58 ? 5.334   5.224   2.360   1.00 13.61 ? 58   ARG A CA   1 
ATOM   532 C C    . ARG A 1 58 ? 5.944   6.124   1.285   1.00 15.16 ? 58   ARG A C    1 
ATOM   533 O O    . ARG A 1 58 ? 5.251   6.504   0.350   1.00 14.20 ? 58   ARG A O    1 
ATOM   534 C CB   . ARG A 1 58 ? 4.805   6.063   3.529   1.00 13.00 ? 58   ARG A CB   1 
ATOM   535 C CG   . ARG A 1 58 ? 3.833   5.329   4.436   1.00 13.69 ? 58   ARG A CG   1 
ATOM   536 C CD   . ARG A 1 58 ? 3.381   6.240   5.541   1.00 13.85 ? 58   ARG A CD   1 
ATOM   537 N NE   . ARG A 1 58 ? 4.485   6.583   6.432   1.00 18.59 ? 58   ARG A NE   1 
ATOM   538 C CZ   . ARG A 1 58 ? 4.486   7.588   7.311   1.00 18.86 ? 58   ARG A CZ   1 
ATOM   539 N NH1  . ARG A 1 58 ? 3.439   8.399   7.438   1.00 19.99 ? 58   ARG A NH1  1 
ATOM   540 N NH2  . ARG A 1 58 ? 5.532   7.753   8.105   1.00 19.26 ? 58   ARG A NH2  1 
ATOM   541 H H    . ARG A 1 58 ? 6.464   4.134   3.782   1.00 0.00  ? 58   ARG A H    1 
ATOM   542 H HE   . ARG A 1 58 ? 5.288   6.049   6.409   1.00 0.00  ? 58   ARG A HE   1 
ATOM   543 H HH11 . ARG A 1 58 ? 2.624   8.265   6.875   1.00 0.00  ? 58   ARG A HH11 1 
ATOM   544 H HH12 . ARG A 1 58 ? 3.465   9.143   8.106   1.00 0.00  ? 58   ARG A HH12 1 
ATOM   545 H HH21 . ARG A 1 58 ? 6.309   7.137   8.055   1.00 0.00  ? 58   ARG A HH21 1 
ATOM   546 H HH22 . ARG A 1 58 ? 5.536   8.505   8.763   1.00 0.00  ? 58   ARG A HH22 1 
ATOM   547 N N    . ASN A 1 59 ? 7.237   6.432   1.381   1.00 15.06 ? 59   ASN A N    1 
ATOM   548 C CA   . ASN A 1 59 ? 7.864   7.295   0.384   1.00 17.13 ? 59   ASN A CA   1 
ATOM   549 C C    . ASN A 1 59 ? 7.856   6.627   -0.959  1.00 15.45 ? 59   ASN A C    1 
ATOM   550 O O    . ASN A 1 59 ? 7.555   7.245   -1.977  1.00 14.60 ? 59   ASN A O    1 
ATOM   551 C CB   . ASN A 1 59 ? 9.314   7.621   0.744   1.00 24.26 ? 59   ASN A CB   1 
ATOM   552 C CG   . ASN A 1 59 ? 9.434   8.779   1.728   1.00 31.17 ? 59   ASN A CG   1 
ATOM   553 O OD1  . ASN A 1 59 ? 8.437   9.374   2.149   1.00 36.10 ? 59   ASN A OD1  1 
ATOM   554 N ND2  . ASN A 1 59 ? 10.666  9.103   2.102   1.00 36.06 ? 59   ASN A ND2  1 
ATOM   555 H H    . ASN A 1 59 ? 7.749   6.101   2.146   1.00 0.00  ? 59   ASN A H    1 
ATOM   556 H HD21 . ASN A 1 59 ? 10.763  9.843   2.735   1.00 0.00  ? 59   ASN A HD21 1 
ATOM   557 H HD22 . ASN A 1 59 ? 11.426  8.609   1.730   1.00 0.00  ? 59   ASN A HD22 1 
ATOM   558 N N    . GLN A 1 60 ? 8.174   5.344   -0.952  1.00 13.57 ? 60   GLN A N    1 
ATOM   559 C CA   . GLN A 1 60 ? 8.219   4.577   -2.171  1.00 14.49 ? 60   GLN A CA   1 
ATOM   560 C C    . GLN A 1 60 ? 6.838   4.421   -2.765  1.00 13.58 ? 60   GLN A C    1 
ATOM   561 O O    . GLN A 1 60 ? 6.651   4.596   -3.971  1.00 12.42 ? 60   GLN A O    1 
ATOM   562 C CB   . GLN A 1 60 ? 8.847   3.211   -1.909  1.00 19.22 ? 60   GLN A CB   1 
ATOM   563 C CG   . GLN A 1 60 ? 10.338  3.278   -1.641  1.00 27.52 ? 60   GLN A CG   1 
ATOM   564 C CD   . GLN A 1 60 ? 10.698  2.993   -0.195  1.00 33.93 ? 60   GLN A CD   1 
ATOM   565 O OE1  . GLN A 1 60 ? 11.390  2.009   0.091   1.00 36.54 ? 60   GLN A OE1  1 
ATOM   566 N NE2  . GLN A 1 60 ? 10.257  3.862   0.724   1.00 33.14 ? 60   GLN A NE2  1 
ATOM   567 H H    . GLN A 1 60 ? 8.300   4.893   -0.096  1.00 0.00  ? 60   GLN A H    1 
ATOM   568 H HE21 . GLN A 1 60 ? 10.486  3.643   1.654   1.00 0.00  ? 60   GLN A HE21 1 
ATOM   569 H HE22 . GLN A 1 60 ? 9.757   4.643   0.444   1.00 0.00  ? 60   GLN A HE22 1 
ATOM   570 N N    . PHE A 1 61 ? 5.863   4.117   -1.914  1.00 12.42 ? 61   PHE A N    1 
ATOM   571 C CA   . PHE A 1 61 ? 4.493   3.942   -2.384  1.00 11.37 ? 61   PHE A CA   1 
ATOM   572 C C    . PHE A 1 61 ? 3.918   5.276   -2.846  1.00 11.09 ? 61   PHE A C    1 
ATOM   573 O O    . PHE A 1 61 ? 3.167   5.324   -3.820  1.00 12.76 ? 61   PHE A O    1 
ATOM   574 C CB   . PHE A 1 61 ? 3.612   3.307   -1.306  1.00 10.29 ? 61   PHE A CB   1 
ATOM   575 C CG   . PHE A 1 61 ? 2.366   2.682   -1.850  1.00 11.27 ? 61   PHE A CG   1 
ATOM   576 C CD1  . PHE A 1 61 ? 2.439   1.590   -2.711  1.00 13.31 ? 61   PHE A CD1  1 
ATOM   577 C CD2  . PHE A 1 61 ? 1.118   3.225   -1.562  1.00 12.35 ? 61   PHE A CD2  1 
ATOM   578 C CE1  . PHE A 1 61 ? 1.285   1.059   -3.284  1.00 14.53 ? 61   PHE A CE1  1 
ATOM   579 C CE2  . PHE A 1 61 ? -0.037  2.699   -2.131  1.00 12.69 ? 61   PHE A CE2  1 
ATOM   580 C CZ   . PHE A 1 61 ? 0.049   1.619   -2.991  1.00 12.68 ? 61   PHE A CZ   1 
ATOM   581 H H    . PHE A 1 61 ? 6.051   3.995   -0.961  1.00 0.00  ? 61   PHE A H    1 
ATOM   582 N N    . TYR A 1 62 ? 4.315   6.360   -2.182  1.00 10.87 ? 62   TYR A N    1 
ATOM   583 C CA   . TYR A 1 62 ? 3.851   7.703   -2.537  1.00 11.24 ? 62   TYR A CA   1 
ATOM   584 C C    . TYR A 1 62 ? 4.318   8.043   -3.952  1.00 11.00 ? 62   TYR A C    1 
ATOM   585 O O    . TYR A 1 62 ? 3.542   8.505   -4.787  1.00 11.44 ? 62   TYR A O    1 
ATOM   586 C CB   . TYR A 1 62 ? 4.407   8.732   -1.557  1.00 12.42 ? 62   TYR A CB   1 
ATOM   587 C CG   . TYR A 1 62 ? 4.056   10.138  -1.941  1.00 16.92 ? 62   TYR A CG   1 
ATOM   588 C CD1  . TYR A 1 62 ? 2.812   10.670  -1.631  1.00 19.61 ? 62   TYR A CD1  1 
ATOM   589 C CD2  . TYR A 1 62 ? 4.955   10.929  -2.649  1.00 18.15 ? 62   TYR A CD2  1 
ATOM   590 C CE1  . TYR A 1 62 ? 2.464   11.961  -2.016  1.00 23.43 ? 62   TYR A CE1  1 
ATOM   591 C CE2  . TYR A 1 62 ? 4.620   12.230  -3.043  1.00 21.59 ? 62   TYR A CE2  1 
ATOM   592 C CZ   . TYR A 1 62 ? 3.375   12.735  -2.717  1.00 23.20 ? 62   TYR A CZ   1 
ATOM   593 O OH   . TYR A 1 62 ? 3.042   14.026  -3.059  1.00 29.06 ? 62   TYR A OH   1 
ATOM   594 H H    . TYR A 1 62 ? 4.919   6.249   -1.431  1.00 0.00  ? 62   TYR A H    1 
ATOM   595 H HH   . TYR A 1 62 ? 2.138   14.183  -2.763  1.00 0.00  ? 62   TYR A HH   1 
ATOM   596 N N    . SER A 1 63 ? 5.588   7.763   -4.219  1.00 12.10 ? 63   SER A N    1 
ATOM   597 C CA   . SER A 1 63 ? 6.187   8.018   -5.522  1.00 12.27 ? 63   SER A CA   1 
ATOM   598 C C    . SER A 1 63 ? 5.408   7.258   -6.606  1.00 12.05 ? 63   SER A C    1 
ATOM   599 O O    . SER A 1 63 ? 5.099   7.807   -7.677  1.00 9.75  ? 63   SER A O    1 
ATOM   600 C CB   . SER A 1 63 ? 7.652   7.584   -5.482  1.00 12.38 ? 63   SER A CB   1 
ATOM   601 O OG   . SER A 1 63 ? 8.272   7.768   -6.732  1.00 19.60 ? 63   SER A OG   1 
ATOM   602 H H    . SER A 1 63 ? 6.141   7.374   -3.510  1.00 0.00  ? 63   SER A H    1 
ATOM   603 H HG   . SER A 1 63 ? 9.243   7.840   -6.605  1.00 0.00  ? 63   SER A HG   1 
ATOM   604 N N    . HIS A 1 64 ? 5.044   6.012   -6.296  1.00 10.34 ? 64   HIS A N    1 
ATOM   605 C CA   . HIS A 1 64 ? 4.279   5.181   -7.215  1.00 9.78  ? 64   HIS A CA   1 
ATOM   606 C C    . HIS A 1 64 ? 2.892   5.760   -7.523  1.00 9.29  ? 64   HIS A C    1 
ATOM   607 O O    . HIS A 1 64 ? 2.506   5.843   -8.687  1.00 8.13  ? 64   HIS A O    1 
ATOM   608 C CB   . HIS A 1 64 ? 4.117   3.757   -6.676  1.00 9.36  ? 64   HIS A CB   1 
ATOM   609 C CG   . HIS A 1 64 ? 3.113   2.948   -7.435  1.00 11.07 ? 64   HIS A CG   1 
ATOM   610 N ND1  . HIS A 1 64 ? 3.368   2.438   -8.688  1.00 9.97  ? 64   HIS A ND1  1 
ATOM   611 C CD2  . HIS A 1 64 ? 1.817   2.661   -7.168  1.00 10.43 ? 64   HIS A CD2  1 
ATOM   612 C CE1  . HIS A 1 64 ? 2.269   1.886   -9.169  1.00 11.30 ? 64   HIS A CE1  1 
ATOM   613 N NE2  . HIS A 1 64 ? 1.314   2.008   -8.266  1.00 10.90 ? 64   HIS A NE2  1 
ATOM   614 H H    . HIS A 1 64 ? 5.301   5.643   -5.425  1.00 0.00  ? 64   HIS A H    1 
ATOM   615 H HD1  . HIS A 1 64 ? 4.229   2.487   -9.171  1.00 0.00  ? 64   HIS A HD1  1 
ATOM   616 H HE2  . HIS A 1 64 ? 0.391   1.714   -8.372  1.00 0.00  ? 64   HIS A HE2  1 
ATOM   617 N N    . CYS A 1 65 ? 2.103   6.071   -6.495  1.00 9.54  ? 65   CYS A N    1 
ATOM   618 C CA   . CYS A 1 65 ? 0.779   6.623   -6.760  1.00 10.57 ? 65   CYS A CA   1 
ATOM   619 C C    . CYS A 1 65 ? 0.911   7.948   -7.531  1.00 11.13 ? 65   CYS A C    1 
ATOM   620 O O    . CYS A 1 65 ? 0.163   8.191   -8.477  1.00 11.92 ? 65   CYS A O    1 
ATOM   621 C CB   . CYS A 1 65 ? -0.028  6.831   -5.470  1.00 8.87  ? 65   CYS A CB   1 
ATOM   622 S SG   . CYS A 1 65 ? -0.406  5.305   -4.550  1.00 10.92 ? 65   CYS A SG   1 
ATOM   623 H H    . CYS A 1 65 ? 2.395   5.959   -5.563  1.00 0.00  ? 65   CYS A H    1 
ATOM   624 N N    . SER A 1 66 ? 1.880   8.778   -7.150  1.00 10.59 ? 66   SER A N    1 
ATOM   625 C CA   . SER A 1 66 ? 2.105   10.055  -7.818  1.00 12.78 ? 66   SER A CA   1 
ATOM   626 C C    . SER A 1 66 ? 2.492   9.893   -9.286  1.00 13.14 ? 66   SER A C    1 
ATOM   627 O O    . SER A 1 66 ? 2.046   10.672  -10.135 1.00 14.88 ? 66   SER A O    1 
ATOM   628 C CB   . SER A 1 66 ? 3.173   10.867  -7.085  1.00 12.87 ? 66   SER A CB   1 
ATOM   629 O OG   . SER A 1 66 ? 2.731   11.232  -5.789  1.00 16.32 ? 66   SER A OG   1 
ATOM   630 H H    . SER A 1 66 ? 2.454   8.556   -6.386  1.00 0.00  ? 66   SER A H    1 
ATOM   631 H HG   . SER A 1 66 ? 3.270   11.967  -5.481  1.00 0.00  ? 66   SER A HG   1 
ATOM   632 N N    . SER A 1 67 ? 3.309   8.891   -9.604  1.00 14.04 ? 67   SER A N    1 
ATOM   633 C CA   . SER A 1 67 ? 3.711   8.681   -10.991 1.00 13.15 ? 67   SER A CA   1 
ATOM   634 C C    . SER A 1 67 ? 2.480   8.422   -11.881 1.00 13.53 ? 67   SER A C    1 
ATOM   635 O O    . SER A 1 67 ? 2.490   8.705   -13.085 1.00 12.57 ? 67   SER A O    1 
ATOM   636 C CB   . SER A 1 67 ? 4.704   7.517   -11.096 1.00 9.76  ? 67   SER A CB   1 
ATOM   637 O OG   . SER A 1 67 ? 4.048   6.279   -10.897 1.00 11.53 ? 67   SER A OG   1 
ATOM   638 H H    . SER A 1 67 ? 3.652   8.261   -8.933  1.00 0.00  ? 67   SER A H    1 
ATOM   639 H HG   . SER A 1 67 ? 4.351   5.638   -11.553 1.00 0.00  ? 67   SER A HG   1 
ATOM   640 N N    . LEU A 1 68 ? 1.422   7.894   -11.273 1.00 12.91 ? 68   LEU A N    1 
ATOM   641 C CA   . LEU A 1 68 ? 0.189   7.585   -11.979 1.00 13.61 ? 68   LEU A CA   1 
ATOM   642 C C    . LEU A 1 68 ? -0.818  8.732   -11.884 1.00 14.02 ? 68   LEU A C    1 
ATOM   643 O O    . LEU A 1 68 ? -1.948  8.620   -12.340 1.00 17.02 ? 68   LEU A O    1 
ATOM   644 C CB   . LEU A 1 68 ? -0.417  6.297   -11.406 1.00 13.83 ? 68   LEU A CB   1 
ATOM   645 C CG   . LEU A 1 68 ? 0.432   5.028   -11.503 1.00 13.92 ? 68   LEU A CG   1 
ATOM   646 C CD1  . LEU A 1 68 ? -0.344  3.859   -10.947 1.00 13.60 ? 68   LEU A CD1  1 
ATOM   647 C CD2  . LEU A 1 68 ? 0.809   4.759   -12.940 1.00 14.30 ? 68   LEU A CD2  1 
ATOM   648 H H    . LEU A 1 68 ? 1.494   7.672   -10.319 1.00 0.00  ? 68   LEU A H    1 
ATOM   649 N N    . ASN A 1 69 ? -0.390  9.840   -11.300 1.00 15.55 ? 69   ASN A N    1 
ATOM   650 C CA   . ASN A 1 69 ? -1.220  11.020  -11.111 1.00 16.55 ? 69   ASN A CA   1 
ATOM   651 C C    . ASN A 1 69 ? -2.365  10.774  -10.142 1.00 15.07 ? 69   ASN A C    1 
ATOM   652 O O    . ASN A 1 69 ? -3.483  11.250  -10.339 1.00 14.48 ? 69   ASN A O    1 
ATOM   653 C CB   . ASN A 1 69 ? -1.759  11.547  -12.438 1.00 21.07 ? 69   ASN A CB   1 
ATOM   654 C CG   . ASN A 1 69 ? -2.279  12.970  -12.314 1.00 26.42 ? 69   ASN A CG   1 
ATOM   655 O OD1  . ASN A 1 69 ? -1.604  13.844  -11.765 1.00 31.40 ? 69   ASN A OD1  1 
ATOM   656 N ND2  . ASN A 1 69 ? -3.496  13.201  -12.781 1.00 31.64 ? 69   ASN A ND2  1 
ATOM   657 H H    . ASN A 1 69 ? 0.527   9.861   -10.978 1.00 0.00  ? 69   ASN A H    1 
ATOM   658 H HD21 . ASN A 1 69 ? -3.843  14.113  -12.738 1.00 0.00  ? 69   ASN A HD21 1 
ATOM   659 H HD22 . ASN A 1 69 ? -3.988  12.439  -13.153 1.00 0.00  ? 69   ASN A HD22 1 
ATOM   660 N N    . ASN A 1 70 ? -2.060  10.065  -9.065  1.00 14.04 ? 70   ASN A N    1 
ATOM   661 C CA   . ASN A 1 70 ? -3.034  9.740   -8.034  1.00 11.49 ? 70   ASN A CA   1 
ATOM   662 C C    . ASN A 1 70 ? -2.495  10.210  -6.691  1.00 11.75 ? 70   ASN A C    1 
ATOM   663 O O    . ASN A 1 70 ? -1.307  10.510  -6.550  1.00 12.44 ? 70   ASN A O    1 
ATOM   664 C CB   . ASN A 1 70 ? -3.228  8.217   -7.944  1.00 11.81 ? 70   ASN A CB   1 
ATOM   665 C CG   . ASN A 1 70 ? -3.833  7.617   -9.198  1.00 11.97 ? 70   ASN A CG   1 
ATOM   666 O OD1  . ASN A 1 70 ? -4.681  8.228   -9.861  1.00 14.19 ? 70   ASN A OD1  1 
ATOM   667 N ND2  . ASN A 1 70 ? -3.419  6.406   -9.519  1.00 10.05 ? 70   ASN A ND2  1 
ATOM   668 H H    . ASN A 1 70 ? -1.141  9.756   -8.914  1.00 0.00  ? 70   ASN A H    1 
ATOM   669 H HD21 . ASN A 1 70 ? -3.827  6.004   -10.319 1.00 0.00  ? 70   ASN A HD21 1 
ATOM   670 H HD22 . ASN A 1 70 ? -2.745  5.962   -8.966  1.00 0.00  ? 70   ASN A HD22 1 
ATOM   671 N N    . ASN A 1 71 ? -3.376  10.287  -5.704  1.00 11.78 ? 71   ASN A N    1 
ATOM   672 C CA   . ASN A 1 71 ? -2.966  10.658  -4.358  1.00 13.75 ? 71   ASN A CA   1 
ATOM   673 C C    . ASN A 1 71 ? -2.772  9.349   -3.612  1.00 12.25 ? 71   ASN A C    1 
ATOM   674 O O    . ASN A 1 71 ? -3.016  8.284   -4.178  1.00 12.34 ? 71   ASN A O    1 
ATOM   675 C CB   . ASN A 1 71 ? -4.041  11.489  -3.672  1.00 17.13 ? 71   ASN A CB   1 
ATOM   676 C CG   . ASN A 1 71 ? -4.065  12.912  -4.169  1.00 23.68 ? 71   ASN A CG   1 
ATOM   677 O OD1  . ASN A 1 71 ? -5.131  13.482  -4.425  1.00 27.20 ? 71   ASN A OD1  1 
ATOM   678 N ND2  . ASN A 1 71 ? -2.881  13.490  -4.355  1.00 23.76 ? 71   ASN A ND2  1 
ATOM   679 H H    . ASN A 1 71 ? -4.310  10.046  -5.869  1.00 0.00  ? 71   ASN A H    1 
ATOM   680 H HD21 . ASN A 1 71 ? -2.846  14.419  -4.651  1.00 0.00  ? 71   ASN A HD21 1 
ATOM   681 H HD22 . ASN A 1 71 ? -2.066  12.969  -4.161  1.00 0.00  ? 71   ASN A HD22 1 
ATOM   682 N N    . MET A 1 72 ? -2.343  9.422   -2.357  1.00 12.70 ? 72   MET A N    1 
ATOM   683 C CA   . MET A 1 72 ? -2.124  8.231   -1.532  1.00 13.65 ? 72   MET A CA   1 
ATOM   684 C C    . MET A 1 72 ? -2.699  8.445   -0.142  1.00 13.95 ? 72   MET A C    1 
ATOM   685 O O    . MET A 1 72 ? -2.585  9.542   0.412   1.00 14.78 ? 72   MET A O    1 
ATOM   686 C CB   . MET A 1 72 ? -0.623  7.922   -1.395  1.00 13.58 ? 72   MET A CB   1 
ATOM   687 C CG   . MET A 1 72 ? -0.311  6.770   -0.442  1.00 15.43 ? 72   MET A CG   1 
ATOM   688 S SD   . MET A 1 72 ? 1.458   6.598   -0.072  1.00 17.61 ? 72   MET A SD   1 
ATOM   689 C CE   . MET A 1 72 ? 1.713   7.843   1.169   1.00 19.61 ? 72   MET A CE   1 
ATOM   690 H H    . MET A 1 72 ? -2.173  10.303  -1.957  1.00 0.00  ? 72   MET A H    1 
ATOM   691 N N    . SER A 1 73 ? -3.356  7.420   0.393   1.00 12.35 ? 73   SER A N    1 
ATOM   692 C CA   . SER A 1 73 ? -3.905  7.462   1.743   1.00 12.70 ? 73   SER A CA   1 
ATOM   693 C C    . SER A 1 73 ? -3.314  6.296   2.498   1.00 11.99 ? 73   SER A C    1 
ATOM   694 O O    . SER A 1 73 ? -3.139  5.214   1.931   1.00 11.39 ? 73   SER A O    1 
ATOM   695 C CB   . SER A 1 73 ? -5.417  7.299   1.733   1.00 12.07 ? 73   SER A CB   1 
ATOM   696 O OG   . SER A 1 73 ? -6.041  8.460   1.242   1.00 13.38 ? 73   SER A OG   1 
ATOM   697 H H    . SER A 1 73 ? -3.491  6.598   -0.128  1.00 0.00  ? 73   SER A H    1 
ATOM   698 H HG   . SER A 1 73 ? -6.992  8.248   1.232   1.00 0.00  ? 73   SER A HG   1 
ATOM   699 N N    . CYS A 1 74 ? -2.954  6.512   3.754   1.00 11.67 ? 74   CYS A N    1 
ATOM   700 C CA   . CYS A 1 74 ? -2.422  5.429   4.563   1.00 12.65 ? 74   CYS A CA   1 
ATOM   701 C C    . CYS A 1 74 ? -3.076  5.442   5.927   1.00 14.66 ? 74   CYS A C    1 
ATOM   702 O O    . CYS A 1 74 ? -3.537  6.487   6.389   1.00 16.37 ? 74   CYS A O    1 
ATOM   703 C CB   . CYS A 1 74 ? -0.913  5.567   4.775   1.00 12.42 ? 74   CYS A CB   1 
ATOM   704 S SG   . CYS A 1 74 ? 0.165   5.379   3.322   1.00 12.68 ? 74   CYS A SG   1 
ATOM   705 H H    . CYS A 1 74 ? -3.039  7.393   4.170   1.00 0.00  ? 74   CYS A H    1 
ATOM   706 N N    . ARG A 1 75 ? -3.099  4.273   6.563   1.00 17.14 ? 75   ARG A N    1 
ATOM   707 C CA   . ARG A 1 75 ? -3.623  4.095   7.918   1.00 18.57 ? 75   ARG A CA   1 
ATOM   708 C C    . ARG A 1 75 ? -2.462  3.523   8.725   1.00 17.00 ? 75   ARG A C    1 
ATOM   709 O O    . ARG A 1 75 ? -1.780  2.605   8.267   1.00 14.03 ? 75   ARG A O    1 
ATOM   710 C CB   . ARG A 1 75 ? -4.750  3.055   7.976   1.00 23.68 ? 75   ARG A CB   1 
ATOM   711 C CG   . ARG A 1 75 ? -6.038  3.363   7.230   1.00 33.05 ? 75   ARG A CG   1 
ATOM   712 C CD   . ARG A 1 75 ? -7.084  2.279   7.558   1.00 41.70 ? 75   ARG A CD   1 
ATOM   713 N NE   . ARG A 1 75 ? -8.268  2.308   6.689   1.00 50.27 ? 75   ARG A NE   1 
ATOM   714 C CZ   . ARG A 1 75 ? -8.751  1.248   6.032   1.00 52.63 ? 75   ARG A CZ   1 
ATOM   715 N NH1  . ARG A 1 75 ? -8.148  0.066   6.129   1.00 54.07 ? 75   ARG A NH1  1 
ATOM   716 N NH2  . ARG A 1 75 ? -9.834  1.370   5.264   1.00 54.18 ? 75   ARG A NH2  1 
ATOM   717 H H    . ARG A 1 75 ? -2.743  3.483   6.118   1.00 0.00  ? 75   ARG A H    1 
ATOM   718 H HE   . ARG A 1 75 ? -8.737  3.160   6.581   1.00 0.00  ? 75   ARG A HE   1 
ATOM   719 H HH11 . ARG A 1 75 ? -7.327  -0.039  6.687   1.00 0.00  ? 75   ARG A HH11 1 
ATOM   720 H HH12 . ARG A 1 75 ? -8.516  -0.721  5.633   1.00 0.00  ? 75   ARG A HH12 1 
ATOM   721 H HH21 . ARG A 1 75 ? -10.289 2.256   5.176   1.00 0.00  ? 75   ARG A HH21 1 
ATOM   722 H HH22 . ARG A 1 75 ? -10.189 0.573   4.774   1.00 0.00  ? 75   ARG A HH22 1 
ATOM   723 N N    . SER A 1 76 ? -2.193  4.092   9.890   1.00 16.20 ? 76   SER A N    1 
ATOM   724 C CA   . SER A 1 76 ? -1.147  3.557   10.742  1.00 18.00 ? 76   SER A CA   1 
ATOM   725 C C    . SER A 1 76 ? -1.807  2.423   11.522  1.00 19.44 ? 76   SER A C    1 
ATOM   726 O O    . SER A 1 76 ? -2.887  2.604   12.083  1.00 19.05 ? 76   SER A O    1 
ATOM   727 C CB   . SER A 1 76 ? -0.653  4.617   11.708  1.00 17.92 ? 76   SER A CB   1 
ATOM   728 O OG   . SER A 1 76 ? 0.206   4.027   12.661  1.00 22.72 ? 76   SER A OG   1 
ATOM   729 H H    . SER A 1 76 ? -2.723  4.864   10.192  1.00 0.00  ? 76   SER A H    1 
ATOM   730 H HG   . SER A 1 76 ? 0.426   4.678   13.340  1.00 0.00  ? 76   SER A HG   1 
ATOM   731 N N    . LEU A 1 77 ? -1.194  1.246   11.528  1.00 20.00 ? 77   LEU A N    1 
ATOM   732 C CA   . LEU A 1 77 ? -1.766  0.112   12.246  1.00 23.29 ? 77   LEU A CA   1 
ATOM   733 C C    . LEU A 1 77 ? -1.206  0.113   13.665  1.00 28.55 ? 77   LEU A C    1 
ATOM   734 O O    . LEU A 1 77 ? -0.354  -0.693  14.032  1.00 28.66 ? 77   LEU A O    1 
ATOM   735 C CB   . LEU A 1 77 ? -1.462  -1.185  11.512  1.00 20.38 ? 77   LEU A CB   1 
ATOM   736 C CG   . LEU A 1 77 ? -1.906  -1.155  10.046  1.00 18.87 ? 77   LEU A CG   1 
ATOM   737 C CD1  . LEU A 1 77 ? -1.658  -2.522  9.437   1.00 18.88 ? 77   LEU A CD1  1 
ATOM   738 C CD2  . LEU A 1 77 ? -3.373  -0.731  9.901   1.00 18.71 ? 77   LEU A CD2  1 
ATOM   739 H H    . LEU A 1 77 ? -0.340  1.141   11.062  1.00 0.00  ? 77   LEU A H    1 
ATOM   740 N N    . SER A 1 78 ? -1.711  1.056   14.451  1.00 34.97 ? 78   SER A N    1 
ATOM   741 C CA   . SER A 1 78 ? -1.293  1.275   15.831  1.00 38.70 ? 78   SER A CA   1 
ATOM   742 C C    . SER A 1 78 ? -1.957  0.443   16.933  1.00 41.82 ? 78   SER A C    1 
ATOM   743 O O    . SER A 1 78 ? -3.194  0.281   16.977  1.00 41.70 ? 78   SER A O    1 
ATOM   744 C CB   . SER A 1 78 ? -1.451  2.765   16.161  1.00 39.27 ? 78   SER A CB   1 
ATOM   745 O OG   . SER A 1 78 ? -2.721  3.249   15.728  1.00 38.62 ? 78   SER A OG   1 
ATOM   746 H H    . SER A 1 78 ? -2.406  1.652   14.094  1.00 0.00  ? 78   SER A H    1 
ATOM   747 H HG   . SER A 1 78 ? -3.388  2.680   16.143  1.00 0.00  ? 78   SER A HG   1 
ATOM   748 N N    . LYS A 1 79 ? -1.113  -0.066  17.829  1.00 43.48 ? 79   LYS A N    1 
ATOM   749 C CA   . LYS A 1 79 ? -1.566  -0.825  18.981  1.00 45.54 ? 79   LYS A CA   1 
ATOM   750 C C    . LYS A 1 79 ? -1.563  0.186   20.155  1.00 44.71 ? 79   LYS A C    1 
ATOM   751 O O    . LYS A 1 79 ? -2.043  1.313   19.948  1.00 42.95 ? 79   LYS A O    1 
ATOM   752 C CB   . LYS A 1 79 ? -0.639  -2.030  19.241  1.00 47.32 ? 79   LYS A CB   1 
ATOM   753 C CG   . LYS A 1 79 ? -1.143  -2.959  20.350  1.00 53.37 ? 79   LYS A CG   1 
ATOM   754 C CD   . LYS A 1 79 ? -0.254  -4.169  20.600  1.00 57.07 ? 79   LYS A CD   1 
ATOM   755 C CE   . LYS A 1 79 ? -0.595  -4.845  21.946  1.00 59.55 ? 79   LYS A CE   1 
ATOM   756 N NZ   . LYS A 1 79 ? -2.041  -5.213  22.103  1.00 56.93 ? 79   LYS A NZ   1 
ATOM   757 O OXT  . LYS A 1 79 ? -1.064  -0.101  21.260  1.00 47.64 ? 79   LYS A OXT  1 
ATOM   758 H H    . LYS A 1 79 ? -0.156  0.101   17.732  1.00 0.00  ? 79   LYS A H    1 
ATOM   759 H HZ1  . LYS A 1 79 ? -2.315  -5.869  21.344  1.00 0.00  ? 79   LYS A HZ1  1 
ATOM   760 H HZ2  . LYS A 1 79 ? -2.186  -5.673  23.025  1.00 0.00  ? 79   LYS A HZ2  1 
ATOM   761 H HZ3  . LYS A 1 79 ? -2.629  -4.357  22.048  1.00 0.00  ? 79   LYS A HZ3  1 
HETATM 762 S S    . SO4 B 2 .  ? 6.946   -6.140  14.947  0.62 47.51 ? 1234 SO4 A S    1 
HETATM 763 O O1   . SO4 B 2 .  ? 6.746   -7.565  15.235  0.62 47.28 ? 1234 SO4 A O1   1 
HETATM 764 O O2   . SO4 B 2 .  ? 6.771   -5.349  16.170  0.62 48.11 ? 1234 SO4 A O2   1 
HETATM 765 O O3   . SO4 B 2 .  ? 6.008   -5.655  13.856  0.62 47.84 ? 1234 SO4 A O3   1 
HETATM 766 O O4   . SO4 B 2 .  ? 8.313   -5.886  14.325  0.62 47.44 ? 1234 SO4 A O4   1 
HETATM 767 O O    . HOH C 3 .  ? 7.055   -5.183  5.512   1.00 27.12 ? 101  HOH A O    1 
HETATM 768 H H1   . HOH C 3 .  ? 7.988   -5.299  5.311   1.00 0.00  ? 101  HOH A H1   1 
HETATM 769 H H2   . HOH C 3 .  ? 6.630   -5.623  4.770   1.00 0.00  ? 101  HOH A H2   1 
HETATM 770 O O    . HOH C 3 .  ? 9.381   -3.768  10.538  1.00 28.47 ? 102  HOH A O    1 
HETATM 771 H H1   . HOH C 3 .  ? 9.902   -3.157  11.070  1.00 0.00  ? 102  HOH A H1   1 
HETATM 772 H H2   . HOH C 3 .  ? 10.050  -4.360  10.174  1.00 0.00  ? 102  HOH A H2   1 
HETATM 773 O O    . HOH C 3 .  ? 7.159   1.550   10.338  1.00 39.97 ? 103  HOH A O    1 
HETATM 774 H H1   . HOH C 3 .  ? 7.549   1.284   11.172  1.00 0.00  ? 103  HOH A H1   1 
HETATM 775 H H2   . HOH C 3 .  ? 6.971   0.691   9.920   1.00 0.00  ? 103  HOH A H2   1 
HETATM 776 O O    . HOH C 3 .  ? -3.897  -11.239 6.129   1.00 25.55 ? 104  HOH A O    1 
HETATM 777 H H1   . HOH C 3 .  ? -3.893  -10.417 6.663   1.00 0.00  ? 104  HOH A H1   1 
HETATM 778 H H2   . HOH C 3 .  ? -3.037  -11.628 6.320   1.00 0.00  ? 104  HOH A H2   1 
HETATM 779 O O    . HOH C 3 .  ? -4.268  -9.071  7.674   1.00 19.41 ? 105  HOH A O    1 
HETATM 780 H H1   . HOH C 3 .  ? -4.590  -9.329  8.559   1.00 0.00  ? 105  HOH A H1   1 
HETATM 781 H H2   . HOH C 3 .  ? -3.417  -8.657  7.875   1.00 0.00  ? 105  HOH A H2   1 
HETATM 782 O O    . HOH C 3 .  ? -1.004  -6.528  9.492   1.00 14.61 ? 106  HOH A O    1 
HETATM 783 H H1   . HOH C 3 .  ? -1.465  -5.706  9.280   1.00 0.00  ? 106  HOH A H1   1 
HETATM 784 H H2   . HOH C 3 .  ? -1.183  -7.068  8.705   1.00 0.00  ? 106  HOH A H2   1 
HETATM 785 O O    . HOH C 3 .  ? 2.533   2.420   12.288  1.00 23.47 ? 107  HOH A O    1 
HETATM 786 H H1   . HOH C 3 .  ? 2.524   1.959   11.440  1.00 0.00  ? 107  HOH A H1   1 
HETATM 787 H H2   . HOH C 3 .  ? 1.700   2.904   12.248  1.00 0.00  ? 107  HOH A H2   1 
HETATM 788 O O    . HOH C 3 .  ? -7.294  0.719   -3.532  1.00 23.90 ? 108  HOH A O    1 
HETATM 789 H H1   . HOH C 3 .  ? -6.768  -0.086  -3.457  1.00 0.00  ? 108  HOH A H1   1 
HETATM 790 H H2   . HOH C 3 .  ? -8.183  0.359   -3.354  1.00 0.00  ? 108  HOH A H2   1 
HETATM 791 O O    . HOH C 3 .  ? -6.262  10.747  -10.190 1.00 20.35 ? 109  HOH A O    1 
HETATM 792 H H1   . HOH C 3 .  ? -6.276  9.775   -10.204 1.00 0.00  ? 109  HOH A H1   1 
HETATM 793 H H2   . HOH C 3 .  ? -5.341  10.863  -10.469 1.00 0.00  ? 109  HOH A H2   1 
HETATM 794 O O    . HOH C 3 .  ? -7.595  11.954  -3.551  1.00 24.71 ? 110  HOH A O    1 
HETATM 795 H H1   . HOH C 3 .  ? -8.349  11.872  -4.146  1.00 0.00  ? 110  HOH A H1   1 
HETATM 796 H H2   . HOH C 3 .  ? -7.934  12.500  -2.824  1.00 0.00  ? 110  HOH A H2   1 
HETATM 797 O O    . HOH C 3 .  ? -5.772  10.449  -0.601  1.00 30.27 ? 111  HOH A O    1 
HETATM 798 H H1   . HOH C 3 .  ? -5.996  9.914   -1.368  1.00 0.00  ? 111  HOH A H1   1 
HETATM 799 H H2   . HOH C 3 .  ? -5.622  9.774   0.070   1.00 0.00  ? 111  HOH A H2   1 
HETATM 800 O O    . HOH C 3 .  ? -16.534 11.072  -4.178  1.00 33.40 ? 112  HOH A O    1 
HETATM 801 H H1   . HOH C 3 .  ? -16.300 11.973  -4.412  1.00 0.00  ? 112  HOH A H1   1 
HETATM 802 H H2   . HOH C 3 .  ? -15.687 10.618  -4.176  1.00 0.00  ? 112  HOH A H2   1 
HETATM 803 O O    . HOH C 3 .  ? -8.739  7.681   1.534   1.00 25.83 ? 113  HOH A O    1 
HETATM 804 H H1   . HOH C 3 .  ? -9.056  7.601   2.463   1.00 0.00  ? 113  HOH A H1   1 
HETATM 805 H H2   . HOH C 3 .  ? -9.547  7.982   1.106   1.00 0.00  ? 113  HOH A H2   1 
HETATM 806 O O    . HOH C 3 .  ? -13.506 4.142   -2.872  1.00 35.22 ? 114  HOH A O    1 
HETATM 807 H H1   . HOH C 3 .  ? -13.983 4.831   -2.398  1.00 0.00  ? 114  HOH A H1   1 
HETATM 808 H H2   . HOH C 3 .  ? -14.155 3.438   -2.954  1.00 0.00  ? 114  HOH A H2   1 
HETATM 809 O O    . HOH C 3 .  ? -10.915 0.584   -6.808  1.00 32.74 ? 115  HOH A O    1 
HETATM 810 H H1   . HOH C 3 .  ? -10.991 1.485   -6.456  1.00 0.00  ? 115  HOH A H1   1 
HETATM 811 H H2   . HOH C 3 .  ? -11.349 0.675   -7.662  1.00 0.00  ? 115  HOH A H2   1 
HETATM 812 O O    . HOH C 3 .  ? 3.503   12.321  -12.026 1.00 34.55 ? 116  HOH A O    1 
HETATM 813 H H1   . HOH C 3 .  ? 2.963   11.657  -11.580 1.00 0.00  ? 116  HOH A H1   1 
HETATM 814 H H2   . HOH C 3 .  ? 3.105   12.288  -12.918 1.00 0.00  ? 116  HOH A H2   1 
HETATM 815 O O    . HOH C 3 .  ? -1.297  -1.253  23.863  1.00 45.85 ? 117  HOH A O    1 
HETATM 816 H H1   . HOH C 3 .  ? -1.845  -0.469  24.032  1.00 0.00  ? 117  HOH A H1   1 
HETATM 817 H H2   . HOH C 3 .  ? -1.328  -1.244  22.890  1.00 0.00  ? 117  HOH A H2   1 
HETATM 818 O O    . HOH C 3 .  ? 3.560   -2.385  -12.658 1.00 53.77 ? 118  HOH A O    1 
HETATM 819 H H1   . HOH C 3 .  ? 2.643   -2.372  -12.962 1.00 0.00  ? 118  HOH A H1   1 
HETATM 820 H H2   . HOH C 3 .  ? 3.544   -1.812  -11.880 1.00 0.00  ? 118  HOH A H2   1 
HETATM 821 O O    . HOH C 3 .  ? 5.451   1.252   -5.061  1.00 34.52 ? 119  HOH A O    1 
HETATM 822 H H1   . HOH C 3 .  ? 6.227   1.330   -4.499  1.00 0.00  ? 119  HOH A H1   1 
HETATM 823 H H2   . HOH C 3 .  ? 4.962   0.517   -4.654  1.00 0.00  ? 119  HOH A H2   1 
HETATM 824 O O    . HOH C 3 .  ? 4.029   -10.414 -0.513  1.00 36.95 ? 120  HOH A O    1 
HETATM 825 H H1   . HOH C 3 .  ? 4.226   -9.607  -0.019  1.00 0.00  ? 120  HOH A H1   1 
HETATM 826 H H2   . HOH C 3 .  ? 3.987   -11.072 0.201   1.00 0.00  ? 120  HOH A H2   1 
HETATM 827 O O    . HOH C 3 .  ? 1.563   -9.708  -1.810  1.00 22.38 ? 121  HOH A O    1 
HETATM 828 H H1   . HOH C 3 .  ? 2.412   -10.087 -1.499  1.00 0.00  ? 121  HOH A H1   1 
HETATM 829 H H2   . HOH C 3 .  ? 0.952   -10.464 -1.733  1.00 0.00  ? 121  HOH A H2   1 
HETATM 830 O O    . HOH C 3 .  ? -0.869  -11.167 -1.858  1.00 58.16 ? 122  HOH A O    1 
HETATM 831 H H1   . HOH C 3 .  ? -1.360  -10.406 -1.515  1.00 0.00  ? 122  HOH A H1   1 
HETATM 832 H H2   . HOH C 3 .  ? -1.129  -11.168 -2.784  1.00 0.00  ? 122  HOH A H2   1 
HETATM 833 O O    . HOH C 3 .  ? 7.000   -8.316  -1.473  1.00 33.74 ? 123  HOH A O    1 
HETATM 834 H H1   . HOH C 3 .  ? 6.772   -7.780  -2.247  1.00 0.00  ? 123  HOH A H1   1 
HETATM 835 H H2   . HOH C 3 .  ? 6.130   -8.458  -1.065  1.00 0.00  ? 123  HOH A H2   1 
HETATM 836 O O    . HOH C 3 .  ? 10.971  -3.056  -4.394  1.00 31.90 ? 124  HOH A O    1 
HETATM 837 H H1   . HOH C 3 .  ? 10.793  -2.975  -5.337  1.00 0.00  ? 124  HOH A H1   1 
HETATM 838 H H2   . HOH C 3 .  ? 11.522  -3.848  -4.335  1.00 0.00  ? 124  HOH A H2   1 
HETATM 839 O O    . HOH C 3 .  ? 11.661  -2.783  0.005   1.00 54.31 ? 125  HOH A O    1 
HETATM 840 H H1   . HOH C 3 .  ? 10.759  -2.997  0.272   1.00 0.00  ? 125  HOH A H1   1 
HETATM 841 H H2   . HOH C 3 .  ? 11.523  -2.122  -0.677  1.00 0.00  ? 125  HOH A H2   1 
HETATM 842 O O    . HOH C 3 .  ? -4.232  -11.048 -1.594  1.00 21.99 ? 126  HOH A O    1 
HETATM 843 H H1   . HOH C 3 .  ? -4.693  -11.798 -1.164  1.00 0.00  ? 126  HOH A H1   1 
HETATM 844 H H2   . HOH C 3 .  ? -3.311  -11.301 -1.480  1.00 0.00  ? 126  HOH A H2   1 
HETATM 845 O O    . HOH C 3 .  ? -14.129 -8.420  2.654   1.00 27.79 ? 127  HOH A O    1 
HETATM 846 H H1   . HOH C 3 .  ? -13.225 -8.655  2.923   1.00 0.00  ? 127  HOH A H1   1 
HETATM 847 H H2   . HOH C 3 .  ? -14.361 -7.824  3.370   1.00 0.00  ? 127  HOH A H2   1 
HETATM 848 O O    . HOH C 3 .  ? -5.416  -12.901 -0.154  1.00 64.70 ? 128  HOH A O    1 
HETATM 849 H H1   . HOH C 3 .  ? -5.666  -12.259 0.550   1.00 0.00  ? 128  HOH A H1   1 
HETATM 850 H H2   . HOH C 3 .  ? -6.248  -13.413 -0.220  1.00 0.00  ? 128  HOH A H2   1 
HETATM 851 O O    . HOH C 3 .  ? -11.399 -1.482  0.099   1.00 38.59 ? 129  HOH A O    1 
HETATM 852 H H1   . HOH C 3 .  ? -12.310 -1.709  0.299   1.00 0.00  ? 129  HOH A H1   1 
HETATM 853 H H2   . HOH C 3 .  ? -11.074 -2.266  -0.352  1.00 0.00  ? 129  HOH A H2   1 
HETATM 854 O O    . HOH C 3 .  ? -9.640  -0.647  -2.758  1.00 38.11 ? 130  HOH A O    1 
HETATM 855 H H1   . HOH C 3 .  ? -9.368  -1.521  -2.444  1.00 0.00  ? 130  HOH A H1   1 
HETATM 856 H H2   . HOH C 3 .  ? -10.395 -0.475  -2.180  1.00 0.00  ? 130  HOH A H2   1 
HETATM 857 O O    . HOH C 3 .  ? 11.122  1.404   9.281   1.00 58.61 ? 131  HOH A O    1 
HETATM 858 H H1   . HOH C 3 .  ? 11.643  0.778   9.788   1.00 0.00  ? 131  HOH A H1   1 
HETATM 859 H H2   . HOH C 3 .  ? 11.770  2.062   9.011   1.00 0.00  ? 131  HOH A H2   1 
HETATM 860 O O    . HOH C 3 .  ? 8.871   5.950   3.621   1.00 34.93 ? 132  HOH A O    1 
HETATM 861 H H1   . HOH C 3 .  ? 9.308   5.196   4.056   1.00 0.00  ? 132  HOH A H1   1 
HETATM 862 H H2   . HOH C 3 .  ? 8.964   6.640   4.292   1.00 0.00  ? 132  HOH A H2   1 
HETATM 863 O O    . HOH C 3 .  ? 3.542   10.111  10.091  1.00 56.48 ? 133  HOH A O    1 
HETATM 864 H H1   . HOH C 3 .  ? 3.736   9.185   9.935   1.00 0.00  ? 133  HOH A H1   1 
HETATM 865 H H2   . HOH C 3 .  ? 4.196   10.372  10.742  1.00 0.00  ? 133  HOH A H2   1 
HETATM 866 O O    . HOH C 3 .  ? 8.313   3.623   -6.157  1.00 33.82 ? 134  HOH A O    1 
HETATM 867 H H1   . HOH C 3 .  ? 9.159   4.077   -5.943  1.00 0.00  ? 134  HOH A H1   1 
HETATM 868 H H2   . HOH C 3 .  ? 7.740   3.963   -5.467  1.00 0.00  ? 134  HOH A H2   1 
HETATM 869 O O    . HOH C 3 .  ? 8.450   7.169   -9.325  1.00 25.97 ? 135  HOH A O    1 
HETATM 870 H H1   . HOH C 3 .  ? 8.004   7.824   -9.867  1.00 0.00  ? 135  HOH A H1   1 
HETATM 871 H H2   . HOH C 3 .  ? 8.649   7.693   -8.533  1.00 0.00  ? 135  HOH A H2   1 
HETATM 872 O O    . HOH C 3 .  ? 5.809   2.813   -10.273 1.00 28.80 ? 136  HOH A O    1 
HETATM 873 H H1   . HOH C 3 .  ? 6.390   3.502   -9.857  1.00 0.00  ? 136  HOH A H1   1 
HETATM 874 H H2   . HOH C 3 .  ? 6.339   2.023   -10.083 1.00 0.00  ? 136  HOH A H2   1 
HETATM 875 O O    . HOH C 3 .  ? 4.382   3.863   -12.510 1.00 23.05 ? 137  HOH A O    1 
HETATM 876 H H1   . HOH C 3 .  ? 3.571   3.327   -12.578 1.00 0.00  ? 137  HOH A H1   1 
HETATM 877 H H2   . HOH C 3 .  ? 4.765   3.507   -11.683 1.00 0.00  ? 137  HOH A H2   1 
HETATM 878 O O    . HOH C 3 .  ? 5.477   3.939   -15.033 1.00 27.03 ? 138  HOH A O    1 
HETATM 879 H H1   . HOH C 3 .  ? 5.016   4.238   -14.219 1.00 0.00  ? 138  HOH A H1   1 
HETATM 880 H H2   . HOH C 3 .  ? 5.845   3.110   -14.707 1.00 0.00  ? 138  HOH A H2   1 
HETATM 881 O O    . HOH C 3 .  ? 1.959   11.109  -14.285 1.00 32.80 ? 139  HOH A O    1 
HETATM 882 H H1   . HOH C 3 .  ? 2.100   10.156  -14.189 1.00 0.00  ? 139  HOH A H1   1 
HETATM 883 H H2   . HOH C 3 .  ? 1.087   11.124  -14.709 1.00 0.00  ? 139  HOH A H2   1 
HETATM 884 O O    . HOH C 3 .  ? 5.332   13.768  -10.527 1.00 20.61 ? 140  HOH A O    1 
HETATM 885 H H1   . HOH C 3 .  ? 4.735   13.290  -11.145 1.00 0.00  ? 140  HOH A H1   1 
HETATM 886 H H2   . HOH C 3 .  ? 4.670   14.292  -10.057 1.00 0.00  ? 140  HOH A H2   1 
HETATM 887 O O    . HOH C 3 .  ? -3.363  7.566   -14.224 1.00 35.60 ? 142  HOH A O    1 
HETATM 888 H H1   . HOH C 3 .  ? -3.625  8.234   -13.581 1.00 0.00  ? 142  HOH A H1   1 
HETATM 889 H H2   . HOH C 3 .  ? -2.416  7.759   -14.233 1.00 0.00  ? 142  HOH A H2   1 
HETATM 890 O O    . HOH C 3 .  ? -1.362  12.198  -1.780  1.00 37.39 ? 143  HOH A O    1 
HETATM 891 H H1   . HOH C 3 .  ? -0.808  12.006  -0.994  1.00 0.00  ? 143  HOH A H1   1 
HETATM 892 H H2   . HOH C 3 .  ? -2.057  12.708  -1.341  1.00 0.00  ? 143  HOH A H2   1 
HETATM 893 O O    . HOH C 3 .  ? -0.426  11.625  0.724   1.00 56.16 ? 144  HOH A O    1 
HETATM 894 H H1   . HOH C 3 .  ? 0.340   11.372  1.253   1.00 0.00  ? 144  HOH A H1   1 
HETATM 895 H H2   . HOH C 3 .  ? -1.076  10.943  0.964   1.00 0.00  ? 144  HOH A H2   1 
HETATM 896 O O    . HOH C 3 .  ? -1.470  8.121   7.683   1.00 52.06 ? 145  HOH A O    1 
HETATM 897 H H1   . HOH C 3 .  ? -2.262  7.631   7.414   1.00 0.00  ? 145  HOH A H1   1 
HETATM 898 H H2   . HOH C 3 .  ? -1.836  8.914   8.085   1.00 0.00  ? 145  HOH A H2   1 
HETATM 899 O O    . HOH C 3 .  ? -3.952  6.480   10.708  1.00 40.45 ? 146  HOH A O    1 
HETATM 900 H H1   . HOH C 3 .  ? -4.621  5.792   10.881  1.00 0.00  ? 146  HOH A H1   1 
HETATM 901 H H2   . HOH C 3 .  ? -4.039  7.022   11.496  1.00 0.00  ? 146  HOH A H2   1 
HETATM 902 O O    . HOH C 3 .  ? 7.866   -13.998 4.486   1.00 31.79 ? 147  HOH A O    1 
HETATM 903 H H1   . HOH C 3 .  ? 7.504   -13.369 5.115   1.00 0.00  ? 147  HOH A H1   1 
HETATM 904 H H2   . HOH C 3 .  ? 7.186   -14.668 4.441   1.00 0.00  ? 147  HOH A H2   1 
HETATM 905 O O    . HOH C 3 .  ? 11.247  -7.065  10.565  1.00 29.09 ? 148  HOH A O    1 
HETATM 906 H H1   . HOH C 3 .  ? 11.513  -7.926  10.177  1.00 0.00  ? 148  HOH A H1   1 
HETATM 907 H H2   . HOH C 3 .  ? 12.066  -6.759  10.970  1.00 0.00  ? 148  HOH A H2   1 
HETATM 908 O O    . HOH C 3 .  ? 11.710  -9.494  9.495   1.00 42.31 ? 149  HOH A O    1 
HETATM 909 H H1   . HOH C 3 .  ? 11.626  -10.400 9.812   1.00 0.00  ? 149  HOH A H1   1 
HETATM 910 H H2   . HOH C 3 .  ? 12.485  -9.570  8.919   1.00 0.00  ? 149  HOH A H2   1 
HETATM 911 O O    . HOH C 3 .  ? 9.354   -9.418  -0.524  1.00 61.92 ? 150  HOH A O    1 
HETATM 912 H H1   . HOH C 3 .  ? 9.284   -10.365 -0.656  1.00 0.00  ? 150  HOH A H1   1 
HETATM 913 H H2   . HOH C 3 .  ? 8.518   -9.101  -0.932  1.00 0.00  ? 150  HOH A H2   1 
HETATM 914 O O    . HOH C 3 .  ? -14.213 9.396   -1.574  1.00 37.94 ? 154  HOH A O    1 
HETATM 915 H H1   . HOH C 3 .  ? -14.063 9.742   -2.466  1.00 0.00  ? 154  HOH A H1   1 
HETATM 916 H H2   . HOH C 3 .  ? -15.057 8.949   -1.685  1.00 0.00  ? 154  HOH A H2   1 
HETATM 917 O O    . HOH C 3 .  ? -13.280 8.579   -9.664  1.00 55.48 ? 155  HOH A O    1 
HETATM 918 H H1   . HOH C 3 .  ? -13.486 9.319   -10.251 1.00 0.00  ? 155  HOH A H1   1 
HETATM 919 H H2   . HOH C 3 .  ? -12.666 8.070   -10.199 1.00 0.00  ? 155  HOH A H2   1 
HETATM 920 O O    . HOH C 3 .  ? -8.815  -8.435  4.085   1.00 33.21 ? 156  HOH A O    1 
HETATM 921 H H1   . HOH C 3 .  ? -8.700  -9.214  4.673   1.00 0.00  ? 156  HOH A H1   1 
HETATM 922 H H2   . HOH C 3 .  ? -7.973  -7.987  4.200   1.00 0.00  ? 156  HOH A H2   1 
HETATM 923 O O    . HOH C 3 .  ? -6.029  -11.384 4.424   1.00 49.14 ? 157  HOH A O    1 
HETATM 924 H H1   . HOH C 3 .  ? -5.480  -11.179 5.217   1.00 0.00  ? 157  HOH A H1   1 
HETATM 925 H H2   . HOH C 3 .  ? -5.353  -11.932 3.998   1.00 0.00  ? 157  HOH A H2   1 
HETATM 926 O O    . HOH C 3 .  ? 7.666   5.867   11.001  1.00 66.94 ? 159  HOH A O    1 
HETATM 927 H H1   . HOH C 3 .  ? 7.471   5.100   10.455  1.00 0.00  ? 159  HOH A H1   1 
HETATM 928 H H2   . HOH C 3 .  ? 8.477   5.620   11.446  1.00 0.00  ? 159  HOH A H2   1 
HETATM 929 O O    . HOH C 3 .  ? 0.684   8.778   5.763   1.00 36.76 ? 160  HOH A O    1 
HETATM 930 H H1   . HOH C 3 .  ? 0.009   8.521   6.416   1.00 0.00  ? 160  HOH A H1   1 
HETATM 931 H H2   . HOH C 3 .  ? 1.489   8.763   6.278   1.00 0.00  ? 160  HOH A H2   1 
HETATM 932 O O    . HOH C 3 .  ? 8.832   9.568   -2.983  1.00 36.81 ? 161  HOH A O    1 
HETATM 933 H H1   . HOH C 3 .  ? 8.007   9.100   -2.876  1.00 0.00  ? 161  HOH A H1   1 
HETATM 934 H H2   . HOH C 3 .  ? 9.067   9.463   -3.913  1.00 0.00  ? 161  HOH A H2   1 
HETATM 935 O O    . HOH C 3 .  ? 5.085   9.619   1.616   1.00 47.69 ? 162  HOH A O    1 
HETATM 936 H H1   . HOH C 3 .  ? 6.015   9.799   1.814   1.00 0.00  ? 162  HOH A H1   1 
HETATM 937 H H2   . HOH C 3 .  ? 5.119   8.751   1.209   1.00 0.00  ? 162  HOH A H2   1 
HETATM 938 O O    . HOH C 3 .  ? 7.638   4.369   -8.959  1.00 24.95 ? 163  HOH A O    1 
HETATM 939 H H1   . HOH C 3 .  ? 7.934   4.120   -8.061  1.00 0.00  ? 163  HOH A H1   1 
HETATM 940 H H2   . HOH C 3 .  ? 7.857   5.323   -8.973  1.00 0.00  ? 163  HOH A H2   1 
HETATM 941 O O    . HOH C 3 .  ? -0.364  13.184  -6.971  1.00 40.46 ? 164  HOH A O    1 
HETATM 942 H H1   . HOH C 3 .  ? 0.515   13.496  -7.242  1.00 0.00  ? 164  HOH A H1   1 
HETATM 943 H H2   . HOH C 3 .  ? -0.164  12.295  -6.637  1.00 0.00  ? 164  HOH A H2   1 
HETATM 944 O O    . HOH C 3 .  ? 6.460   -0.101  -7.581  1.00 47.89 ? 168  HOH A O    1 
HETATM 945 H H1   . HOH C 3 .  ? 6.268   0.449   -6.805  1.00 0.00  ? 168  HOH A H1   1 
HETATM 946 H H2   . HOH C 3 .  ? 7.149   -0.687  -7.245  1.00 0.00  ? 168  HOH A H2   1 
HETATM 947 O O    . HOH C 3 .  ? -8.626  -10.379 5.819   1.00 53.92 ? 169  HOH A O    1 
HETATM 948 H H1   . HOH C 3 .  ? -9.104  -10.758 6.590   1.00 0.00  ? 169  HOH A H1   1 
HETATM 949 H H2   . HOH C 3 .  ? -8.307  -11.191 5.381   1.00 0.00  ? 169  HOH A H2   1 
HETATM 950 O O    . HOH C 3 .  ? -5.934  -11.224 1.832   1.00 35.16 ? 170  HOH A O    1 
HETATM 951 H H1   . HOH C 3 .  ? -4.977  -11.056 1.882   1.00 0.00  ? 170  HOH A H1   1 
HETATM 952 H H2   . HOH C 3 .  ? -6.205  -11.028 2.751   1.00 0.00  ? 170  HOH A H2   1 
HETATM 953 O O    . HOH C 3 .  ? 2.874   15.037  -6.208  1.00 41.32 ? 171  HOH A O    1 
HETATM 954 H H1   . HOH C 3 .  ? 3.018   14.822  -5.276  1.00 0.00  ? 171  HOH A H1   1 
HETATM 955 H H2   . HOH C 3 .  ? 3.120   15.960  -6.269  1.00 0.00  ? 171  HOH A H2   1 
HETATM 956 O O    . HOH C 3 .  ? -13.478 -8.026  -0.614  1.00 36.07 ? 177  HOH A O    1 
HETATM 957 H H1   . HOH C 3 .  ? -12.960 -7.230  -0.437  1.00 0.00  ? 177  HOH A H1   1 
HETATM 958 H H2   . HOH C 3 .  ? -13.710 -8.308  0.281   1.00 0.00  ? 177  HOH A H2   1 
HETATM 959 O O    . HOH C 3 .  ? -12.916 -7.015  -3.037  1.00 54.38 ? 178  HOH A O    1 
HETATM 960 H H1   . HOH C 3 .  ? -12.019 -6.895  -2.714  1.00 0.00  ? 178  HOH A H1   1 
HETATM 961 H H2   . HOH C 3 .  ? -13.294 -7.558  -2.319  1.00 0.00  ? 178  HOH A H2   1 
HETATM 962 O O    . HOH C 3 .  ? -8.238  15.102  -4.441  1.00 41.65 ? 179  HOH A O    1 
HETATM 963 H H1   . HOH C 3 .  ? -7.707  14.438  -3.972  1.00 0.00  ? 179  HOH A H1   1 
HETATM 964 H H2   . HOH C 3 .  ? -8.903  15.314  -3.768  1.00 0.00  ? 179  HOH A H2   1 
HETATM 965 O O    . HOH C 3 .  ? 1.445   13.882  -9.692  1.00 51.44 ? 180  HOH A O    1 
HETATM 966 H H1   . HOH C 3 .  ? 1.597   13.037  -10.120 1.00 0.00  ? 180  HOH A H1   1 
HETATM 967 H H2   . HOH C 3 .  ? 0.925   14.367  -10.335 1.00 0.00  ? 180  HOH A H2   1 
HETATM 968 O O    . HOH C 3 .  ? 1.534   1.504   15.045  1.00 42.07 ? 181  HOH A O    1 
HETATM 969 H H1   . HOH C 3 .  ? 1.201   0.675   14.681  1.00 0.00  ? 181  HOH A H1   1 
HETATM 970 H H2   . HOH C 3 .  ? 2.057   1.847   14.302  1.00 0.00  ? 181  HOH A H2   1 
HETATM 971 O O    . HOH C 3 .  ? 13.246  0.774   1.895   1.00 54.32 ? 182  HOH A O    1 
HETATM 972 H H1   . HOH C 3 .  ? 12.760  -0.015  1.645   1.00 0.00  ? 182  HOH A H1   1 
HETATM 973 H H2   . HOH C 3 .  ? 12.848  1.429   1.307   1.00 0.00  ? 182  HOH A H2   1 
HETATM 974 O O    . HOH C 3 .  ? 3.364   -5.592  14.424  1.00 43.72 ? 183  HOH A O    1 
HETATM 975 H H1   . HOH C 3 .  ? 3.429   -4.927  15.115  1.00 0.00  ? 183  HOH A H1   1 
HETATM 976 H H2   . HOH C 3 .  ? 2.932   -5.099  13.713  1.00 0.00  ? 183  HOH A H2   1 
HETATM 977 O O    . HOH C 3 .  ? 1.270   0.649   22.718  1.00 48.85 ? 184  HOH A O    1 
HETATM 978 H H1   . HOH C 3 .  ? 0.702   0.877   21.961  1.00 0.00  ? 184  HOH A H1   1 
HETATM 979 H H2   . HOH C 3 .  ? 0.851   -0.201  22.925  1.00 0.00  ? 184  HOH A H2   1 
HETATM 980 O O    . HOH C 3 .  ? -13.967 3.208   -8.006  1.00 58.93 ? 190  HOH A O    1 
HETATM 981 H H1   . HOH C 3 .  ? -14.480 2.533   -7.555  1.00 0.00  ? 190  HOH A H1   1 
HETATM 982 H H2   . HOH C 3 .  ? -13.362 3.517   -7.327  1.00 0.00  ? 190  HOH A H2   1 
HETATM 983 O O    . HOH C 3 .  ? -11.529 -8.579  4.531   1.00 54.03 ? 191  HOH A O    1 
HETATM 984 H H1   . HOH C 3 .  ? -10.604 -8.487  4.223   1.00 0.00  ? 191  HOH A H1   1 
HETATM 985 H H2   . HOH C 3 .  ? -11.413 -8.990  5.390   1.00 0.00  ? 191  HOH A H2   1 
HETATM 986 O O    . HOH C 3 .  ? -11.475 11.173  -10.271 1.00 38.20 ? 193  HOH A O    1 
HETATM 987 H H1   . HOH C 3 .  ? -11.006 11.954  -9.954  1.00 0.00  ? 193  HOH A H1   1 
HETATM 988 H H2   . HOH C 3 .  ? -10.752 10.610  -10.548 1.00 0.00  ? 193  HOH A H2   1 
HETATM 989 O O    . HOH C 3 .  ? -5.669  4.034   11.985  1.00 51.48 ? 195  HOH A O    1 
HETATM 990 H H1   . HOH C 3 .  ? -5.004  3.534   12.479  1.00 0.00  ? 195  HOH A H1   1 
HETATM 991 H H2   . HOH C 3 .  ? -6.151  3.312   11.548  1.00 0.00  ? 195  HOH A H2   1 
HETATM 992 O O    . HOH C 3 .  ? -12.642 -0.029  -4.824  1.00 54.02 ? 196  HOH A O    1 
HETATM 993 H H1   . HOH C 3 .  ? -12.074 -0.004  -5.615  1.00 0.00  ? 196  HOH A H1   1 
HETATM 994 H H2   . HOH C 3 .  ? -11.987 -0.161  -4.136  1.00 0.00  ? 196  HOH A H2   1 
HETATM 995 O O    . HOH C 3 .  ? 14.515  -0.924  5.215   1.00 48.75 ? 197  HOH A O    1 
HETATM 996 H H1   . HOH C 3 .  ? 14.120  -0.725  4.358   1.00 0.00  ? 197  HOH A H1   1 
HETATM 997 H H2   . HOH C 3 .  ? 15.250  -0.313  5.258   1.00 0.00  ? 197  HOH A H2   1 
# 
